data_2L42
#
_entry.id   2L42
#
_entity_poly.entity_id   1
_entity_poly.type   'polypeptide(L)'
_entity_poly.pdbx_seq_one_letter_code
;MEKKEQVSGPPLSNMKFYLNRDADAHDSLNDIDQLARLIRANGGEVLDSKPRESKENVFIVSPYNHTNLPTVTPTYIKAC
CQSNSLLNMENYLVPYDNLEHHHHHH
;
_entity_poly.pdbx_strand_id   A
#
# COMPACT_ATOMS: atom_id res chain seq x y z
N GLU A 2 2.70 -4.66 -24.31
CA GLU A 2 1.79 -4.73 -23.13
C GLU A 2 0.37 -4.27 -23.49
N LYS A 3 -0.51 -5.23 -23.76
CA LYS A 3 -1.90 -4.92 -24.11
C LYS A 3 -2.87 -5.39 -23.03
N LYS A 4 -2.71 -6.65 -22.60
CA LYS A 4 -3.57 -7.23 -21.56
C LYS A 4 -3.32 -6.55 -20.20
N GLU A 5 -4.40 -6.08 -19.57
CA GLU A 5 -4.29 -5.40 -18.27
C GLU A 5 -4.34 -6.41 -17.11
N GLN A 6 -3.18 -6.64 -16.50
CA GLN A 6 -3.06 -7.56 -15.37
C GLN A 6 -3.33 -9.01 -15.79
N VAL A 7 -2.28 -9.83 -15.79
CA VAL A 7 -2.39 -11.23 -16.18
C VAL A 7 -1.68 -12.15 -15.17
N SER A 8 -0.40 -11.85 -14.89
CA SER A 8 0.38 -12.65 -13.95
C SER A 8 -0.14 -12.50 -12.52
N GLY A 9 -0.66 -13.61 -11.97
CA GLY A 9 -1.19 -13.59 -10.62
C GLY A 9 -2.55 -12.90 -10.53
N PRO A 10 -3.32 -13.16 -9.45
CA PRO A 10 -4.64 -12.56 -9.25
C PRO A 10 -4.60 -11.03 -9.35
N PRO A 11 -5.48 -10.44 -10.19
CA PRO A 11 -5.55 -8.99 -10.37
C PRO A 11 -6.10 -8.27 -9.13
N LEU A 12 -6.87 -8.99 -8.31
CA LEU A 12 -7.47 -8.44 -7.11
C LEU A 12 -7.14 -9.33 -5.90
N SER A 13 -7.28 -8.76 -4.70
CA SER A 13 -7.01 -9.49 -3.46
C SER A 13 -5.55 -9.95 -3.38
N ASN A 14 -4.74 -9.23 -2.60
CA ASN A 14 -3.34 -9.57 -2.43
C ASN A 14 -2.88 -9.32 -0.98
N MET A 15 -2.52 -8.07 -0.68
CA MET A 15 -2.07 -7.70 0.66
C MET A 15 -1.74 -6.21 0.73
N LYS A 16 -2.34 -5.51 1.70
CA LYS A 16 -2.11 -4.07 1.87
C LYS A 16 -2.15 -3.70 3.35
N PHE A 17 -1.49 -2.60 3.70
CA PHE A 17 -1.44 -2.14 5.07
C PHE A 17 -1.14 -0.64 5.12
N TYR A 18 -1.99 0.11 5.83
CA TYR A 18 -1.81 1.56 5.93
C TYR A 18 -1.59 2.01 7.37
N LEU A 19 -0.36 2.37 7.70
CA LEU A 19 -0.01 2.82 9.04
C LEU A 19 1.11 3.84 8.99
N ASN A 20 0.74 5.12 9.00
CA ASN A 20 1.72 6.22 8.95
C ASN A 20 2.68 6.13 10.13
N ARG A 21 3.92 6.58 9.93
CA ARG A 21 4.93 6.56 10.99
C ARG A 21 4.56 7.54 12.11
N ASP A 22 5.04 8.78 12.00
CA ASP A 22 4.77 9.82 13.01
C ASP A 22 5.54 11.10 12.71
N ALA A 23 5.54 11.52 11.44
CA ALA A 23 6.26 12.73 11.03
C ALA A 23 5.36 13.96 11.04
N ASP A 24 4.11 13.80 11.48
CA ASP A 24 3.15 14.89 11.54
C ASP A 24 2.78 15.42 10.14
N ALA A 25 3.18 14.67 9.09
CA ALA A 25 2.90 15.05 7.71
C ALA A 25 3.69 14.19 6.72
N HIS A 26 3.20 14.08 5.49
CA HIS A 26 3.87 13.28 4.46
C HIS A 26 3.18 13.45 3.11
N ASP A 27 2.01 12.83 2.96
CA ASP A 27 1.24 12.90 1.71
C ASP A 27 -0.26 12.95 2.00
N SER A 28 -0.77 11.89 2.63
CA SER A 28 -2.19 11.81 2.96
C SER A 28 -2.40 10.90 4.17
N LEU A 29 -3.55 11.06 4.84
CA LEU A 29 -3.88 10.26 6.01
C LEU A 29 -5.33 9.79 5.95
N ASN A 30 -6.26 10.73 5.95
CA ASN A 30 -7.69 10.42 5.89
C ASN A 30 -8.16 10.33 4.43
N ASP A 31 -7.54 11.13 3.56
CA ASP A 31 -7.89 11.16 2.14
C ASP A 31 -7.59 9.83 1.46
N ILE A 32 -6.49 9.18 1.88
CA ILE A 32 -6.10 7.89 1.30
C ILE A 32 -7.20 6.85 1.50
N ASP A 33 -7.98 7.00 2.56
CA ASP A 33 -9.08 6.09 2.83
C ASP A 33 -10.02 6.01 1.63
N GLN A 34 -10.14 7.12 0.90
CA GLN A 34 -11.00 7.19 -0.28
C GLN A 34 -10.31 6.59 -1.50
N LEU A 35 -9.05 6.96 -1.74
CA LEU A 35 -8.31 6.43 -2.89
C LEU A 35 -8.03 4.93 -2.70
N ALA A 36 -7.99 4.49 -1.44
CA ALA A 36 -7.75 3.09 -1.12
C ALA A 36 -9.05 2.31 -1.04
N ARG A 37 -10.19 3.02 -0.94
CA ARG A 37 -11.50 2.37 -0.88
C ARG A 37 -11.71 1.50 -2.12
N LEU A 38 -11.14 1.93 -3.24
CA LEU A 38 -11.25 1.19 -4.50
C LEU A 38 -10.49 -0.14 -4.40
N ILE A 39 -9.22 -0.08 -3.99
CA ILE A 39 -8.40 -1.27 -3.84
C ILE A 39 -8.77 -2.04 -2.57
N ARG A 40 -9.48 -1.39 -1.65
CA ARG A 40 -9.90 -2.04 -0.40
C ARG A 40 -11.08 -2.97 -0.67
N ALA A 41 -11.88 -2.63 -1.69
CA ALA A 41 -13.05 -3.43 -2.05
C ALA A 41 -12.74 -4.44 -3.16
N ASN A 42 -11.49 -4.43 -3.67
CA ASN A 42 -11.10 -5.35 -4.73
C ASN A 42 -11.08 -6.81 -4.26
N GLY A 43 -10.83 -6.99 -2.97
CA GLY A 43 -10.77 -8.33 -2.39
C GLY A 43 -9.62 -8.49 -1.42
N GLY A 44 -8.67 -7.54 -1.43
CA GLY A 44 -7.54 -7.60 -0.53
C GLY A 44 -7.88 -7.09 0.85
N GLU A 45 -6.93 -6.40 1.48
CA GLU A 45 -7.15 -5.86 2.82
C GLU A 45 -6.27 -4.66 3.08
N VAL A 46 -6.89 -3.54 3.42
CA VAL A 46 -6.16 -2.31 3.74
C VAL A 46 -6.80 -1.59 4.92
N LEU A 47 -5.97 -1.26 5.92
CA LEU A 47 -6.44 -0.56 7.10
C LEU A 47 -5.94 0.88 7.09
N ASP A 48 -6.80 1.80 6.67
CA ASP A 48 -6.44 3.22 6.61
C ASP A 48 -6.40 3.84 8.00
N SER A 49 -5.21 3.84 8.61
CA SER A 49 -5.05 4.40 9.95
C SER A 49 -3.81 5.28 10.02
N LYS A 50 -3.97 6.50 10.54
CA LYS A 50 -2.86 7.43 10.65
C LYS A 50 -2.49 7.68 12.12
N PRO A 51 -1.53 6.90 12.66
CA PRO A 51 -1.09 7.02 14.05
C PRO A 51 0.08 8.01 14.20
N ARG A 52 0.65 8.07 15.41
CA ARG A 52 1.77 8.96 15.69
C ARG A 52 2.65 8.41 16.82
N GLU A 53 2.77 7.08 16.88
CA GLU A 53 3.58 6.43 17.90
C GLU A 53 4.83 5.81 17.27
N SER A 54 5.99 6.15 17.82
CA SER A 54 7.25 5.62 17.31
C SER A 54 7.62 4.30 18.00
N LYS A 55 7.28 3.18 17.35
CA LYS A 55 7.56 1.86 17.89
C LYS A 55 8.10 0.91 16.82
N GLU A 56 8.66 1.48 15.74
CA GLU A 56 9.20 0.70 14.63
C GLU A 56 8.18 -0.32 14.12
N ASN A 57 6.89 -0.02 14.29
CA ASN A 57 5.83 -0.91 13.85
C ASN A 57 4.80 -0.15 12.98
N VAL A 58 5.12 1.08 12.59
CA VAL A 58 4.23 1.89 11.76
C VAL A 58 4.77 2.02 10.34
N PHE A 59 4.15 1.32 9.40
CA PHE A 59 4.57 1.35 7.99
C PHE A 59 3.39 1.03 7.07
N ILE A 60 3.55 1.40 5.80
CA ILE A 60 2.51 1.16 4.81
C ILE A 60 3.02 0.22 3.72
N VAL A 61 2.34 -0.92 3.57
CA VAL A 61 2.72 -1.92 2.57
C VAL A 61 1.83 -1.83 1.33
N SER A 62 2.43 -1.99 0.16
CA SER A 62 1.70 -1.92 -1.11
C SER A 62 1.27 -3.31 -1.57
N PRO A 63 0.28 -3.37 -2.49
CA PRO A 63 -0.24 -4.64 -3.02
C PRO A 63 0.84 -5.50 -3.68
N TYR A 64 0.92 -6.77 -3.27
CA TYR A 64 1.91 -7.71 -3.80
C TYR A 64 3.33 -7.41 -3.30
N ASN A 65 3.47 -6.42 -2.41
CA ASN A 65 4.78 -6.06 -1.88
C ASN A 65 5.18 -6.97 -0.72
N HIS A 66 6.22 -7.77 -0.93
CA HIS A 66 6.72 -8.68 0.10
C HIS A 66 7.50 -7.91 1.16
N THR A 67 7.91 -8.60 2.23
CA THR A 67 8.66 -8.01 3.33
C THR A 67 8.02 -6.72 3.85
N ASN A 68 7.37 -6.82 5.01
CA ASN A 68 6.70 -5.67 5.64
C ASN A 68 7.66 -4.81 6.45
N LEU A 69 8.97 -5.03 6.29
CA LEU A 69 9.98 -4.27 7.02
C LEU A 69 10.09 -2.83 6.48
N PRO A 70 10.31 -2.65 5.15
CA PRO A 70 10.44 -1.32 4.56
C PRO A 70 9.08 -0.63 4.45
N THR A 71 9.01 0.50 3.73
CA THR A 71 7.75 1.24 3.59
C THR A 71 7.62 1.85 2.21
N VAL A 72 6.39 2.00 1.72
CA VAL A 72 6.16 2.58 0.40
C VAL A 72 5.29 3.85 0.50
N THR A 73 5.14 4.57 -0.61
CA THR A 73 4.34 5.79 -0.63
C THR A 73 2.84 5.47 -0.75
N PRO A 74 1.96 6.30 -0.15
CA PRO A 74 0.51 6.11 -0.21
C PRO A 74 -0.04 6.31 -1.63
N THR A 75 0.56 7.27 -2.35
CA THR A 75 0.16 7.58 -3.72
C THR A 75 0.30 6.35 -4.63
N TYR A 76 1.02 5.32 -4.16
CA TYR A 76 1.22 4.09 -4.93
C TYR A 76 -0.09 3.60 -5.54
N ILE A 77 -1.20 3.80 -4.81
CA ILE A 77 -2.52 3.38 -5.29
C ILE A 77 -2.85 4.04 -6.63
N LYS A 78 -2.62 5.36 -6.72
CA LYS A 78 -2.88 6.10 -7.96
C LYS A 78 -2.08 5.53 -9.13
N ALA A 79 -0.90 4.98 -8.84
CA ALA A 79 -0.04 4.39 -9.86
C ALA A 79 -0.34 2.90 -10.07
N CYS A 80 -0.85 2.26 -9.03
CA CYS A 80 -1.19 0.83 -9.10
C CYS A 80 -2.57 0.63 -9.70
N CYS A 81 -3.46 1.60 -9.49
CA CYS A 81 -4.82 1.53 -10.02
C CYS A 81 -4.89 2.07 -11.45
N GLN A 82 -4.06 3.08 -11.74
CA GLN A 82 -4.04 3.69 -13.08
C GLN A 82 -2.96 3.06 -13.96
N SER A 83 -1.75 2.90 -13.41
CA SER A 83 -0.65 2.30 -14.16
C SER A 83 -0.60 0.78 -14.01
N ASN A 84 -1.43 0.23 -13.10
CA ASN A 84 -1.47 -1.21 -12.85
C ASN A 84 -0.20 -1.69 -12.15
N SER A 85 0.90 -1.74 -12.90
CA SER A 85 2.19 -2.17 -12.35
C SER A 85 3.31 -1.94 -13.37
N LEU A 86 3.21 -0.85 -14.13
CA LEU A 86 4.22 -0.52 -15.13
C LEU A 86 5.12 0.61 -14.66
N LEU A 87 5.27 0.75 -13.33
CA LEU A 87 6.11 1.79 -12.75
C LEU A 87 6.57 1.41 -11.34
N ASN A 88 7.53 0.49 -11.27
CA ASN A 88 8.07 0.04 -9.99
C ASN A 88 9.04 1.06 -9.40
N MET A 89 9.69 1.83 -10.27
CA MET A 89 10.63 2.85 -9.83
C MET A 89 9.91 3.89 -8.95
N GLU A 90 8.58 3.98 -9.09
CA GLU A 90 7.79 4.92 -8.31
C GLU A 90 7.38 4.36 -6.95
N ASN A 91 7.82 3.14 -6.63
CA ASN A 91 7.51 2.57 -5.33
C ASN A 91 7.88 3.57 -4.24
N TYR A 92 8.94 4.36 -4.51
CA TYR A 92 9.42 5.38 -3.59
C TYR A 92 9.42 4.87 -2.16
N LEU A 93 9.83 3.62 -2.01
CA LEU A 93 9.88 2.95 -0.73
C LEU A 93 11.15 3.30 0.06
N VAL A 94 11.04 3.23 1.38
CA VAL A 94 12.17 3.49 2.27
C VAL A 94 13.16 2.35 2.17
N PRO A 95 14.44 2.67 1.91
CA PRO A 95 15.53 1.69 1.74
C PRO A 95 15.54 0.57 2.78
N TYR A 96 16.31 -0.47 2.48
CA TYR A 96 16.43 -1.62 3.36
C TYR A 96 17.46 -1.37 4.47
N ASP A 97 18.49 -0.57 4.17
CA ASP A 97 19.53 -0.25 5.15
C ASP A 97 18.96 0.59 6.29
N ASN A 98 18.35 1.72 5.95
CA ASN A 98 17.76 2.62 6.95
C ASN A 98 16.28 2.85 6.65
N GLU A 2 -17.52 -13.14 -23.85
CA GLU A 2 -16.18 -13.72 -23.49
C GLU A 2 -15.03 -12.75 -23.83
N LYS A 3 -15.29 -11.45 -23.74
CA LYS A 3 -14.26 -10.44 -24.03
C LYS A 3 -13.27 -10.31 -22.87
N LYS A 4 -13.78 -10.47 -21.64
CA LYS A 4 -12.95 -10.36 -20.44
C LYS A 4 -12.20 -11.67 -20.18
N GLU A 5 -10.91 -11.70 -20.54
CA GLU A 5 -10.08 -12.89 -20.35
C GLU A 5 -9.43 -12.88 -18.96
N GLN A 6 -9.35 -14.06 -18.35
CA GLN A 6 -8.75 -14.21 -17.02
C GLN A 6 -7.23 -14.38 -17.12
N VAL A 7 -6.49 -13.43 -16.55
CA VAL A 7 -5.03 -13.47 -16.57
C VAL A 7 -4.47 -13.67 -15.16
N SER A 8 -3.32 -14.35 -15.08
CA SER A 8 -2.67 -14.61 -13.80
C SER A 8 -1.79 -13.42 -13.39
N GLY A 9 -1.93 -13.01 -12.14
CA GLY A 9 -1.16 -11.89 -11.63
C GLY A 9 -1.91 -10.57 -11.70
N PRO A 10 -3.01 -10.42 -10.93
CA PRO A 10 -3.81 -9.19 -10.92
C PRO A 10 -3.10 -8.04 -10.22
N PRO A 11 -3.45 -6.79 -10.57
CA PRO A 11 -2.85 -5.59 -9.96
C PRO A 11 -3.23 -5.40 -8.49
N LEU A 12 -4.30 -6.07 -8.06
CA LEU A 12 -4.77 -5.98 -6.68
C LEU A 12 -4.97 -7.38 -6.09
N SER A 13 -5.72 -7.47 -4.99
CA SER A 13 -6.00 -8.74 -4.34
C SER A 13 -4.73 -9.49 -3.94
N ASN A 14 -3.93 -8.85 -3.07
CA ASN A 14 -2.68 -9.46 -2.60
C ASN A 14 -2.43 -9.15 -1.12
N MET A 15 -2.06 -7.90 -0.81
CA MET A 15 -1.80 -7.49 0.57
C MET A 15 -1.58 -5.98 0.67
N LYS A 16 -2.19 -5.37 1.69
CA LYS A 16 -2.06 -3.93 1.91
C LYS A 16 -2.09 -3.59 3.40
N PHE A 17 -1.44 -2.49 3.76
CA PHE A 17 -1.38 -2.05 5.16
C PHE A 17 -1.07 -0.54 5.23
N TYR A 18 -1.88 0.20 5.98
CA TYR A 18 -1.70 1.65 6.10
C TYR A 18 -1.61 2.10 7.56
N LEU A 19 -0.39 2.37 8.02
CA LEU A 19 -0.17 2.82 9.40
C LEU A 19 1.15 3.56 9.52
N ASN A 20 1.13 4.87 9.27
CA ASN A 20 2.35 5.68 9.35
C ASN A 20 2.71 6.01 10.80
N ARG A 21 4.01 6.18 11.06
CA ARG A 21 4.50 6.50 12.41
C ARG A 21 4.63 8.01 12.64
N ASP A 22 4.02 8.82 11.76
CA ASP A 22 4.07 10.28 11.87
C ASP A 22 5.51 10.77 11.98
N ALA A 23 6.29 10.54 10.92
CA ALA A 23 7.68 10.97 10.88
C ALA A 23 7.80 12.48 10.94
N ASP A 24 7.03 13.14 10.09
CA ASP A 24 7.01 14.60 10.02
C ASP A 24 6.23 15.06 8.78
N ALA A 25 6.38 14.30 7.69
CA ALA A 25 5.69 14.61 6.44
C ALA A 25 5.85 13.47 5.43
N HIS A 26 4.73 12.92 4.98
CA HIS A 26 4.75 11.82 4.02
C HIS A 26 3.92 12.15 2.78
N ASP A 27 2.59 12.09 2.93
CA ASP A 27 1.68 12.39 1.82
C ASP A 27 0.26 12.63 2.33
N SER A 28 -0.41 11.57 2.78
CA SER A 28 -1.77 11.67 3.30
C SER A 28 -2.05 10.59 4.34
N LEU A 29 -3.22 10.68 4.99
CA LEU A 29 -3.61 9.71 6.01
C LEU A 29 -5.12 9.50 6.01
N ASN A 30 -5.88 10.59 6.02
CA ASN A 30 -7.34 10.51 6.01
C ASN A 30 -7.88 10.45 4.58
N ASP A 31 -7.23 11.18 3.67
CA ASP A 31 -7.65 11.20 2.26
C ASP A 31 -7.45 9.84 1.60
N ILE A 32 -6.34 9.16 1.96
CA ILE A 32 -6.04 7.84 1.41
C ILE A 32 -7.10 6.81 1.80
N ASP A 33 -7.74 7.00 2.95
CA ASP A 33 -8.79 6.10 3.41
C ASP A 33 -9.87 5.95 2.34
N GLN A 34 -10.09 7.01 1.58
CA GLN A 34 -11.09 7.02 0.52
C GLN A 34 -10.57 6.33 -0.75
N LEU A 35 -9.36 6.70 -1.18
CA LEU A 35 -8.77 6.09 -2.37
C LEU A 35 -8.42 4.62 -2.12
N ALA A 36 -8.19 4.28 -0.85
CA ALA A 36 -7.86 2.92 -0.46
C ALA A 36 -9.12 2.06 -0.28
N ARG A 37 -10.27 2.73 -0.04
CA ARG A 37 -11.53 2.03 0.12
C ARG A 37 -11.86 1.20 -1.12
N LEU A 38 -11.31 1.60 -2.27
CA LEU A 38 -11.51 0.90 -3.53
C LEU A 38 -10.50 -0.23 -3.69
N ILE A 39 -9.24 0.04 -3.31
CA ILE A 39 -8.18 -0.96 -3.40
C ILE A 39 -8.49 -2.18 -2.54
N ARG A 40 -9.08 -1.93 -1.36
CA ARG A 40 -9.46 -3.01 -0.45
C ARG A 40 -10.67 -3.77 -1.00
N ALA A 41 -11.45 -3.08 -1.84
CA ALA A 41 -12.63 -3.69 -2.46
C ALA A 41 -12.25 -4.44 -3.74
N ASN A 42 -11.09 -4.10 -4.30
CA ASN A 42 -10.60 -4.73 -5.52
C ASN A 42 -10.29 -6.21 -5.31
N GLY A 43 -9.97 -6.58 -4.06
CA GLY A 43 -9.66 -7.96 -3.74
C GLY A 43 -8.75 -8.09 -2.54
N GLY A 44 -7.90 -7.08 -2.30
CA GLY A 44 -7.00 -7.10 -1.17
C GLY A 44 -7.64 -6.60 0.10
N GLU A 45 -6.84 -6.02 0.99
CA GLU A 45 -7.33 -5.48 2.24
C GLU A 45 -6.39 -4.40 2.78
N VAL A 46 -6.93 -3.20 2.94
CA VAL A 46 -6.14 -2.07 3.45
C VAL A 46 -6.83 -1.42 4.65
N LEU A 47 -6.03 -1.07 5.66
CA LEU A 47 -6.54 -0.44 6.87
C LEU A 47 -5.86 0.91 7.07
N ASP A 48 -6.54 1.99 6.67
CA ASP A 48 -5.99 3.34 6.80
C ASP A 48 -6.21 3.89 8.20
N SER A 49 -5.16 3.89 9.02
CA SER A 49 -5.25 4.39 10.38
C SER A 49 -4.26 5.53 10.61
N LYS A 50 -4.75 6.64 11.17
CA LYS A 50 -3.91 7.81 11.45
C LYS A 50 -2.84 7.46 12.48
N PRO A 51 -1.60 7.96 12.28
CA PRO A 51 -0.48 7.70 13.20
C PRO A 51 -0.82 8.04 14.65
N ARG A 52 -0.50 7.12 15.55
CA ARG A 52 -0.76 7.31 16.98
C ARG A 52 0.51 7.15 17.80
N GLU A 53 0.96 5.91 17.96
CA GLU A 53 2.17 5.63 18.72
C GLU A 53 3.38 5.66 17.80
N SER A 54 4.35 6.52 18.13
CA SER A 54 5.56 6.64 17.33
C SER A 54 6.69 5.81 17.92
N LYS A 55 6.87 4.61 17.38
CA LYS A 55 7.92 3.70 17.85
C LYS A 55 8.58 2.96 16.69
N GLU A 56 8.53 3.56 15.49
CA GLU A 56 9.11 2.95 14.29
C GLU A 56 8.59 1.53 14.06
N ASN A 57 7.41 1.23 14.60
CA ASN A 57 6.79 -0.09 14.46
C ASN A 57 5.65 -0.08 13.44
N VAL A 58 5.06 1.10 13.21
CA VAL A 58 3.97 1.22 12.25
C VAL A 58 4.49 1.69 10.89
N PHE A 59 4.09 0.98 9.83
CA PHE A 59 4.52 1.31 8.47
C PHE A 59 3.43 0.98 7.46
N ILE A 60 3.60 1.45 6.22
CA ILE A 60 2.63 1.22 5.16
C ILE A 60 3.19 0.28 4.09
N VAL A 61 2.46 -0.81 3.80
CA VAL A 61 2.88 -1.78 2.81
C VAL A 61 2.07 -1.65 1.52
N SER A 62 2.69 -2.02 0.40
CA SER A 62 2.04 -1.95 -0.92
C SER A 62 1.67 -3.35 -1.42
N PRO A 63 0.78 -3.44 -2.43
CA PRO A 63 0.35 -4.73 -2.99
C PRO A 63 1.53 -5.60 -3.42
N TYR A 64 1.52 -6.86 -2.99
CA TYR A 64 2.59 -7.82 -3.34
C TYR A 64 3.87 -7.61 -2.52
N ASN A 65 3.84 -6.66 -1.59
CA ASN A 65 5.02 -6.40 -0.76
C ASN A 65 5.17 -7.45 0.34
N HIS A 66 6.07 -8.41 0.11
CA HIS A 66 6.33 -9.49 1.06
C HIS A 66 7.16 -8.96 2.24
N THR A 67 7.09 -9.69 3.37
CA THR A 67 7.81 -9.33 4.59
C THR A 67 7.43 -7.93 5.06
N ASN A 68 6.53 -7.85 6.05
CA ASN A 68 6.10 -6.57 6.58
C ASN A 68 7.22 -5.95 7.42
N LEU A 69 8.20 -5.38 6.73
CA LEU A 69 9.35 -4.74 7.37
C LEU A 69 9.63 -3.36 6.76
N PRO A 70 9.87 -3.28 5.43
CA PRO A 70 10.12 -1.99 4.76
C PRO A 70 8.86 -1.15 4.65
N THR A 71 8.88 -0.08 3.87
CA THR A 71 7.70 0.79 3.72
C THR A 71 7.48 1.20 2.27
N VAL A 72 6.28 1.67 1.94
CA VAL A 72 5.97 2.10 0.57
C VAL A 72 5.15 3.39 0.57
N THR A 73 5.25 4.15 -0.53
CA THR A 73 4.52 5.42 -0.66
C THR A 73 3.03 5.17 -0.92
N PRO A 74 2.16 6.10 -0.45
CA PRO A 74 0.71 5.99 -0.64
C PRO A 74 0.30 6.25 -2.09
N THR A 75 1.05 7.13 -2.76
CA THR A 75 0.78 7.48 -4.16
C THR A 75 0.83 6.24 -5.06
N TYR A 76 1.42 5.15 -4.56
CA TYR A 76 1.51 3.89 -5.32
C TYR A 76 0.16 3.54 -5.94
N ILE A 77 -0.93 3.78 -5.19
CA ILE A 77 -2.28 3.48 -5.66
C ILE A 77 -2.65 4.36 -6.85
N LYS A 78 -2.25 5.64 -6.82
CA LYS A 78 -2.54 6.57 -7.91
C LYS A 78 -2.14 5.96 -9.27
N ALA A 79 -0.95 5.34 -9.30
CA ALA A 79 -0.44 4.71 -10.51
C ALA A 79 -0.90 3.25 -10.63
N CYS A 80 -1.31 2.65 -9.51
CA CYS A 80 -1.78 1.27 -9.52
C CYS A 80 -3.22 1.19 -10.01
N CYS A 81 -3.96 2.29 -9.84
CA CYS A 81 -5.35 2.35 -10.27
C CYS A 81 -5.46 2.86 -11.71
N GLN A 82 -4.55 3.77 -12.09
CA GLN A 82 -4.55 4.33 -13.44
C GLN A 82 -3.56 3.62 -14.37
N SER A 83 -2.36 3.33 -13.85
CA SER A 83 -1.33 2.66 -14.66
C SER A 83 -1.32 1.15 -14.43
N ASN A 84 -1.95 0.70 -13.34
CA ASN A 84 -2.02 -0.73 -13.00
C ASN A 84 -0.65 -1.25 -12.56
N SER A 85 0.26 -1.47 -13.52
CA SER A 85 1.59 -1.96 -13.22
C SER A 85 2.59 -1.55 -14.31
N LEU A 86 2.43 -0.34 -14.85
CA LEU A 86 3.31 0.17 -15.90
C LEU A 86 4.50 0.95 -15.33
N LEU A 87 4.80 0.75 -14.04
CA LEU A 87 5.92 1.44 -13.39
C LEU A 87 6.15 0.91 -11.97
N ASN A 88 7.08 -0.05 -11.85
CA ASN A 88 7.41 -0.62 -10.54
C ASN A 88 8.49 0.20 -9.84
N MET A 89 9.32 0.90 -10.62
CA MET A 89 10.38 1.74 -10.05
C MET A 89 9.78 2.79 -9.11
N GLU A 90 8.49 3.11 -9.30
CA GLU A 90 7.80 4.08 -8.47
C GLU A 90 7.42 3.53 -7.10
N ASN A 91 7.78 2.27 -6.83
CA ASN A 91 7.50 1.68 -5.53
C ASN A 91 7.92 2.65 -4.43
N TYR A 92 9.02 3.39 -4.71
CA TYR A 92 9.56 4.38 -3.78
C TYR A 92 9.53 3.86 -2.36
N LEU A 93 9.84 2.58 -2.23
CA LEU A 93 9.86 1.92 -0.93
C LEU A 93 10.93 2.53 -0.03
N VAL A 94 10.66 2.57 1.29
CA VAL A 94 11.65 3.13 2.21
C VAL A 94 12.81 2.14 2.32
N PRO A 95 14.01 2.60 1.92
CA PRO A 95 15.23 1.79 1.93
C PRO A 95 15.69 1.46 3.36
N TYR A 96 16.05 0.20 3.56
CA TYR A 96 16.50 -0.28 4.86
C TYR A 96 17.71 -1.20 4.72
N ASP A 97 17.49 -2.36 4.09
CA ASP A 97 18.55 -3.34 3.88
C ASP A 97 19.10 -3.23 2.46
N ASN A 98 19.93 -2.22 2.23
CA ASN A 98 20.53 -2.00 0.91
C ASN A 98 21.79 -2.85 0.70
N GLU A 2 13.25 -7.83 -5.11
CA GLU A 2 14.44 -8.58 -4.62
C GLU A 2 14.06 -9.58 -3.51
N LYS A 3 12.86 -10.15 -3.60
CA LYS A 3 12.40 -11.12 -2.62
C LYS A 3 12.42 -12.54 -3.18
N LYS A 4 12.04 -13.52 -2.36
CA LYS A 4 12.02 -14.92 -2.79
C LYS A 4 11.02 -15.12 -3.93
N GLU A 5 11.19 -16.22 -4.68
CA GLU A 5 10.33 -16.54 -5.82
C GLU A 5 10.54 -15.55 -6.96
N GLN A 6 9.93 -15.85 -8.11
CA GLN A 6 10.05 -14.98 -9.29
C GLN A 6 8.71 -14.80 -9.99
N VAL A 7 7.95 -15.88 -10.14
CA VAL A 7 6.64 -15.83 -10.78
C VAL A 7 5.60 -15.18 -9.87
N SER A 8 5.75 -13.86 -9.66
CA SER A 8 4.85 -13.10 -8.81
C SER A 8 4.33 -11.86 -9.52
N GLY A 9 3.01 -11.67 -9.50
CA GLY A 9 2.40 -10.51 -10.13
C GLY A 9 0.89 -10.53 -10.03
N PRO A 10 0.34 -10.51 -8.81
CA PRO A 10 -1.12 -10.53 -8.59
C PRO A 10 -1.79 -9.20 -8.93
N PRO A 11 -2.93 -9.24 -9.65
CA PRO A 11 -3.66 -8.03 -10.02
C PRO A 11 -4.43 -7.42 -8.85
N LEU A 12 -4.95 -8.27 -7.98
CA LEU A 12 -5.71 -7.81 -6.81
C LEU A 12 -5.72 -8.87 -5.72
N SER A 13 -6.35 -8.55 -4.59
CA SER A 13 -6.44 -9.47 -3.44
C SER A 13 -5.11 -10.15 -3.12
N ASN A 14 -4.31 -9.52 -2.25
CA ASN A 14 -3.02 -10.09 -1.85
C ASN A 14 -2.68 -9.73 -0.40
N MET A 15 -2.20 -8.50 -0.18
CA MET A 15 -1.84 -8.05 1.16
C MET A 15 -1.53 -6.55 1.18
N LYS A 16 -2.09 -5.84 2.15
CA LYS A 16 -1.88 -4.41 2.30
C LYS A 16 -1.90 -4.01 3.77
N PHE A 17 -1.34 -2.84 4.08
CA PHE A 17 -1.29 -2.36 5.46
C PHE A 17 -1.14 -0.84 5.49
N TYR A 18 -1.99 -0.16 6.27
CA TYR A 18 -1.95 1.30 6.35
C TYR A 18 -1.65 1.78 7.77
N LEU A 19 -0.44 2.31 7.96
CA LEU A 19 -0.02 2.83 9.25
C LEU A 19 1.16 3.79 9.07
N ASN A 20 0.87 5.00 8.57
CA ASN A 20 1.92 6.01 8.34
C ASN A 20 2.72 6.30 9.62
N ARG A 21 3.90 6.90 9.46
CA ARG A 21 4.76 7.22 10.60
C ARG A 21 4.27 8.48 11.30
N ASP A 22 4.89 8.81 12.42
CA ASP A 22 4.53 9.99 13.20
C ASP A 22 5.44 11.17 12.84
N ALA A 23 5.58 11.46 11.55
CA ALA A 23 6.41 12.58 11.11
C ALA A 23 5.63 13.88 11.00
N ASP A 24 4.35 13.85 11.40
CA ASP A 24 3.49 15.04 11.34
C ASP A 24 3.14 15.43 9.89
N ALA A 25 3.60 14.63 8.92
CA ALA A 25 3.33 14.90 7.51
C ALA A 25 4.10 13.92 6.61
N HIS A 26 3.59 13.72 5.39
CA HIS A 26 4.22 12.83 4.43
C HIS A 26 3.52 12.90 3.07
N ASP A 27 2.20 12.74 3.10
CA ASP A 27 1.39 12.79 1.88
C ASP A 27 -0.11 12.83 2.23
N SER A 28 -0.57 11.81 2.95
CA SER A 28 -1.97 11.71 3.35
C SER A 28 -2.15 10.78 4.54
N LEU A 29 -3.34 10.79 5.13
CA LEU A 29 -3.64 9.95 6.29
C LEU A 29 -5.05 9.38 6.19
N ASN A 30 -6.05 10.27 6.23
CA ASN A 30 -7.44 9.85 6.15
C ASN A 30 -7.92 9.81 4.69
N ASP A 31 -7.43 10.76 3.88
CA ASP A 31 -7.82 10.84 2.47
C ASP A 31 -7.51 9.54 1.73
N ILE A 32 -6.40 8.89 2.10
CA ILE A 32 -6.01 7.62 1.46
C ILE A 32 -7.12 6.58 1.59
N ASP A 33 -7.93 6.70 2.65
CA ASP A 33 -9.04 5.77 2.85
C ASP A 33 -9.98 5.78 1.64
N GLN A 34 -10.01 6.91 0.95
CA GLN A 34 -10.84 7.06 -0.23
C GLN A 34 -10.15 6.49 -1.48
N LEU A 35 -8.87 6.81 -1.66
CA LEU A 35 -8.11 6.29 -2.80
C LEU A 35 -7.83 4.80 -2.65
N ALA A 36 -7.85 4.32 -1.41
CA ALA A 36 -7.62 2.91 -1.12
C ALA A 36 -8.93 2.12 -1.08
N ARG A 37 -10.05 2.84 -1.00
CA ARG A 37 -11.38 2.20 -0.96
C ARG A 37 -11.63 1.39 -2.24
N LEU A 38 -10.91 1.72 -3.31
CA LEU A 38 -11.06 1.03 -4.58
C LEU A 38 -10.23 -0.26 -4.62
N ILE A 39 -9.05 -0.26 -3.98
CA ILE A 39 -8.19 -1.43 -3.97
C ILE A 39 -8.56 -2.38 -2.83
N ARG A 40 -9.06 -1.84 -1.72
CA ARG A 40 -9.45 -2.65 -0.58
C ARG A 40 -10.73 -3.42 -0.90
N ALA A 41 -11.53 -2.88 -1.81
CA ALA A 41 -12.78 -3.51 -2.21
C ALA A 41 -12.52 -4.54 -3.32
N ASN A 42 -11.38 -4.42 -4.00
CA ASN A 42 -11.01 -5.32 -5.08
C ASN A 42 -10.79 -6.75 -4.57
N GLY A 43 -10.39 -6.89 -3.31
CA GLY A 43 -10.14 -8.20 -2.75
C GLY A 43 -9.01 -8.20 -1.72
N GLY A 44 -8.15 -7.18 -1.76
CA GLY A 44 -7.05 -7.10 -0.81
C GLY A 44 -7.52 -6.78 0.59
N GLU A 45 -6.62 -6.28 1.43
CA GLU A 45 -6.96 -5.94 2.79
C GLU A 45 -6.06 -4.84 3.33
N VAL A 46 -6.67 -3.72 3.72
CA VAL A 46 -5.94 -2.58 4.24
C VAL A 46 -6.68 -1.94 5.41
N LEU A 47 -5.91 -1.47 6.40
CA LEU A 47 -6.50 -0.83 7.58
C LEU A 47 -6.01 0.62 7.69
N ASP A 48 -6.82 1.57 7.24
CA ASP A 48 -6.47 2.99 7.28
C ASP A 48 -6.46 3.52 8.72
N SER A 49 -5.29 3.55 9.34
CA SER A 49 -5.15 4.04 10.71
C SER A 49 -4.10 5.14 10.81
N LYS A 50 -4.49 6.30 11.34
CA LYS A 50 -3.57 7.43 11.50
C LYS A 50 -2.44 7.09 12.47
N PRO A 51 -1.26 7.71 12.29
CA PRO A 51 -0.10 7.48 13.16
C PRO A 51 -0.33 7.93 14.59
N ARG A 52 0.47 7.40 15.52
CA ARG A 52 0.36 7.74 16.94
C ARG A 52 1.70 7.58 17.65
N GLU A 53 2.14 6.33 17.79
CA GLU A 53 3.41 6.03 18.45
C GLU A 53 4.56 6.06 17.45
N SER A 54 5.55 6.89 17.71
CA SER A 54 6.70 7.01 16.83
C SER A 54 7.85 6.11 17.31
N LYS A 55 7.95 4.92 16.72
CA LYS A 55 8.98 3.96 17.09
C LYS A 55 9.37 3.08 15.89
N GLU A 56 9.20 3.62 14.68
CA GLU A 56 9.52 2.88 13.46
C GLU A 56 8.72 1.59 13.35
N ASN A 57 7.60 1.52 14.08
CA ASN A 57 6.74 0.33 14.06
C ASN A 57 5.59 0.50 13.08
N VAL A 58 5.13 1.74 12.93
CA VAL A 58 4.02 2.04 12.01
C VAL A 58 4.53 2.21 10.59
N PHE A 59 4.03 1.36 9.68
CA PHE A 59 4.43 1.42 8.27
C PHE A 59 3.26 1.10 7.36
N ILE A 60 3.29 1.67 6.15
CA ILE A 60 2.23 1.44 5.17
C ILE A 60 2.72 0.60 3.99
N VAL A 61 2.27 -0.66 3.93
CA VAL A 61 2.67 -1.57 2.86
C VAL A 61 1.62 -1.57 1.73
N SER A 62 2.11 -1.60 0.48
CA SER A 62 1.23 -1.60 -0.68
C SER A 62 0.92 -3.03 -1.14
N PRO A 63 -0.16 -3.21 -1.94
CA PRO A 63 -0.57 -4.53 -2.43
C PRO A 63 0.43 -5.12 -3.42
N TYR A 64 0.99 -6.27 -3.05
CA TYR A 64 1.97 -6.96 -3.90
C TYR A 64 2.54 -8.18 -3.18
N ASN A 65 3.38 -7.94 -2.17
CA ASN A 65 4.01 -9.02 -1.41
C ASN A 65 3.84 -8.80 0.09
N HIS A 66 3.86 -9.89 0.86
CA HIS A 66 3.70 -9.82 2.30
C HIS A 66 5.00 -9.32 2.95
N THR A 67 4.91 -8.15 3.60
CA THR A 67 6.07 -7.55 4.27
C THR A 67 5.66 -6.85 5.55
N ASN A 68 6.29 -7.24 6.66
CA ASN A 68 5.98 -6.63 7.96
C ASN A 68 7.22 -5.95 8.55
N LEU A 69 7.62 -4.86 7.90
CA LEU A 69 8.79 -4.08 8.34
C LEU A 69 9.01 -2.87 7.43
N PRO A 70 9.21 -3.08 6.12
CA PRO A 70 9.44 -1.98 5.16
C PRO A 70 8.22 -1.08 4.99
N THR A 71 8.35 -0.08 4.13
CA THR A 71 7.25 0.86 3.88
C THR A 71 7.09 1.14 2.38
N VAL A 72 5.96 1.73 2.01
CA VAL A 72 5.67 2.05 0.61
C VAL A 72 4.84 3.34 0.52
N THR A 73 4.88 3.99 -0.65
CA THR A 73 4.13 5.24 -0.85
C THR A 73 2.63 4.97 -0.98
N PRO A 74 1.78 5.81 -0.36
CA PRO A 74 0.32 5.67 -0.43
C PRO A 74 -0.23 6.02 -1.81
N THR A 75 0.40 7.01 -2.45
CA THR A 75 0.01 7.46 -3.78
C THR A 75 0.22 6.35 -4.82
N TYR A 76 0.93 5.29 -4.45
CA TYR A 76 1.19 4.16 -5.35
C TYR A 76 -0.10 3.69 -6.03
N ILE A 77 -1.23 3.80 -5.33
CA ILE A 77 -2.52 3.40 -5.89
C ILE A 77 -2.85 4.22 -7.14
N LYS A 78 -2.56 5.52 -7.09
CA LYS A 78 -2.82 6.40 -8.24
C LYS A 78 -1.97 5.98 -9.44
N ALA A 79 -0.77 5.47 -9.18
CA ALA A 79 0.13 5.03 -10.25
C ALA A 79 -0.12 3.56 -10.62
N CYS A 80 -0.69 2.79 -9.69
CA CYS A 80 -0.96 1.38 -9.94
C CYS A 80 -2.35 1.17 -10.54
N CYS A 81 -3.31 2.00 -10.13
CA CYS A 81 -4.68 1.91 -10.64
C CYS A 81 -4.83 2.66 -11.97
N GLN A 82 -4.08 3.74 -12.14
CA GLN A 82 -4.16 4.54 -13.36
C GLN A 82 -3.09 4.11 -14.37
N SER A 83 -1.84 3.97 -13.91
CA SER A 83 -0.75 3.56 -14.79
C SER A 83 -0.67 2.04 -14.93
N ASN A 84 -1.37 1.31 -14.04
CA ASN A 84 -1.38 -0.15 -14.06
C ASN A 84 -0.03 -0.72 -13.62
N SER A 85 0.97 -0.65 -14.49
CA SER A 85 2.31 -1.15 -14.16
C SER A 85 3.35 -0.58 -15.14
N LEU A 86 3.35 0.74 -15.31
CA LEU A 86 4.28 1.40 -16.21
C LEU A 86 5.51 1.90 -15.45
N LEU A 87 5.28 2.46 -14.27
CA LEU A 87 6.37 2.99 -13.44
C LEU A 87 6.43 2.28 -12.10
N ASN A 88 7.15 1.17 -12.04
CA ASN A 88 7.28 0.40 -10.80
C ASN A 88 8.34 1.01 -9.89
N MET A 89 9.38 1.60 -10.48
CA MET A 89 10.44 2.23 -9.70
C MET A 89 9.88 3.22 -8.69
N GLU A 90 8.66 3.71 -8.96
CA GLU A 90 7.99 4.66 -8.08
C GLU A 90 7.49 4.01 -6.78
N ASN A 91 7.74 2.71 -6.60
CA ASN A 91 7.32 2.03 -5.38
C ASN A 91 7.75 2.86 -4.16
N TYR A 92 8.85 3.61 -4.33
CA TYR A 92 9.38 4.46 -3.27
C TYR A 92 9.25 3.79 -1.91
N LEU A 93 9.55 2.49 -1.90
CA LEU A 93 9.46 1.70 -0.69
C LEU A 93 10.74 1.84 0.14
N VAL A 94 10.60 1.75 1.46
CA VAL A 94 11.74 1.85 2.35
C VAL A 94 12.54 0.56 2.33
N PRO A 95 13.79 0.61 1.82
CA PRO A 95 14.66 -0.56 1.73
C PRO A 95 14.91 -1.21 3.08
N TYR A 96 15.41 -2.45 3.05
CA TYR A 96 15.69 -3.20 4.28
C TYR A 96 16.92 -2.64 4.99
N ASP A 97 16.70 -1.80 6.00
CA ASP A 97 17.78 -1.21 6.77
C ASP A 97 18.52 -2.27 7.59
N ASN A 98 17.78 -3.29 8.03
CA ASN A 98 18.37 -4.37 8.83
C ASN A 98 18.27 -5.70 8.08
N GLU A 2 -4.56 -16.83 -3.57
CA GLU A 2 -3.46 -16.45 -4.50
C GLU A 2 -2.21 -17.31 -4.27
N LYS A 3 -2.26 -18.53 -4.81
CA LYS A 3 -1.13 -19.47 -4.67
C LYS A 3 -0.92 -20.27 -5.95
N LYS A 4 -1.99 -20.87 -6.47
CA LYS A 4 -1.92 -21.67 -7.69
C LYS A 4 -1.44 -20.83 -8.87
N GLU A 5 -2.16 -19.75 -9.16
CA GLU A 5 -1.80 -18.86 -10.27
C GLU A 5 -2.03 -17.40 -9.88
N GLN A 6 -1.02 -16.78 -9.29
CA GLN A 6 -1.10 -15.38 -8.86
C GLN A 6 0.28 -14.76 -8.74
N VAL A 7 1.22 -15.48 -8.14
CA VAL A 7 2.59 -15.00 -7.96
C VAL A 7 3.19 -14.51 -9.29
N SER A 8 2.74 -15.12 -10.40
CA SER A 8 3.23 -14.74 -11.71
C SER A 8 2.52 -13.49 -12.23
N GLY A 9 2.70 -12.38 -11.51
CA GLY A 9 2.07 -11.12 -11.90
C GLY A 9 0.77 -10.86 -11.17
N PRO A 10 0.81 -10.56 -9.85
CA PRO A 10 -0.38 -10.28 -9.04
C PRO A 10 -0.88 -8.84 -9.22
N PRO A 11 -2.05 -8.67 -9.86
CA PRO A 11 -2.64 -7.35 -10.09
C PRO A 11 -3.34 -6.77 -8.85
N LEU A 12 -4.06 -7.64 -8.13
CA LEU A 12 -4.78 -7.23 -6.93
C LEU A 12 -4.88 -8.39 -5.94
N SER A 13 -5.67 -8.20 -4.88
CA SER A 13 -5.87 -9.24 -3.86
C SER A 13 -4.54 -9.85 -3.42
N ASN A 14 -3.74 -9.08 -2.67
CA ASN A 14 -2.45 -9.54 -2.18
C ASN A 14 -2.28 -9.24 -0.69
N MET A 15 -1.85 -8.02 -0.37
CA MET A 15 -1.65 -7.60 1.02
C MET A 15 -1.27 -6.12 1.10
N LYS A 16 -1.90 -5.39 2.02
CA LYS A 16 -1.63 -3.96 2.19
C LYS A 16 -1.71 -3.59 3.67
N PHE A 17 -1.08 -2.46 4.02
CA PHE A 17 -1.06 -1.99 5.40
C PHE A 17 -0.78 -0.49 5.42
N TYR A 18 -1.67 0.29 6.03
CA TYR A 18 -1.51 1.75 6.08
C TYR A 18 -1.29 2.27 7.50
N LEU A 19 -0.03 2.53 7.86
CA LEU A 19 0.32 3.04 9.19
C LEU A 19 1.62 3.83 9.13
N ASN A 20 1.57 5.04 8.53
CA ASN A 20 2.75 5.89 8.41
C ASN A 20 3.41 6.15 9.77
N ARG A 21 4.74 6.22 9.78
CA ARG A 21 5.49 6.48 11.01
C ARG A 21 5.75 7.97 11.20
N ASP A 22 6.37 8.58 10.20
CA ASP A 22 6.67 10.01 10.24
C ASP A 22 7.14 10.51 8.88
N ALA A 23 6.18 10.70 7.96
CA ALA A 23 6.49 11.17 6.61
C ALA A 23 6.52 12.70 6.52
N ASP A 24 6.34 13.37 7.67
CA ASP A 24 6.34 14.83 7.71
C ASP A 24 5.13 15.39 6.95
N ALA A 25 3.97 14.76 7.14
CA ALA A 25 2.73 15.19 6.48
C ALA A 25 2.87 15.14 4.96
N HIS A 26 1.97 15.82 4.25
CA HIS A 26 1.98 15.85 2.78
C HIS A 26 1.81 14.43 2.20
N ASP A 27 1.15 13.56 2.95
CA ASP A 27 0.93 12.18 2.52
C ASP A 27 -0.57 11.87 2.37
N SER A 28 -1.39 12.46 3.25
CA SER A 28 -2.84 12.25 3.22
C SER A 28 -3.18 10.85 3.68
N LEU A 29 -3.41 10.69 4.98
CA LEU A 29 -3.73 9.40 5.56
C LEU A 29 -5.25 9.16 5.58
N ASN A 30 -6.00 10.23 5.85
CA ASN A 30 -7.47 10.13 5.91
C ASN A 30 -8.06 10.17 4.50
N ASP A 31 -7.39 10.86 3.59
CA ASP A 31 -7.86 10.98 2.21
C ASP A 31 -7.59 9.69 1.44
N ILE A 32 -6.45 9.06 1.70
CA ILE A 32 -6.10 7.82 1.02
C ILE A 32 -7.06 6.69 1.40
N ASP A 33 -7.69 6.80 2.56
CA ASP A 33 -8.66 5.81 3.01
C ASP A 33 -9.79 5.66 2.01
N GLN A 34 -10.06 6.74 1.28
CA GLN A 34 -11.12 6.76 0.28
C GLN A 34 -10.61 6.18 -1.05
N LEU A 35 -9.43 6.62 -1.48
CA LEU A 35 -8.84 6.13 -2.73
C LEU A 35 -8.34 4.69 -2.57
N ALA A 36 -8.08 4.30 -1.32
CA ALA A 36 -7.60 2.96 -1.02
C ALA A 36 -8.77 1.98 -0.90
N ARG A 37 -9.96 2.50 -0.62
CA ARG A 37 -11.16 1.68 -0.51
C ARG A 37 -11.38 0.88 -1.79
N LEU A 38 -11.00 1.46 -2.93
CA LEU A 38 -11.13 0.79 -4.22
C LEU A 38 -10.25 -0.46 -4.28
N ILE A 39 -8.98 -0.31 -3.91
CA ILE A 39 -8.04 -1.42 -3.91
C ILE A 39 -8.27 -2.34 -2.71
N ARG A 40 -8.82 -1.78 -1.63
CA ARG A 40 -9.11 -2.54 -0.43
C ARG A 40 -10.31 -3.45 -0.66
N ALA A 41 -11.18 -3.06 -1.59
CA ALA A 41 -12.37 -3.83 -1.92
C ALA A 41 -12.11 -4.77 -3.09
N ASN A 42 -11.03 -4.52 -3.83
CA ASN A 42 -10.67 -5.33 -4.99
C ASN A 42 -10.32 -6.76 -4.59
N GLY A 43 -9.80 -6.92 -3.37
CA GLY A 43 -9.43 -8.24 -2.87
C GLY A 43 -8.37 -8.19 -1.79
N GLY A 44 -7.56 -7.12 -1.79
CA GLY A 44 -6.51 -6.98 -0.79
C GLY A 44 -7.06 -6.60 0.56
N GLU A 45 -6.22 -6.04 1.42
CA GLU A 45 -6.61 -5.63 2.75
C GLU A 45 -5.74 -4.49 3.25
N VAL A 46 -6.37 -3.38 3.60
CA VAL A 46 -5.64 -2.21 4.09
C VAL A 46 -6.40 -1.53 5.23
N LEU A 47 -5.65 -0.99 6.19
CA LEU A 47 -6.23 -0.29 7.33
C LEU A 47 -5.57 1.08 7.50
N ASP A 48 -6.25 2.12 7.01
CA ASP A 48 -5.73 3.49 7.08
C ASP A 48 -5.81 4.03 8.51
N SER A 49 -4.65 4.18 9.15
CA SER A 49 -4.58 4.70 10.51
C SER A 49 -3.62 5.88 10.61
N LYS A 50 -4.12 7.02 11.08
CA LYS A 50 -3.30 8.23 11.23
C LYS A 50 -2.18 7.99 12.25
N PRO A 51 -0.99 8.58 12.01
CA PRO A 51 0.16 8.42 12.91
C PRO A 51 -0.19 8.76 14.36
N ARG A 52 -0.48 7.72 15.15
CA ARG A 52 -0.83 7.90 16.56
C ARG A 52 0.35 7.57 17.46
N GLU A 53 0.61 6.27 17.64
CA GLU A 53 1.72 5.84 18.48
C GLU A 53 2.99 5.71 17.66
N SER A 54 4.03 6.42 18.07
CA SER A 54 5.31 6.39 17.38
C SER A 54 6.33 5.55 18.14
N LYS A 55 6.46 4.29 17.73
CA LYS A 55 7.40 3.37 18.35
C LYS A 55 8.24 2.64 17.30
N GLU A 56 8.37 3.25 16.12
CA GLU A 56 9.13 2.68 15.01
C GLU A 56 8.54 1.34 14.56
N ASN A 57 7.27 1.11 14.88
CA ASN A 57 6.58 -0.12 14.50
C ASN A 57 5.51 0.14 13.44
N VAL A 58 5.16 1.41 13.25
CA VAL A 58 4.15 1.80 12.26
C VAL A 58 4.77 2.01 10.88
N PHE A 59 4.32 1.23 9.90
CA PHE A 59 4.82 1.34 8.53
C PHE A 59 3.70 1.04 7.53
N ILE A 60 3.89 1.47 6.28
CA ILE A 60 2.90 1.24 5.23
C ILE A 60 3.43 0.29 4.16
N VAL A 61 2.70 -0.80 3.91
CA VAL A 61 3.11 -1.78 2.92
C VAL A 61 2.24 -1.69 1.65
N SER A 62 2.84 -2.05 0.51
CA SER A 62 2.12 -2.00 -0.78
C SER A 62 1.67 -3.40 -1.20
N PRO A 63 0.59 -3.49 -2.00
CA PRO A 63 0.06 -4.78 -2.49
C PRO A 63 1.06 -5.52 -3.36
N TYR A 64 1.54 -6.66 -2.85
CA TYR A 64 2.50 -7.49 -3.58
C TYR A 64 2.93 -8.70 -2.75
N ASN A 65 3.76 -8.45 -1.73
CA ASN A 65 4.23 -9.54 -0.85
C ASN A 65 4.07 -9.18 0.62
N HIS A 66 3.94 -10.20 1.46
CA HIS A 66 3.79 -9.98 2.90
C HIS A 66 5.13 -9.61 3.52
N THR A 67 5.20 -8.40 4.05
CA THR A 67 6.43 -7.90 4.69
C THR A 67 6.10 -6.81 5.70
N ASN A 68 5.79 -7.22 6.93
CA ASN A 68 5.46 -6.27 7.99
C ASN A 68 6.74 -5.69 8.62
N LEU A 69 7.50 -4.95 7.81
CA LEU A 69 8.75 -4.33 8.25
C LEU A 69 9.09 -3.12 7.38
N PRO A 70 9.36 -3.33 6.07
CA PRO A 70 9.70 -2.24 5.14
C PRO A 70 8.55 -1.25 4.95
N THR A 71 8.71 -0.31 4.01
CA THR A 71 7.69 0.70 3.75
C THR A 71 7.55 0.98 2.25
N VAL A 72 6.41 1.55 1.86
CA VAL A 72 6.14 1.87 0.46
C VAL A 72 5.36 3.19 0.34
N THR A 73 5.42 3.82 -0.83
CA THR A 73 4.72 5.10 -1.05
C THR A 73 3.21 4.89 -1.23
N PRO A 74 2.40 5.86 -0.75
CA PRO A 74 0.93 5.79 -0.86
C PRO A 74 0.45 6.14 -2.27
N THR A 75 1.18 7.03 -2.93
CA THR A 75 0.85 7.46 -4.30
C THR A 75 0.72 6.27 -5.25
N TYR A 76 1.26 5.11 -4.85
CA TYR A 76 1.19 3.90 -5.67
C TYR A 76 -0.20 3.70 -6.27
N ILE A 77 -1.24 4.00 -5.48
CA ILE A 77 -2.62 3.86 -5.94
C ILE A 77 -2.88 4.71 -7.19
N LYS A 78 -2.42 5.96 -7.17
CA LYS A 78 -2.60 6.86 -8.32
C LYS A 78 -2.00 6.25 -9.59
N ALA A 79 -0.90 5.51 -9.44
CA ALA A 79 -0.24 4.87 -10.57
C ALA A 79 -0.78 3.46 -10.83
N CYS A 80 -1.42 2.87 -9.82
CA CYS A 80 -1.97 1.52 -9.95
C CYS A 80 -3.42 1.56 -10.44
N CYS A 81 -4.16 2.59 -10.04
CA CYS A 81 -5.56 2.72 -10.44
C CYS A 81 -5.69 3.46 -11.78
N GLN A 82 -4.76 4.39 -12.04
CA GLN A 82 -4.79 5.17 -13.28
C GLN A 82 -3.83 4.60 -14.32
N SER A 83 -2.60 4.28 -13.90
CA SER A 83 -1.59 3.72 -14.81
C SER A 83 -1.66 2.20 -14.89
N ASN A 84 -2.27 1.57 -13.86
CA ASN A 84 -2.40 0.12 -13.82
C ASN A 84 -1.04 -0.56 -13.73
N SER A 85 -0.38 -0.73 -14.88
CA SER A 85 0.94 -1.36 -14.92
C SER A 85 1.83 -0.69 -15.97
N LEU A 86 2.87 -0.01 -15.49
CA LEU A 86 3.80 0.69 -16.37
C LEU A 86 4.99 1.24 -15.59
N LEU A 87 4.70 1.91 -14.48
CA LEU A 87 5.75 2.48 -13.63
C LEU A 87 5.76 1.83 -12.25
N ASN A 88 6.44 0.69 -12.15
CA ASN A 88 6.54 -0.04 -10.89
C ASN A 88 7.72 0.47 -10.07
N MET A 89 8.77 0.93 -10.76
CA MET A 89 9.96 1.46 -10.09
C MET A 89 9.60 2.54 -9.07
N GLU A 90 8.41 3.15 -9.23
CA GLU A 90 7.95 4.20 -8.32
C GLU A 90 7.54 3.64 -6.96
N ASN A 91 7.69 2.33 -6.75
CA ASN A 91 7.36 1.74 -5.46
C ASN A 91 7.98 2.58 -4.34
N TYR A 92 9.14 3.18 -4.64
CA TYR A 92 9.86 4.02 -3.69
C TYR A 92 9.82 3.42 -2.29
N LEU A 93 9.97 2.10 -2.25
CA LEU A 93 9.96 1.37 -0.99
C LEU A 93 11.19 1.70 -0.15
N VAL A 94 11.02 1.71 1.17
CA VAL A 94 12.13 2.01 2.07
C VAL A 94 12.42 0.82 2.99
N PRO A 95 13.67 0.29 2.93
CA PRO A 95 14.08 -0.84 3.76
C PRO A 95 14.26 -0.47 5.23
N TYR A 96 14.11 -1.45 6.11
CA TYR A 96 14.26 -1.23 7.54
C TYR A 96 14.84 -2.46 8.24
N ASP A 97 14.25 -3.62 7.99
CA ASP A 97 14.70 -4.87 8.58
C ASP A 97 14.64 -6.03 7.59
N ASN A 98 13.47 -6.21 6.96
CA ASN A 98 13.26 -7.29 5.97
C ASN A 98 13.89 -8.61 6.44
N GLU A 2 7.84 -26.07 -12.48
CA GLU A 2 7.71 -27.23 -13.40
C GLU A 2 7.15 -28.47 -12.69
N LYS A 3 5.97 -28.32 -12.09
CA LYS A 3 5.32 -29.41 -11.38
C LYS A 3 3.83 -29.13 -11.17
N LYS A 4 3.53 -28.03 -10.47
CA LYS A 4 2.15 -27.63 -10.20
C LYS A 4 1.74 -26.39 -11.00
N GLU A 5 2.59 -25.96 -11.94
CA GLU A 5 2.32 -24.79 -12.78
C GLU A 5 2.16 -23.52 -11.94
N GLN A 6 3.25 -22.75 -11.85
CA GLN A 6 3.25 -21.50 -11.08
C GLN A 6 2.24 -20.49 -11.65
N VAL A 7 1.74 -19.61 -10.79
CA VAL A 7 0.78 -18.59 -11.20
C VAL A 7 1.39 -17.19 -11.14
N SER A 8 1.50 -16.54 -12.29
CA SER A 8 2.07 -15.20 -12.36
C SER A 8 0.97 -14.16 -12.58
N GLY A 9 1.01 -13.09 -11.79
CA GLY A 9 0.02 -12.03 -11.90
C GLY A 9 -1.22 -12.31 -11.05
N PRO A 10 -1.18 -11.98 -9.75
CA PRO A 10 -2.31 -12.20 -8.83
C PRO A 10 -3.61 -11.56 -9.33
N PRO A 11 -4.74 -12.27 -9.21
CA PRO A 11 -6.05 -11.77 -9.66
C PRO A 11 -6.62 -10.69 -8.72
N LEU A 12 -6.53 -10.92 -7.41
CA LEU A 12 -7.03 -9.98 -6.42
C LEU A 12 -6.59 -10.38 -5.01
N SER A 13 -6.71 -9.45 -4.06
CA SER A 13 -6.32 -9.71 -2.68
C SER A 13 -4.83 -10.06 -2.57
N ASN A 14 -4.01 -9.03 -2.35
CA ASN A 14 -2.56 -9.22 -2.23
C ASN A 14 -2.09 -8.91 -0.80
N MET A 15 -1.99 -7.63 -0.47
CA MET A 15 -1.55 -7.20 0.86
C MET A 15 -1.56 -5.68 0.99
N LYS A 16 -2.16 -5.18 2.06
CA LYS A 16 -2.22 -3.74 2.30
C LYS A 16 -2.18 -3.41 3.79
N PHE A 17 -1.51 -2.31 4.11
CA PHE A 17 -1.37 -1.87 5.50
C PHE A 17 -1.07 -0.37 5.54
N TYR A 18 -1.88 0.39 6.26
CA TYR A 18 -1.69 1.84 6.32
C TYR A 18 -1.48 2.32 7.77
N LEU A 19 -0.28 2.82 8.05
CA LEU A 19 0.07 3.32 9.38
C LEU A 19 1.32 4.20 9.33
N ASN A 20 1.16 5.40 8.78
CA ASN A 20 2.27 6.35 8.65
C ASN A 20 3.11 6.46 9.94
N ARG A 21 4.42 6.57 9.76
CA ARG A 21 5.35 6.68 10.89
C ARG A 21 5.45 8.13 11.37
N ASP A 22 6.14 8.96 10.59
CA ASP A 22 6.31 10.38 10.92
C ASP A 22 7.07 11.12 9.82
N ALA A 23 6.51 11.09 8.61
CA ALA A 23 7.13 11.76 7.46
C ALA A 23 6.66 13.20 7.30
N ASP A 24 5.83 13.67 8.24
CA ASP A 24 5.30 15.02 8.21
C ASP A 24 4.36 15.24 7.01
N ALA A 25 3.61 14.20 6.66
CA ALA A 25 2.66 14.26 5.54
C ALA A 25 3.36 14.48 4.19
N HIS A 26 3.53 13.40 3.44
CA HIS A 26 4.18 13.47 2.12
C HIS A 26 3.15 13.44 1.00
N ASP A 27 2.07 12.68 1.17
CA ASP A 27 1.03 12.58 0.17
C ASP A 27 -0.36 12.74 0.78
N SER A 28 -0.78 11.78 1.60
CA SER A 28 -2.10 11.82 2.24
C SER A 28 -2.10 10.99 3.53
N LEU A 29 -3.26 10.94 4.20
CA LEU A 29 -3.40 10.18 5.44
C LEU A 29 -4.79 9.57 5.55
N ASN A 30 -5.81 10.42 5.63
CA ASN A 30 -7.19 9.96 5.74
C ASN A 30 -7.83 9.78 4.36
N ASP A 31 -7.51 10.70 3.45
CA ASP A 31 -8.05 10.68 2.08
C ASP A 31 -7.76 9.35 1.37
N ILE A 32 -6.57 8.77 1.65
CA ILE A 32 -6.19 7.50 1.03
C ILE A 32 -7.22 6.39 1.28
N ASP A 33 -7.96 6.51 2.39
CA ASP A 33 -8.97 5.52 2.72
C ASP A 33 -10.00 5.42 1.59
N GLN A 34 -10.29 6.56 0.96
CA GLN A 34 -11.24 6.62 -0.15
C GLN A 34 -10.65 5.99 -1.41
N LEU A 35 -9.45 6.42 -1.79
CA LEU A 35 -8.79 5.87 -2.98
C LEU A 35 -8.41 4.41 -2.76
N ALA A 36 -8.23 4.04 -1.49
CA ALA A 36 -7.89 2.67 -1.12
C ALA A 36 -9.13 1.79 -1.07
N ARG A 37 -10.31 2.40 -0.92
CA ARG A 37 -11.57 1.66 -0.87
C ARG A 37 -11.73 0.80 -2.13
N LEU A 38 -11.18 1.27 -3.24
CA LEU A 38 -11.24 0.54 -4.52
C LEU A 38 -10.43 -0.75 -4.43
N ILE A 39 -9.19 -0.64 -3.96
CA ILE A 39 -8.31 -1.80 -3.83
C ILE A 39 -8.70 -2.64 -2.60
N ARG A 40 -9.32 -2.00 -1.61
CA ARG A 40 -9.76 -2.67 -0.41
C ARG A 40 -10.97 -3.55 -0.73
N ALA A 41 -11.76 -3.11 -1.71
CA ALA A 41 -12.95 -3.86 -2.13
C ALA A 41 -12.59 -4.95 -3.15
N ASN A 42 -11.37 -4.87 -3.71
CA ASN A 42 -10.91 -5.85 -4.69
C ASN A 42 -10.77 -7.25 -4.07
N GLY A 43 -10.48 -7.30 -2.77
CA GLY A 43 -10.31 -8.57 -2.09
C GLY A 43 -9.23 -8.52 -1.02
N GLY A 44 -8.32 -7.54 -1.13
CA GLY A 44 -7.23 -7.42 -0.16
C GLY A 44 -7.72 -6.92 1.19
N GLU A 45 -6.83 -6.29 1.93
CA GLU A 45 -7.18 -5.77 3.26
C GLU A 45 -6.29 -4.59 3.62
N VAL A 46 -6.91 -3.43 3.86
CA VAL A 46 -6.18 -2.22 4.23
C VAL A 46 -6.81 -1.55 5.45
N LEU A 47 -5.96 -1.05 6.35
CA LEU A 47 -6.41 -0.37 7.55
C LEU A 47 -5.80 1.02 7.65
N ASP A 48 -6.57 2.04 7.28
CA ASP A 48 -6.10 3.42 7.33
C ASP A 48 -6.16 3.98 8.76
N SER A 49 -5.02 3.93 9.45
CA SER A 49 -4.93 4.43 10.82
C SER A 49 -3.65 5.23 11.03
N LYS A 50 -3.81 6.53 11.28
CA LYS A 50 -2.65 7.40 11.49
C LYS A 50 -2.58 7.84 12.96
N PRO A 51 -1.82 7.09 13.79
CA PRO A 51 -1.65 7.41 15.22
C PRO A 51 -0.57 8.46 15.48
N ARG A 52 0.37 8.60 14.52
CA ARG A 52 1.47 9.55 14.65
C ARG A 52 2.38 9.19 15.83
N GLU A 53 2.48 7.90 16.14
CA GLU A 53 3.32 7.42 17.23
C GLU A 53 4.59 6.77 16.69
N SER A 54 5.74 7.28 17.12
CA SER A 54 7.03 6.75 16.67
C SER A 54 7.48 5.59 17.55
N LYS A 55 7.21 4.37 17.09
CA LYS A 55 7.59 3.17 17.84
C LYS A 55 8.22 2.12 16.92
N GLU A 56 8.71 2.56 15.76
CA GLU A 56 9.35 1.67 14.79
C GLU A 56 8.43 0.51 14.37
N ASN A 57 7.13 0.67 14.56
CA ASN A 57 6.15 -0.35 14.19
C ASN A 57 5.09 0.19 13.22
N VAL A 58 4.94 1.51 13.16
CA VAL A 58 3.96 2.13 12.28
C VAL A 58 4.54 2.37 10.88
N PHE A 59 4.04 1.62 9.91
CA PHE A 59 4.49 1.72 8.52
C PHE A 59 3.39 1.32 7.55
N ILE A 60 3.54 1.73 6.28
CA ILE A 60 2.56 1.40 5.24
C ILE A 60 3.14 0.38 4.27
N VAL A 61 2.37 -0.67 3.99
CA VAL A 61 2.81 -1.74 3.08
C VAL A 61 1.98 -1.75 1.79
N SER A 62 2.58 -2.25 0.71
CA SER A 62 1.91 -2.34 -0.58
C SER A 62 1.61 -3.80 -0.94
N PRO A 63 0.68 -4.03 -1.89
CA PRO A 63 0.30 -5.38 -2.33
C PRO A 63 1.45 -6.13 -2.98
N TYR A 64 1.89 -7.21 -2.33
CA TYR A 64 2.99 -8.02 -2.85
C TYR A 64 3.27 -9.22 -1.95
N ASN A 65 3.77 -8.95 -0.74
CA ASN A 65 4.09 -10.00 0.22
C ASN A 65 3.48 -9.73 1.59
N HIS A 66 3.24 -10.81 2.34
CA HIS A 66 2.66 -10.69 3.68
C HIS A 66 3.71 -10.18 4.69
N THR A 67 3.28 -9.95 5.92
CA THR A 67 4.17 -9.45 6.98
C THR A 67 4.59 -8.01 6.70
N ASN A 68 4.09 -7.09 7.53
CA ASN A 68 4.40 -5.68 7.37
C ASN A 68 5.80 -5.36 7.90
N LEU A 69 6.81 -5.70 7.11
CA LEU A 69 8.20 -5.46 7.49
C LEU A 69 8.72 -4.17 6.85
N PRO A 70 8.66 -4.06 5.50
CA PRO A 70 9.13 -2.86 4.78
C PRO A 70 8.06 -1.77 4.69
N THR A 71 8.34 -0.73 3.90
CA THR A 71 7.40 0.38 3.72
C THR A 71 7.28 0.79 2.25
N VAL A 72 6.13 1.39 1.89
CA VAL A 72 5.89 1.82 0.51
C VAL A 72 5.08 3.12 0.47
N THR A 73 5.20 3.89 -0.62
CA THR A 73 4.47 5.14 -0.75
C THR A 73 2.98 4.91 -0.95
N PRO A 74 2.14 5.87 -0.49
CA PRO A 74 0.67 5.77 -0.63
C PRO A 74 0.22 5.98 -2.08
N THR A 75 0.94 6.85 -2.80
CA THR A 75 0.62 7.15 -4.20
C THR A 75 0.61 5.88 -5.06
N TYR A 76 1.24 4.81 -4.57
CA TYR A 76 1.29 3.53 -5.29
C TYR A 76 -0.08 3.17 -5.86
N ILE A 77 -1.15 3.48 -5.12
CA ILE A 77 -2.51 3.19 -5.57
C ILE A 77 -2.86 3.99 -6.82
N LYS A 78 -2.70 5.30 -6.74
CA LYS A 78 -3.00 6.18 -7.88
C LYS A 78 -2.16 5.79 -9.10
N ALA A 79 -0.94 5.29 -8.85
CA ALA A 79 -0.05 4.86 -9.93
C ALA A 79 -0.39 3.46 -10.42
N CYS A 80 -1.07 2.66 -9.58
CA CYS A 80 -1.43 1.30 -9.94
C CYS A 80 -2.85 1.22 -10.51
N CYS A 81 -3.73 2.11 -10.06
CA CYS A 81 -5.10 2.14 -10.54
C CYS A 81 -5.24 3.00 -11.80
N GLN A 82 -4.45 4.07 -11.86
CA GLN A 82 -4.49 4.98 -13.01
C GLN A 82 -3.38 4.68 -14.00
N SER A 83 -2.16 4.46 -13.50
CA SER A 83 -1.02 4.17 -14.37
C SER A 83 -0.88 2.68 -14.64
N ASN A 84 -1.44 1.84 -13.75
CA ASN A 84 -1.39 0.38 -13.90
C ASN A 84 0.03 -0.13 -13.71
N SER A 85 0.88 0.05 -14.72
CA SER A 85 2.27 -0.39 -14.65
C SER A 85 3.14 0.37 -15.65
N LEU A 86 3.90 1.34 -15.13
CA LEU A 86 4.77 2.15 -15.97
C LEU A 86 5.89 2.79 -15.15
N LEU A 87 5.53 3.34 -14.00
CA LEU A 87 6.51 3.99 -13.13
C LEU A 87 6.70 3.21 -11.82
N ASN A 88 7.54 2.17 -11.89
CA ASN A 88 7.82 1.33 -10.72
C ASN A 88 8.89 1.97 -9.84
N MET A 89 9.76 2.78 -10.43
CA MET A 89 10.81 3.45 -9.67
C MET A 89 10.20 4.34 -8.59
N GLU A 90 8.93 4.72 -8.77
CA GLU A 90 8.24 5.57 -7.80
C GLU A 90 7.67 4.77 -6.63
N ASN A 91 7.91 3.46 -6.61
CA ASN A 91 7.44 2.63 -5.52
C ASN A 91 7.91 3.25 -4.19
N TYR A 92 9.05 3.97 -4.24
CA TYR A 92 9.63 4.62 -3.08
C TYR A 92 9.51 3.74 -1.84
N LEU A 93 9.74 2.45 -2.04
CA LEU A 93 9.68 1.49 -0.95
C LEU A 93 10.96 1.50 -0.13
N VAL A 94 10.82 1.42 1.19
CA VAL A 94 11.98 1.42 2.08
C VAL A 94 12.62 0.03 2.12
N PRO A 95 13.95 -0.05 1.93
CA PRO A 95 14.70 -1.31 1.93
C PRO A 95 14.47 -2.12 3.21
N TYR A 96 14.94 -3.36 3.20
CA TYR A 96 14.80 -4.25 4.35
C TYR A 96 15.52 -3.69 5.57
N ASP A 97 16.79 -3.31 5.41
CA ASP A 97 17.58 -2.75 6.50
C ASP A 97 18.79 -2.00 5.97
N ASN A 98 18.59 -0.72 5.63
CA ASN A 98 19.66 0.12 5.12
C ASN A 98 19.44 1.58 5.51
N GLU A 2 -14.16 -30.10 -6.11
CA GLU A 2 -13.13 -31.07 -6.58
C GLU A 2 -11.77 -30.39 -6.75
N LYS A 3 -10.76 -31.19 -7.06
CA LYS A 3 -9.40 -30.68 -7.25
C LYS A 3 -8.99 -30.77 -8.72
N LYS A 4 -9.37 -29.77 -9.50
CA LYS A 4 -9.05 -29.72 -10.92
C LYS A 4 -8.18 -28.50 -11.25
N GLU A 5 -6.98 -28.45 -10.67
CA GLU A 5 -6.05 -27.34 -10.89
C GLU A 5 -6.62 -26.03 -10.34
N GLN A 6 -5.78 -24.99 -10.32
CA GLN A 6 -6.20 -23.69 -9.81
C GLN A 6 -5.46 -22.56 -10.52
N VAL A 7 -6.18 -21.85 -11.40
CA VAL A 7 -5.61 -20.73 -12.15
C VAL A 7 -6.19 -19.41 -11.68
N SER A 8 -5.47 -18.72 -10.80
CA SER A 8 -5.92 -17.43 -10.27
C SER A 8 -5.30 -16.27 -11.05
N GLY A 9 -6.15 -15.35 -11.50
CA GLY A 9 -5.67 -14.20 -12.26
C GLY A 9 -6.51 -12.95 -12.03
N PRO A 10 -6.76 -12.56 -10.76
CA PRO A 10 -7.55 -11.38 -10.42
C PRO A 10 -6.76 -10.08 -10.62
N PRO A 11 -7.44 -8.92 -10.51
CA PRO A 11 -6.79 -7.61 -10.68
C PRO A 11 -5.56 -7.45 -9.78
N LEU A 12 -5.71 -7.77 -8.49
CA LEU A 12 -4.61 -7.67 -7.54
C LEU A 12 -4.80 -8.65 -6.38
N SER A 13 -5.61 -8.26 -5.40
CA SER A 13 -5.89 -9.11 -4.23
C SER A 13 -4.62 -9.79 -3.69
N ASN A 14 -3.90 -9.09 -2.80
CA ASN A 14 -2.68 -9.64 -2.22
C ASN A 14 -2.56 -9.27 -0.73
N MET A 15 -2.17 -8.02 -0.44
CA MET A 15 -2.02 -7.56 0.94
C MET A 15 -1.73 -6.06 0.97
N LYS A 16 -2.32 -5.36 1.94
CA LYS A 16 -2.12 -3.92 2.09
C LYS A 16 -2.15 -3.51 3.56
N PHE A 17 -1.48 -2.42 3.87
CA PHE A 17 -1.42 -1.93 5.25
C PHE A 17 -1.07 -0.43 5.25
N TYR A 18 -1.88 0.37 5.95
CA TYR A 18 -1.65 1.81 5.98
C TYR A 18 -1.42 2.31 7.40
N LEU A 19 -0.15 2.37 7.80
CA LEU A 19 0.23 2.84 9.14
C LEU A 19 1.47 3.73 9.06
N ASN A 20 1.26 5.04 8.88
CA ASN A 20 2.36 5.99 8.79
C ASN A 20 3.20 6.00 10.06
N ARG A 21 4.51 6.23 9.92
CA ARG A 21 5.42 6.27 11.06
C ARG A 21 5.54 7.69 11.61
N ASP A 22 6.31 8.53 10.94
CA ASP A 22 6.51 9.91 11.37
C ASP A 22 7.22 10.73 10.28
N ALA A 23 6.76 10.58 9.04
CA ALA A 23 7.34 11.28 7.91
C ALA A 23 6.71 12.66 7.70
N ASP A 24 5.82 13.05 8.62
CA ASP A 24 5.15 14.34 8.55
C ASP A 24 4.18 14.41 7.36
N ALA A 25 3.49 13.28 7.10
CA ALA A 25 2.53 13.19 6.01
C ALA A 25 3.18 13.43 4.64
N HIS A 26 3.54 12.34 3.98
CA HIS A 26 4.17 12.41 2.65
C HIS A 26 3.17 12.94 1.61
N ASP A 27 1.90 12.57 1.76
CA ASP A 27 0.86 13.01 0.83
C ASP A 27 -0.48 13.18 1.54
N SER A 28 -1.05 12.07 2.01
CA SER A 28 -2.33 12.10 2.71
C SER A 28 -2.35 11.10 3.86
N LEU A 29 -3.43 11.13 4.65
CA LEU A 29 -3.57 10.22 5.79
C LEU A 29 -4.98 9.65 5.86
N ASN A 30 -5.97 10.54 5.95
CA ASN A 30 -7.38 10.13 6.02
C ASN A 30 -7.98 10.00 4.62
N ASP A 31 -7.54 10.86 3.70
CA ASP A 31 -8.04 10.86 2.33
C ASP A 31 -7.73 9.54 1.63
N ILE A 32 -6.55 8.97 1.90
CA ILE A 32 -6.14 7.70 1.29
C ILE A 32 -7.15 6.59 1.60
N ASP A 33 -7.83 6.70 2.75
CA ASP A 33 -8.83 5.73 3.15
C ASP A 33 -9.93 5.61 2.10
N GLN A 34 -10.15 6.68 1.35
CA GLN A 34 -11.16 6.72 0.30
C GLN A 34 -10.62 6.16 -1.01
N LEU A 35 -9.44 6.63 -1.42
CA LEU A 35 -8.81 6.15 -2.65
C LEU A 35 -8.36 4.69 -2.51
N ALA A 36 -8.13 4.28 -1.26
CA ALA A 36 -7.70 2.91 -0.97
C ALA A 36 -8.89 1.97 -0.91
N ARG A 37 -10.08 2.52 -0.64
CA ARG A 37 -11.29 1.71 -0.56
C ARG A 37 -11.55 0.97 -1.88
N LEU A 38 -11.13 1.58 -2.98
CA LEU A 38 -11.30 0.97 -4.31
C LEU A 38 -10.39 -0.24 -4.48
N ILE A 39 -9.13 -0.10 -4.06
CA ILE A 39 -8.16 -1.19 -4.14
C ILE A 39 -8.37 -2.19 -3.00
N ARG A 40 -8.98 -1.72 -1.90
CA ARG A 40 -9.28 -2.57 -0.75
C ARG A 40 -10.41 -3.53 -1.08
N ALA A 41 -11.29 -3.10 -1.99
CA ALA A 41 -12.42 -3.92 -2.41
C ALA A 41 -12.07 -4.76 -3.63
N ASN A 42 -10.93 -4.44 -4.26
CA ASN A 42 -10.46 -5.15 -5.44
C ASN A 42 -10.14 -6.61 -5.12
N GLY A 43 -9.75 -6.87 -3.87
CA GLY A 43 -9.40 -8.22 -3.46
C GLY A 43 -8.48 -8.23 -2.25
N GLY A 44 -7.65 -7.19 -2.11
CA GLY A 44 -6.72 -7.12 -1.00
C GLY A 44 -7.39 -6.61 0.27
N GLU A 45 -6.58 -6.02 1.17
CA GLU A 45 -7.09 -5.49 2.42
C GLU A 45 -6.15 -4.42 2.97
N VAL A 46 -6.66 -3.22 3.17
CA VAL A 46 -5.86 -2.12 3.68
C VAL A 46 -6.48 -1.50 4.94
N LEU A 47 -5.64 -1.21 5.92
CA LEU A 47 -6.08 -0.60 7.17
C LEU A 47 -5.48 0.80 7.29
N ASP A 48 -6.28 1.81 6.95
CA ASP A 48 -5.83 3.20 7.00
C ASP A 48 -5.93 3.76 8.42
N SER A 49 -4.82 3.66 9.16
CA SER A 49 -4.77 4.16 10.54
C SER A 49 -3.52 5.01 10.75
N LYS A 50 -3.72 6.28 11.10
CA LYS A 50 -2.61 7.20 11.33
C LYS A 50 -2.49 7.57 12.81
N PRO A 51 -1.67 6.81 13.57
CA PRO A 51 -1.46 7.06 15.00
C PRO A 51 -0.38 8.12 15.27
N ARG A 52 0.57 8.24 14.34
CA ARG A 52 1.67 9.20 14.48
C ARG A 52 2.48 8.94 15.75
N GLU A 53 2.44 7.70 16.24
CA GLU A 53 3.17 7.32 17.44
C GLU A 53 4.43 6.55 17.04
N SER A 54 5.59 7.03 17.48
CA SER A 54 6.85 6.38 17.15
C SER A 54 7.07 5.15 18.05
N LYS A 55 6.72 3.98 17.53
CA LYS A 55 6.86 2.73 18.28
C LYS A 55 7.66 1.70 17.47
N GLU A 56 8.38 2.17 16.46
CA GLU A 56 9.21 1.31 15.61
C GLU A 56 8.43 0.12 15.03
N ASN A 57 7.12 0.29 14.82
CA ASN A 57 6.29 -0.78 14.25
C ASN A 57 5.11 -0.22 13.46
N VAL A 58 5.28 0.99 12.91
CA VAL A 58 4.23 1.62 12.12
C VAL A 58 4.73 1.92 10.71
N PHE A 59 4.25 1.16 9.73
CA PHE A 59 4.66 1.35 8.34
C PHE A 59 3.51 1.01 7.37
N ILE A 60 3.58 1.56 6.16
CA ILE A 60 2.56 1.33 5.14
C ILE A 60 3.07 0.39 4.05
N VAL A 61 2.42 -0.75 3.89
CA VAL A 61 2.80 -1.75 2.88
C VAL A 61 1.92 -1.61 1.63
N SER A 62 2.50 -1.88 0.46
CA SER A 62 1.77 -1.78 -0.80
C SER A 62 1.24 -3.15 -1.25
N PRO A 63 0.24 -3.15 -2.15
CA PRO A 63 -0.36 -4.37 -2.68
C PRO A 63 0.61 -5.18 -3.54
N TYR A 64 0.77 -6.46 -3.21
CA TYR A 64 1.68 -7.37 -3.93
C TYR A 64 3.12 -7.25 -3.41
N ASN A 65 3.36 -6.31 -2.50
CA ASN A 65 4.70 -6.11 -1.94
C ASN A 65 4.99 -7.16 -0.87
N HIS A 66 6.02 -7.98 -1.11
CA HIS A 66 6.41 -9.03 -0.17
C HIS A 66 7.23 -8.45 0.98
N THR A 67 7.42 -9.25 2.03
CA THR A 67 8.18 -8.83 3.21
C THR A 67 7.41 -7.79 4.02
N ASN A 68 7.22 -8.07 5.31
CA ASN A 68 6.49 -7.17 6.20
C ASN A 68 7.44 -6.41 7.12
N LEU A 69 7.85 -5.22 6.67
CA LEU A 69 8.77 -4.37 7.43
C LEU A 69 9.00 -3.03 6.72
N PRO A 70 9.42 -3.07 5.43
CA PRO A 70 9.68 -1.86 4.64
C PRO A 70 8.44 -0.97 4.50
N THR A 71 8.63 0.21 3.91
CA THR A 71 7.53 1.15 3.71
C THR A 71 7.48 1.63 2.27
N VAL A 72 6.28 1.93 1.78
CA VAL A 72 6.10 2.40 0.41
C VAL A 72 5.26 3.67 0.37
N THR A 73 5.32 4.38 -0.76
CA THR A 73 4.55 5.63 -0.92
C THR A 73 3.05 5.36 -1.02
N PRO A 74 2.22 6.19 -0.35
CA PRO A 74 0.75 6.04 -0.37
C PRO A 74 0.17 6.39 -1.74
N THR A 75 0.77 7.39 -2.40
CA THR A 75 0.33 7.83 -3.72
C THR A 75 0.43 6.70 -4.75
N TYR A 76 1.15 5.62 -4.42
CA TYR A 76 1.29 4.47 -5.31
C TYR A 76 -0.06 4.03 -5.86
N ILE A 77 -1.11 4.15 -5.04
CA ILE A 77 -2.46 3.77 -5.45
C ILE A 77 -2.90 4.55 -6.69
N LYS A 78 -2.62 5.85 -6.71
CA LYS A 78 -2.99 6.70 -7.85
C LYS A 78 -2.41 6.13 -9.14
N ALA A 79 -1.24 5.51 -9.05
CA ALA A 79 -0.58 4.92 -10.21
C ALA A 79 -1.01 3.47 -10.41
N CYS A 80 -1.42 2.82 -9.31
CA CYS A 80 -1.88 1.43 -9.39
C CYS A 80 -3.29 1.37 -9.96
N CYS A 81 -4.04 2.46 -9.80
CA CYS A 81 -5.40 2.54 -10.31
C CYS A 81 -5.43 3.10 -11.74
N GLN A 82 -4.52 4.02 -12.05
CA GLN A 82 -4.45 4.62 -13.38
C GLN A 82 -3.45 3.89 -14.28
N SER A 83 -2.30 3.51 -13.72
CA SER A 83 -1.28 2.80 -14.49
C SER A 83 -1.44 1.28 -14.39
N ASN A 84 -2.14 0.82 -13.36
CA ASN A 84 -2.37 -0.62 -13.15
C ASN A 84 -1.08 -1.31 -12.69
N SER A 85 -0.13 -1.45 -13.61
CA SER A 85 1.16 -2.09 -13.29
C SER A 85 2.27 -1.50 -14.16
N LEU A 86 3.43 -2.18 -14.20
CA LEU A 86 4.58 -1.72 -14.98
C LEU A 86 5.10 -0.37 -14.44
N LEU A 87 4.98 -0.19 -13.12
CA LEU A 87 5.45 1.04 -12.48
C LEU A 87 5.93 0.76 -11.05
N ASN A 88 6.87 -0.17 -10.92
CA ASN A 88 7.42 -0.54 -9.62
C ASN A 88 8.57 0.38 -9.23
N MET A 89 9.21 0.99 -10.23
CA MET A 89 10.33 1.91 -9.97
C MET A 89 9.86 3.08 -9.13
N GLU A 90 8.56 3.38 -9.18
CA GLU A 90 7.98 4.48 -8.42
C GLU A 90 7.49 4.03 -7.04
N ASN A 91 7.68 2.75 -6.72
CA ASN A 91 7.28 2.25 -5.41
C ASN A 91 7.91 3.13 -4.33
N TYR A 92 9.08 3.70 -4.66
CA TYR A 92 9.80 4.58 -3.77
C TYR A 92 9.82 4.03 -2.34
N LEU A 93 9.94 2.71 -2.25
CA LEU A 93 9.97 2.03 -0.96
C LEU A 93 11.24 2.38 -0.17
N VAL A 94 11.10 2.46 1.14
CA VAL A 94 12.22 2.78 2.02
C VAL A 94 12.83 1.51 2.62
N PRO A 95 14.17 1.39 2.58
CA PRO A 95 14.87 0.21 3.11
C PRO A 95 14.81 0.13 4.63
N TYR A 96 14.56 -1.08 5.14
CA TYR A 96 14.48 -1.31 6.58
C TYR A 96 15.81 -1.08 7.27
N ASP A 97 15.81 -1.14 8.60
CA ASP A 97 17.03 -0.93 9.39
C ASP A 97 17.36 -2.17 10.22
N ASN A 98 17.09 -3.35 9.67
CA ASN A 98 17.36 -4.60 10.35
C ASN A 98 18.87 -4.80 10.54
N GLU A 2 -24.89 -23.11 -13.03
CA GLU A 2 -25.25 -24.04 -14.14
C GLU A 2 -24.34 -23.83 -15.34
N LYS A 3 -23.32 -24.70 -15.45
CA LYS A 3 -22.36 -24.62 -16.56
C LYS A 3 -21.62 -23.28 -16.55
N LYS A 4 -20.76 -23.07 -17.55
CA LYS A 4 -19.99 -21.83 -17.66
C LYS A 4 -19.11 -21.61 -16.43
N GLU A 5 -18.01 -22.38 -16.35
CA GLU A 5 -17.09 -22.29 -15.22
C GLU A 5 -15.72 -21.77 -15.67
N GLN A 6 -14.74 -21.80 -14.77
CA GLN A 6 -13.38 -21.33 -15.07
C GLN A 6 -13.37 -19.82 -15.31
N VAL A 7 -14.00 -19.07 -14.42
CA VAL A 7 -14.07 -17.62 -14.52
C VAL A 7 -13.19 -16.94 -13.46
N SER A 8 -12.61 -15.80 -13.81
CA SER A 8 -11.75 -15.07 -12.88
C SER A 8 -12.52 -14.63 -11.65
N GLY A 9 -11.95 -14.91 -10.47
CA GLY A 9 -12.59 -14.53 -9.22
C GLY A 9 -11.84 -13.45 -8.47
N PRO A 10 -10.83 -13.82 -7.66
CA PRO A 10 -10.04 -12.85 -6.88
C PRO A 10 -9.14 -11.99 -7.77
N PRO A 11 -9.43 -10.68 -7.87
CA PRO A 11 -8.64 -9.74 -8.69
C PRO A 11 -7.15 -9.79 -8.35
N LEU A 12 -6.84 -9.66 -7.06
CA LEU A 12 -5.45 -9.70 -6.60
C LEU A 12 -5.32 -10.57 -5.35
N SER A 13 -5.72 -10.02 -4.21
CA SER A 13 -5.67 -10.75 -2.94
C SER A 13 -4.25 -11.17 -2.57
N ASN A 14 -3.61 -10.42 -1.67
CA ASN A 14 -2.26 -10.72 -1.22
C ASN A 14 -2.03 -10.25 0.22
N MET A 15 -1.79 -8.94 0.39
CA MET A 15 -1.56 -8.37 1.71
C MET A 15 -1.45 -6.84 1.62
N LYS A 16 -2.08 -6.15 2.56
CA LYS A 16 -2.06 -4.69 2.59
C LYS A 16 -2.07 -4.17 4.02
N PHE A 17 -1.47 -3.00 4.24
CA PHE A 17 -1.40 -2.41 5.56
C PHE A 17 -1.18 -0.90 5.47
N TYR A 18 -1.99 -0.13 6.19
CA TYR A 18 -1.87 1.32 6.17
C TYR A 18 -1.61 1.89 7.57
N LEU A 19 -0.40 2.42 7.77
CA LEU A 19 -0.01 3.01 9.05
C LEU A 19 1.16 3.98 8.85
N ASN A 20 0.85 5.23 8.52
CA ASN A 20 1.88 6.24 8.29
C ASN A 20 2.81 6.39 9.49
N ARG A 21 4.10 6.61 9.22
CA ARG A 21 5.11 6.77 10.27
C ARG A 21 5.02 8.15 10.92
N ASP A 22 5.90 8.41 11.89
CA ASP A 22 5.92 9.70 12.58
C ASP A 22 6.90 10.67 11.92
N ALA A 23 6.70 10.91 10.62
CA ALA A 23 7.55 11.82 9.86
C ALA A 23 6.91 13.20 9.72
N ASP A 24 5.74 13.39 10.34
CA ASP A 24 5.02 14.66 10.30
C ASP A 24 4.42 14.93 8.91
N ALA A 25 4.62 14.02 7.95
CA ALA A 25 4.10 14.17 6.60
C ALA A 25 4.65 13.09 5.66
N HIS A 26 4.13 13.04 4.43
CA HIS A 26 4.58 12.08 3.44
C HIS A 26 3.89 12.34 2.09
N ASP A 27 2.58 12.21 2.08
CA ASP A 27 1.78 12.44 0.88
C ASP A 27 0.29 12.50 1.22
N SER A 28 -0.19 11.48 1.95
CA SER A 28 -1.60 11.42 2.34
C SER A 28 -1.76 10.62 3.63
N LEU A 29 -2.89 10.84 4.33
CA LEU A 29 -3.17 10.14 5.57
C LEU A 29 -4.64 9.72 5.65
N ASN A 30 -5.54 10.72 5.68
CA ASN A 30 -6.97 10.45 5.74
C ASN A 30 -7.57 10.34 4.34
N ASP A 31 -7.11 11.21 3.44
CA ASP A 31 -7.60 11.21 2.06
C ASP A 31 -7.41 9.86 1.38
N ILE A 32 -6.30 9.18 1.69
CA ILE A 32 -6.03 7.87 1.09
C ILE A 32 -7.17 6.89 1.36
N ASP A 33 -7.87 7.07 2.48
CA ASP A 33 -8.99 6.21 2.83
C ASP A 33 -10.00 6.15 1.69
N GLN A 34 -10.14 7.26 0.96
CA GLN A 34 -11.07 7.33 -0.16
C GLN A 34 -10.48 6.67 -1.40
N LEU A 35 -9.21 6.97 -1.71
CA LEU A 35 -8.55 6.38 -2.87
C LEU A 35 -8.23 4.90 -2.61
N ALA A 36 -8.15 4.52 -1.34
CA ALA A 36 -7.86 3.14 -0.95
C ALA A 36 -9.15 2.33 -0.83
N ARG A 37 -10.29 3.01 -0.79
CA ARG A 37 -11.59 2.36 -0.70
C ARG A 37 -11.77 1.37 -1.86
N LEU A 38 -11.10 1.65 -2.97
CA LEU A 38 -11.17 0.78 -4.14
C LEU A 38 -10.14 -0.32 -4.06
N ILE A 39 -8.91 0.04 -3.70
CA ILE A 39 -7.81 -0.93 -3.58
C ILE A 39 -8.14 -1.98 -2.52
N ARG A 40 -9.00 -1.62 -1.56
CA ARG A 40 -9.40 -2.54 -0.51
C ARG A 40 -10.35 -3.60 -1.06
N ALA A 41 -10.99 -3.29 -2.19
CA ALA A 41 -11.93 -4.20 -2.83
C ALA A 41 -11.23 -5.21 -3.76
N ASN A 42 -9.91 -5.09 -3.91
CA ASN A 42 -9.15 -5.99 -4.79
C ASN A 42 -9.19 -7.44 -4.30
N GLY A 43 -9.30 -7.62 -2.99
CA GLY A 43 -9.32 -8.96 -2.42
C GLY A 43 -8.53 -9.05 -1.13
N GLY A 44 -7.44 -8.29 -1.05
CA GLY A 44 -6.60 -8.28 0.14
C GLY A 44 -7.27 -7.61 1.34
N GLU A 45 -6.54 -6.72 2.01
CA GLU A 45 -7.08 -6.03 3.18
C GLU A 45 -6.21 -4.83 3.56
N VAL A 46 -6.83 -3.66 3.61
CA VAL A 46 -6.11 -2.43 3.96
C VAL A 46 -6.83 -1.68 5.09
N LEU A 47 -6.06 -1.25 6.09
CA LEU A 47 -6.62 -0.52 7.22
C LEU A 47 -6.01 0.89 7.29
N ASP A 48 -6.74 1.87 6.77
CA ASP A 48 -6.27 3.26 6.76
C ASP A 48 -6.39 3.89 8.16
N SER A 49 -5.25 4.00 8.84
CA SER A 49 -5.22 4.60 10.18
C SER A 49 -4.06 5.57 10.32
N LYS A 50 -4.33 6.71 10.96
CA LYS A 50 -3.31 7.73 11.16
C LYS A 50 -2.93 7.84 12.65
N PRO A 51 -1.91 7.10 13.08
CA PRO A 51 -1.46 7.09 14.47
C PRO A 51 -0.45 8.21 14.78
N ARG A 52 0.51 8.41 13.89
CA ARG A 52 1.55 9.44 14.07
C ARG A 52 2.34 9.21 15.37
N GLU A 53 2.46 7.95 15.76
CA GLU A 53 3.20 7.60 16.96
C GLU A 53 4.54 6.96 16.60
N SER A 54 5.63 7.53 17.09
CA SER A 54 6.96 7.01 16.80
C SER A 54 7.29 5.84 17.72
N LYS A 55 7.09 4.63 17.21
CA LYS A 55 7.36 3.41 17.97
C LYS A 55 7.97 2.32 17.07
N GLU A 56 8.59 2.74 15.96
CA GLU A 56 9.20 1.82 15.02
C GLU A 56 8.22 0.70 14.60
N ASN A 57 6.92 1.01 14.67
CA ASN A 57 5.90 0.03 14.30
C ASN A 57 4.79 0.68 13.45
N VAL A 58 5.17 1.70 12.67
CA VAL A 58 4.22 2.39 11.81
C VAL A 58 4.73 2.46 10.37
N PHE A 59 4.15 1.62 9.51
CA PHE A 59 4.54 1.57 8.09
C PHE A 59 3.37 1.13 7.23
N ILE A 60 3.38 1.53 5.96
CA ILE A 60 2.32 1.19 5.03
C ILE A 60 2.82 0.22 3.95
N VAL A 61 2.30 -1.01 3.96
CA VAL A 61 2.70 -2.03 2.98
C VAL A 61 1.78 -2.03 1.77
N SER A 62 2.32 -2.43 0.61
CA SER A 62 1.56 -2.48 -0.63
C SER A 62 1.17 -3.91 -0.99
N PRO A 63 0.16 -4.09 -1.86
CA PRO A 63 -0.32 -5.42 -2.28
C PRO A 63 0.75 -6.20 -3.05
N TYR A 64 1.19 -7.31 -2.47
CA TYR A 64 2.21 -8.17 -3.09
C TYR A 64 2.52 -9.37 -2.20
N ASN A 65 3.25 -9.15 -1.12
CA ASN A 65 3.62 -10.22 -0.19
C ASN A 65 3.36 -9.82 1.26
N HIS A 66 3.13 -10.81 2.11
CA HIS A 66 2.87 -10.57 3.53
C HIS A 66 4.16 -10.20 4.25
N THR A 67 4.21 -8.97 4.77
CA THR A 67 5.38 -8.48 5.49
C THR A 67 5.14 -7.07 6.01
N ASN A 68 5.16 -6.91 7.32
CA ASN A 68 4.92 -5.61 7.95
C ASN A 68 6.24 -4.92 8.32
N LEU A 69 7.33 -5.36 7.68
CA LEU A 69 8.65 -4.78 7.94
C LEU A 69 8.94 -3.63 6.95
N PRO A 70 8.84 -3.87 5.63
CA PRO A 70 9.08 -2.86 4.60
C PRO A 70 7.99 -1.78 4.55
N THR A 71 8.09 -0.87 3.58
CA THR A 71 7.12 0.20 3.44
C THR A 71 6.96 0.62 1.97
N VAL A 72 5.86 1.29 1.65
CA VAL A 72 5.58 1.75 0.29
C VAL A 72 4.88 3.11 0.31
N THR A 73 4.95 3.84 -0.81
CA THR A 73 4.31 5.16 -0.90
C THR A 73 2.79 5.04 -1.04
N PRO A 74 2.03 5.94 -0.38
CA PRO A 74 0.57 5.95 -0.44
C PRO A 74 0.04 6.39 -1.80
N THR A 75 0.69 7.41 -2.39
CA THR A 75 0.30 7.93 -3.70
C THR A 75 0.42 6.85 -4.78
N TYR A 76 1.22 5.81 -4.51
CA TYR A 76 1.40 4.71 -5.45
C TYR A 76 0.06 4.17 -5.96
N ILE A 77 -0.98 4.27 -5.13
CA ILE A 77 -2.31 3.81 -5.50
C ILE A 77 -2.82 4.54 -6.75
N LYS A 78 -2.78 5.86 -6.73
CA LYS A 78 -3.23 6.67 -7.87
C LYS A 78 -2.50 6.26 -9.15
N ALA A 79 -1.23 5.89 -9.01
CA ALA A 79 -0.42 5.47 -10.15
C ALA A 79 -0.67 4.00 -10.50
N CYS A 80 -1.12 3.21 -9.52
CA CYS A 80 -1.40 1.80 -9.75
C CYS A 80 -2.81 1.59 -10.29
N CYS A 81 -3.73 2.48 -9.92
CA CYS A 81 -5.11 2.39 -10.37
C CYS A 81 -5.32 3.08 -11.72
N GLN A 82 -4.57 4.17 -11.95
CA GLN A 82 -4.69 4.92 -13.21
C GLN A 82 -3.59 4.52 -14.21
N SER A 83 -2.35 4.39 -13.72
CA SER A 83 -1.24 4.01 -14.60
C SER A 83 -1.05 2.50 -14.64
N ASN A 84 -1.60 1.78 -13.66
CA ASN A 84 -1.49 0.33 -13.60
C ASN A 84 -0.05 -0.10 -13.27
N SER A 85 0.85 0.06 -14.23
CA SER A 85 2.25 -0.30 -14.03
C SER A 85 3.15 0.50 -14.97
N LEU A 86 2.89 1.79 -15.07
CA LEU A 86 3.68 2.68 -15.92
C LEU A 86 4.83 3.30 -15.14
N LEU A 87 4.59 3.59 -13.87
CA LEU A 87 5.61 4.19 -13.00
C LEU A 87 5.88 3.31 -11.78
N ASN A 88 6.73 2.31 -11.95
CA ASN A 88 7.08 1.40 -10.85
C ASN A 88 8.23 1.97 -10.01
N MET A 89 9.05 2.83 -10.61
CA MET A 89 10.16 3.45 -9.90
C MET A 89 9.65 4.24 -8.70
N GLU A 90 8.38 4.66 -8.77
CA GLU A 90 7.76 5.42 -7.69
C GLU A 90 7.29 4.54 -6.54
N ASN A 91 7.54 3.24 -6.64
CA ASN A 91 7.16 2.32 -5.57
C ASN A 91 7.71 2.85 -4.25
N TYR A 92 8.85 3.54 -4.32
CA TYR A 92 9.49 4.12 -3.15
C TYR A 92 9.47 3.14 -1.98
N LEU A 93 9.66 1.86 -2.30
CA LEU A 93 9.65 0.81 -1.28
C LEU A 93 10.82 0.99 -0.32
N VAL A 94 10.54 0.79 0.97
CA VAL A 94 11.55 0.94 2.01
C VAL A 94 12.09 -0.42 2.44
N PRO A 95 13.32 -0.78 1.99
CA PRO A 95 13.95 -2.06 2.34
C PRO A 95 14.32 -2.15 3.81
N TYR A 96 14.28 -3.37 4.36
CA TYR A 96 14.62 -3.59 5.76
C TYR A 96 15.39 -4.89 5.94
N ASP A 97 14.80 -6.01 5.51
CA ASP A 97 15.44 -7.32 5.62
C ASP A 97 16.49 -7.51 4.51
N ASN A 98 16.25 -6.92 3.34
CA ASN A 98 17.18 -7.04 2.22
C ASN A 98 16.88 -5.99 1.16
N GLU A 2 -7.17 -29.60 0.71
CA GLU A 2 -5.98 -29.60 1.61
C GLU A 2 -4.97 -28.55 1.19
N LYS A 3 -4.43 -28.69 -0.04
CA LYS A 3 -3.44 -27.75 -0.56
C LYS A 3 -4.00 -26.99 -1.77
N LYS A 4 -4.16 -25.69 -1.61
CA LYS A 4 -4.68 -24.84 -2.70
C LYS A 4 -3.53 -24.23 -3.49
N GLU A 5 -2.99 -25.00 -4.44
CA GLU A 5 -1.87 -24.55 -5.27
C GLU A 5 -2.32 -23.42 -6.20
N GLN A 6 -1.56 -22.31 -6.19
CA GLN A 6 -1.87 -21.16 -7.03
C GLN A 6 -0.59 -20.52 -7.57
N VAL A 7 -0.35 -20.69 -8.87
CA VAL A 7 0.82 -20.12 -9.51
C VAL A 7 0.52 -18.73 -10.10
N SER A 8 -0.69 -18.58 -10.65
CA SER A 8 -1.11 -17.31 -11.24
C SER A 8 -1.95 -16.52 -10.25
N GLY A 9 -1.37 -15.45 -9.69
CA GLY A 9 -2.08 -14.61 -8.75
C GLY A 9 -2.59 -13.34 -9.38
N PRO A 10 -3.93 -13.12 -9.39
CA PRO A 10 -4.54 -11.93 -9.98
C PRO A 10 -3.96 -10.62 -9.42
N PRO A 11 -4.26 -9.48 -10.07
CA PRO A 11 -3.78 -8.16 -9.63
C PRO A 11 -4.52 -7.63 -8.40
N LEU A 12 -5.50 -8.40 -7.91
CA LEU A 12 -6.28 -8.00 -6.74
C LEU A 12 -6.22 -9.08 -5.68
N SER A 13 -6.46 -8.69 -4.43
CA SER A 13 -6.45 -9.62 -3.30
C SER A 13 -5.09 -10.29 -3.13
N ASN A 14 -4.28 -9.77 -2.20
CA ASN A 14 -2.95 -10.32 -1.94
C ASN A 14 -2.50 -9.99 -0.52
N MET A 15 -2.05 -8.74 -0.31
CA MET A 15 -1.59 -8.28 1.01
C MET A 15 -1.42 -6.77 1.01
N LYS A 16 -2.03 -6.11 2.00
CA LYS A 16 -1.95 -4.66 2.11
C LYS A 16 -1.94 -4.22 3.57
N PHE A 17 -1.38 -3.05 3.83
CA PHE A 17 -1.30 -2.51 5.18
C PHE A 17 -1.12 -1.00 5.14
N TYR A 18 -1.97 -0.28 5.86
CA TYR A 18 -1.88 1.18 5.89
C TYR A 18 -1.59 1.67 7.30
N LEU A 19 -0.41 2.27 7.49
CA LEU A 19 -0.01 2.81 8.78
C LEU A 19 1.06 3.87 8.63
N ASN A 20 0.62 5.14 8.67
CA ASN A 20 1.52 6.28 8.52
C ASN A 20 2.68 6.21 9.51
N ARG A 21 3.91 6.22 8.97
CA ARG A 21 5.11 6.15 9.80
C ARG A 21 5.28 7.43 10.63
N ASP A 22 4.76 8.55 10.13
CA ASP A 22 4.85 9.85 10.80
C ASP A 22 6.20 10.54 10.55
N ALA A 23 7.13 9.81 9.93
CA ALA A 23 8.44 10.37 9.62
C ALA A 23 8.49 10.90 8.19
N ASP A 24 7.68 10.30 7.31
CA ASP A 24 7.63 10.70 5.90
C ASP A 24 6.18 10.81 5.42
N ALA A 25 5.28 11.20 6.33
CA ALA A 25 3.86 11.35 5.99
C ALA A 25 3.56 12.77 5.50
N HIS A 26 4.22 13.17 4.43
CA HIS A 26 4.02 14.50 3.86
C HIS A 26 3.48 14.40 2.43
N ASP A 27 2.81 13.30 2.11
CA ASP A 27 2.24 13.08 0.80
C ASP A 27 0.76 12.72 0.90
N SER A 28 0.45 11.75 1.76
CA SER A 28 -0.92 11.30 1.95
C SER A 28 -1.11 10.65 3.33
N LEU A 29 -2.27 10.87 3.94
CA LEU A 29 -2.57 10.30 5.25
C LEU A 29 -4.03 9.91 5.37
N ASN A 30 -4.92 10.90 5.34
CA ASN A 30 -6.35 10.66 5.44
C ASN A 30 -6.96 10.48 4.04
N ASP A 31 -6.45 11.22 3.07
CA ASP A 31 -6.94 11.16 1.69
C ASP A 31 -6.85 9.74 1.13
N ILE A 32 -5.79 9.02 1.50
CA ILE A 32 -5.62 7.64 1.02
C ILE A 32 -6.81 6.77 1.39
N ASP A 33 -7.45 7.09 2.51
CA ASP A 33 -8.62 6.36 2.96
C ASP A 33 -9.66 6.26 1.84
N GLN A 34 -9.77 7.34 1.06
CA GLN A 34 -10.71 7.39 -0.05
C GLN A 34 -10.21 6.58 -1.25
N LEU A 35 -8.93 6.75 -1.60
CA LEU A 35 -8.35 6.02 -2.73
C LEU A 35 -8.14 4.54 -2.40
N ALA A 36 -8.06 4.23 -1.10
CA ALA A 36 -7.88 2.87 -0.64
C ALA A 36 -9.21 2.17 -0.39
N ARG A 37 -10.29 2.97 -0.30
CA ARG A 37 -11.63 2.43 -0.08
C ARG A 37 -11.98 1.37 -1.13
N LEU A 38 -11.36 1.48 -2.31
CA LEU A 38 -11.60 0.53 -3.40
C LEU A 38 -10.60 -0.63 -3.35
N ILE A 39 -9.36 -0.32 -2.99
CA ILE A 39 -8.31 -1.33 -2.88
C ILE A 39 -8.65 -2.35 -1.80
N ARG A 40 -9.34 -1.88 -0.75
CA ARG A 40 -9.76 -2.75 0.34
C ARG A 40 -10.94 -3.62 -0.09
N ALA A 41 -11.69 -3.13 -1.07
CA ALA A 41 -12.85 -3.85 -1.59
C ALA A 41 -12.49 -4.69 -2.82
N ASN A 42 -11.29 -4.47 -3.37
CA ASN A 42 -10.84 -5.21 -4.55
C ASN A 42 -10.66 -6.70 -4.24
N GLY A 43 -10.37 -7.02 -2.99
CA GLY A 43 -10.19 -8.41 -2.61
C GLY A 43 -9.15 -8.59 -1.50
N GLY A 44 -8.20 -7.67 -1.43
CA GLY A 44 -7.15 -7.75 -0.42
C GLY A 44 -7.62 -7.24 0.94
N GLU A 45 -6.72 -6.63 1.69
CA GLU A 45 -7.04 -6.10 3.01
C GLU A 45 -6.12 -4.95 3.39
N VAL A 46 -6.71 -3.79 3.63
CA VAL A 46 -5.95 -2.61 4.01
C VAL A 46 -6.68 -1.81 5.11
N LEU A 47 -5.90 -1.30 6.07
CA LEU A 47 -6.48 -0.52 7.18
C LEU A 47 -5.92 0.90 7.19
N ASP A 48 -6.70 1.84 6.65
CA ASP A 48 -6.29 3.24 6.60
C ASP A 48 -6.34 3.90 7.99
N SER A 49 -5.23 3.85 8.71
CA SER A 49 -5.16 4.43 10.05
C SER A 49 -3.86 5.18 10.27
N LYS A 50 -3.97 6.40 10.77
CA LYS A 50 -2.80 7.24 11.04
C LYS A 50 -2.66 7.48 12.55
N PRO A 51 -1.87 6.63 13.23
CA PRO A 51 -1.66 6.74 14.68
C PRO A 51 -0.76 7.91 15.06
N ARG A 52 0.19 8.25 14.17
CA ARG A 52 1.13 9.34 14.40
C ARG A 52 2.02 9.06 15.61
N GLU A 53 2.24 7.77 15.90
CA GLU A 53 3.08 7.37 17.01
C GLU A 53 4.35 6.69 16.51
N SER A 54 5.50 7.22 16.89
CA SER A 54 6.78 6.67 16.47
C SER A 54 7.21 5.53 17.41
N LYS A 55 6.93 4.30 17.00
CA LYS A 55 7.29 3.12 17.80
C LYS A 55 7.82 1.98 16.92
N GLU A 56 8.32 2.33 15.73
CA GLU A 56 8.84 1.34 14.79
C GLU A 56 7.77 0.31 14.42
N ASN A 57 6.50 0.67 14.58
CA ASN A 57 5.38 -0.22 14.26
C ASN A 57 4.37 0.49 13.36
N VAL A 58 4.85 1.40 12.52
CA VAL A 58 3.99 2.16 11.60
C VAL A 58 4.57 2.18 10.18
N PHE A 59 3.95 1.41 9.28
CA PHE A 59 4.40 1.33 7.89
C PHE A 59 3.24 0.96 6.96
N ILE A 60 3.32 1.43 5.73
CA ILE A 60 2.30 1.16 4.73
C ILE A 60 2.83 0.25 3.61
N VAL A 61 2.32 -0.97 3.56
CA VAL A 61 2.75 -1.94 2.55
C VAL A 61 1.80 -1.94 1.35
N SER A 62 2.36 -2.18 0.16
CA SER A 62 1.57 -2.21 -1.08
C SER A 62 1.27 -3.64 -1.51
N PRO A 63 0.19 -3.85 -2.29
CA PRO A 63 -0.19 -5.18 -2.78
C PRO A 63 0.92 -5.86 -3.56
N TYR A 64 1.46 -6.93 -2.98
CA TYR A 64 2.54 -7.69 -3.62
C TYR A 64 2.99 -8.86 -2.73
N ASN A 65 3.75 -8.54 -1.68
CA ASN A 65 4.25 -9.56 -0.75
C ASN A 65 3.99 -9.16 0.70
N HIS A 66 3.87 -10.15 1.58
CA HIS A 66 3.63 -9.89 3.00
C HIS A 66 4.93 -9.54 3.70
N THR A 67 5.00 -8.30 4.21
CA THR A 67 6.19 -7.83 4.91
C THR A 67 5.82 -6.78 5.95
N ASN A 68 5.72 -7.19 7.21
CA ASN A 68 5.36 -6.29 8.29
C ASN A 68 6.61 -5.61 8.85
N LEU A 69 7.24 -4.77 8.02
CA LEU A 69 8.45 -4.05 8.41
C LEU A 69 8.70 -2.85 7.47
N PRO A 70 8.99 -3.12 6.18
CA PRO A 70 9.24 -2.06 5.18
C PRO A 70 8.01 -1.20 4.89
N THR A 71 8.21 -0.14 4.11
CA THR A 71 7.13 0.79 3.75
C THR A 71 7.19 1.16 2.27
N VAL A 72 6.06 1.60 1.72
CA VAL A 72 5.98 2.00 0.31
C VAL A 72 5.20 3.32 0.17
N THR A 73 5.30 3.96 -0.98
CA THR A 73 4.58 5.22 -1.22
C THR A 73 3.08 4.97 -1.33
N PRO A 74 2.25 5.94 -0.85
CA PRO A 74 0.79 5.83 -0.90
C PRO A 74 0.23 5.97 -2.30
N THR A 75 0.85 6.85 -3.10
CA THR A 75 0.42 7.08 -4.48
C THR A 75 0.46 5.79 -5.32
N TYR A 76 1.18 4.77 -4.82
CA TYR A 76 1.28 3.48 -5.52
C TYR A 76 -0.09 3.00 -6.00
N ILE A 77 -1.13 3.27 -5.21
CA ILE A 77 -2.49 2.85 -5.56
C ILE A 77 -2.93 3.48 -6.88
N LYS A 78 -3.00 4.82 -6.91
CA LYS A 78 -3.42 5.54 -8.11
C LYS A 78 -2.51 5.21 -9.30
N ALA A 79 -1.25 4.88 -9.00
CA ALA A 79 -0.27 4.54 -10.05
C ALA A 79 -0.39 3.08 -10.48
N CYS A 80 -0.92 2.22 -9.62
CA CYS A 80 -1.06 0.81 -9.93
C CYS A 80 -2.48 0.48 -10.43
N CYS A 81 -3.46 1.27 -10.00
CA CYS A 81 -4.84 1.05 -10.42
C CYS A 81 -5.13 1.76 -11.74
N GLN A 82 -4.53 2.94 -11.92
CA GLN A 82 -4.73 3.72 -13.14
C GLN A 82 -3.59 3.53 -14.13
N SER A 83 -2.35 3.54 -13.63
CA SER A 83 -1.17 3.40 -14.49
C SER A 83 -0.64 1.96 -14.49
N ASN A 84 -1.01 1.16 -13.48
CA ASN A 84 -0.55 -0.22 -13.36
C ASN A 84 0.96 -0.27 -13.07
N SER A 85 1.77 0.02 -14.09
CA SER A 85 3.22 0.02 -13.94
C SER A 85 3.86 1.22 -14.66
N LEU A 86 3.06 2.23 -14.97
CA LEU A 86 3.54 3.43 -15.63
C LEU A 86 4.36 4.28 -14.66
N LEU A 87 3.98 4.26 -13.38
CA LEU A 87 4.69 5.02 -12.35
C LEU A 87 5.60 4.13 -11.53
N ASN A 88 6.90 4.21 -11.79
CA ASN A 88 7.90 3.43 -11.09
C ASN A 88 8.35 4.14 -9.81
N MET A 89 8.14 5.46 -9.76
CA MET A 89 8.52 6.25 -8.59
C MET A 89 7.85 5.68 -7.33
N GLU A 90 6.74 4.95 -7.52
CA GLU A 90 6.03 4.34 -6.41
C GLU A 90 6.86 3.27 -5.71
N ASN A 91 7.92 2.81 -6.38
CA ASN A 91 8.81 1.81 -5.82
C ASN A 91 9.73 2.42 -4.75
N TYR A 92 9.48 3.68 -4.37
CA TYR A 92 10.27 4.38 -3.35
C TYR A 92 10.05 3.80 -1.95
N LEU A 93 9.99 2.48 -1.85
CA LEU A 93 9.80 1.81 -0.59
C LEU A 93 11.07 1.87 0.26
N VAL A 94 10.93 1.63 1.56
CA VAL A 94 12.06 1.65 2.48
C VAL A 94 12.55 0.22 2.76
N PRO A 95 13.67 -0.17 2.15
CA PRO A 95 14.26 -1.51 2.33
C PRO A 95 15.12 -1.59 3.58
N TYR A 96 15.58 -2.79 3.90
CA TYR A 96 16.42 -3.02 5.08
C TYR A 96 15.73 -2.54 6.36
N ASP A 97 14.42 -2.79 6.44
CA ASP A 97 13.63 -2.39 7.60
C ASP A 97 13.57 -3.52 8.63
N ASN A 98 14.74 -4.07 8.96
CA ASN A 98 14.83 -5.16 9.93
C ASN A 98 15.11 -4.64 11.35
N GLU A 2 -21.73 -24.69 -26.43
CA GLU A 2 -20.85 -24.07 -25.41
C GLU A 2 -20.69 -24.98 -24.20
N LYS A 3 -19.52 -25.62 -24.08
CA LYS A 3 -19.25 -26.51 -22.96
C LYS A 3 -17.88 -26.20 -22.33
N LYS A 4 -17.87 -25.25 -21.39
CA LYS A 4 -16.64 -24.85 -20.71
C LYS A 4 -16.94 -24.06 -19.45
N GLU A 5 -16.91 -24.74 -18.30
CA GLU A 5 -17.18 -24.09 -17.02
C GLU A 5 -15.88 -23.85 -16.25
N GLN A 6 -15.49 -22.57 -16.15
CA GLN A 6 -14.27 -22.20 -15.44
C GLN A 6 -14.49 -20.94 -14.60
N VAL A 7 -14.16 -21.02 -13.31
CA VAL A 7 -14.32 -19.89 -12.40
C VAL A 7 -13.17 -18.89 -12.58
N SER A 8 -13.52 -17.62 -12.70
CA SER A 8 -12.53 -16.56 -12.87
C SER A 8 -11.92 -16.15 -11.52
N GLY A 9 -10.75 -15.51 -11.58
CA GLY A 9 -10.09 -15.07 -10.37
C GLY A 9 -10.46 -13.66 -9.97
N PRO A 10 -10.02 -13.20 -8.79
CA PRO A 10 -10.33 -11.85 -8.29
C PRO A 10 -9.60 -10.77 -9.08
N PRO A 11 -10.12 -9.53 -9.06
CA PRO A 11 -9.51 -8.39 -9.77
C PRO A 11 -8.01 -8.26 -9.48
N LEU A 12 -7.65 -8.25 -8.20
CA LEU A 12 -6.25 -8.14 -7.79
C LEU A 12 -5.98 -9.03 -6.57
N SER A 13 -6.25 -8.50 -5.37
CA SER A 13 -6.05 -9.24 -4.13
C SER A 13 -4.58 -9.62 -3.92
N ASN A 14 -3.98 -9.10 -2.84
CA ASN A 14 -2.58 -9.41 -2.52
C ASN A 14 -2.27 -9.13 -1.05
N MET A 15 -2.01 -7.85 -0.73
CA MET A 15 -1.70 -7.44 0.64
C MET A 15 -1.52 -5.93 0.71
N LYS A 16 -2.19 -5.30 1.66
CA LYS A 16 -2.11 -3.86 1.83
C LYS A 16 -2.22 -3.47 3.30
N PHE A 17 -1.54 -2.40 3.67
CA PHE A 17 -1.55 -1.95 5.05
C PHE A 17 -1.17 -0.48 5.12
N TYR A 18 -2.08 0.37 5.58
CA TYR A 18 -1.77 1.79 5.69
C TYR A 18 -1.68 2.20 7.15
N LEU A 19 -0.47 2.14 7.70
CA LEU A 19 -0.26 2.50 9.09
C LEU A 19 0.85 3.56 9.24
N ASN A 20 0.78 4.56 8.34
CA ASN A 20 1.68 5.73 8.26
C ASN A 20 2.83 5.76 9.31
N ARG A 21 4.08 5.80 8.82
CA ARG A 21 5.27 5.89 9.69
C ARG A 21 5.70 7.34 9.94
N ASP A 22 6.29 7.97 8.91
CA ASP A 22 6.78 9.36 9.01
C ASP A 22 7.51 9.80 7.73
N ALA A 23 8.19 8.85 7.08
CA ALA A 23 8.93 9.12 5.84
C ALA A 23 7.97 9.09 4.66
N ASP A 24 7.23 8.00 4.54
CA ASP A 24 6.24 7.83 3.47
C ASP A 24 4.89 8.39 3.91
N ALA A 25 4.71 8.61 5.22
CA ALA A 25 3.47 9.15 5.75
C ALA A 25 3.44 10.67 5.72
N HIS A 26 3.70 11.25 4.54
CA HIS A 26 3.71 12.70 4.38
C HIS A 26 3.00 13.12 3.09
N ASP A 27 2.14 12.24 2.57
CA ASP A 27 1.39 12.53 1.34
C ASP A 27 -0.10 12.56 1.62
N SER A 28 -0.58 11.58 2.39
CA SER A 28 -2.01 11.49 2.74
C SER A 28 -2.20 10.64 3.99
N LEU A 29 -3.32 10.87 4.69
CA LEU A 29 -3.64 10.11 5.90
C LEU A 29 -5.09 9.66 5.91
N ASN A 30 -6.01 10.63 6.00
CA ASN A 30 -7.44 10.32 6.01
C ASN A 30 -8.01 10.31 4.59
N ASP A 31 -7.36 11.05 3.68
CA ASP A 31 -7.81 11.13 2.29
C ASP A 31 -7.46 9.86 1.50
N ILE A 32 -6.68 8.97 2.09
CA ILE A 32 -6.29 7.72 1.44
C ILE A 32 -7.27 6.59 1.74
N ASP A 33 -7.95 6.67 2.89
CA ASP A 33 -8.93 5.66 3.27
C ASP A 33 -10.06 5.60 2.24
N GLN A 34 -10.32 6.74 1.59
CA GLN A 34 -11.37 6.82 0.58
C GLN A 34 -10.86 6.30 -0.76
N LEU A 35 -9.63 6.66 -1.13
CA LEU A 35 -9.05 6.20 -2.39
C LEU A 35 -8.62 4.73 -2.27
N ALA A 36 -8.39 4.27 -1.05
CA ALA A 36 -7.99 2.90 -0.78
C ALA A 36 -9.19 1.97 -0.71
N ARG A 37 -10.38 2.54 -0.43
CA ARG A 37 -11.61 1.76 -0.36
C ARG A 37 -11.85 1.00 -1.67
N LEU A 38 -11.42 1.60 -2.77
CA LEU A 38 -11.57 0.99 -4.09
C LEU A 38 -10.69 -0.25 -4.23
N ILE A 39 -9.40 -0.10 -3.92
CA ILE A 39 -8.45 -1.21 -3.97
C ILE A 39 -8.68 -2.20 -2.82
N ARG A 40 -9.30 -1.72 -1.74
CA ARG A 40 -9.62 -2.55 -0.59
C ARG A 40 -10.76 -3.49 -0.92
N ALA A 41 -11.63 -3.07 -1.84
CA ALA A 41 -12.76 -3.88 -2.26
C ALA A 41 -12.42 -4.69 -3.51
N ASN A 42 -11.25 -4.40 -4.11
CA ASN A 42 -10.78 -5.09 -5.30
C ASN A 42 -10.49 -6.57 -5.02
N GLY A 43 -10.26 -6.91 -3.76
CA GLY A 43 -9.98 -8.29 -3.39
C GLY A 43 -8.92 -8.40 -2.30
N GLY A 44 -8.05 -7.40 -2.20
CA GLY A 44 -7.01 -7.42 -1.18
C GLY A 44 -7.53 -7.04 0.19
N GLU A 45 -6.72 -6.30 0.95
CA GLU A 45 -7.10 -5.87 2.29
C GLU A 45 -6.20 -4.75 2.77
N VAL A 46 -6.79 -3.62 3.14
CA VAL A 46 -6.04 -2.46 3.63
C VAL A 46 -6.70 -1.84 4.85
N LEU A 47 -5.87 -1.31 5.75
CA LEU A 47 -6.37 -0.67 6.98
C LEU A 47 -5.70 0.69 7.17
N ASP A 48 -6.41 1.75 6.80
CA ASP A 48 -5.89 3.11 6.92
C ASP A 48 -5.96 3.59 8.37
N SER A 49 -4.79 3.90 8.93
CA SER A 49 -4.71 4.38 10.30
C SER A 49 -3.75 5.56 10.42
N LYS A 50 -4.25 6.67 10.97
CA LYS A 50 -3.43 7.87 11.13
C LYS A 50 -2.26 7.62 12.09
N PRO A 51 -1.08 8.17 11.79
CA PRO A 51 0.13 8.00 12.62
C PRO A 51 -0.02 8.66 14.00
N ARG A 52 0.73 8.14 14.97
CA ARG A 52 0.68 8.68 16.33
C ARG A 52 1.97 8.36 17.09
N GLU A 53 2.19 7.08 17.38
CA GLU A 53 3.38 6.65 18.10
C GLU A 53 4.50 6.34 17.12
N SER A 54 5.64 7.01 17.31
CA SER A 54 6.79 6.81 16.44
C SER A 54 7.78 5.83 17.08
N LYS A 55 7.67 4.56 16.67
CA LYS A 55 8.54 3.50 17.19
C LYS A 55 8.95 2.53 16.09
N GLU A 56 8.91 2.98 14.83
CA GLU A 56 9.26 2.14 13.68
C GLU A 56 8.31 0.95 13.55
N ASN A 57 7.14 1.04 14.18
CA ASN A 57 6.13 -0.03 14.12
C ASN A 57 5.03 0.36 13.13
N VAL A 58 4.64 1.63 13.15
CA VAL A 58 3.60 2.13 12.25
C VAL A 58 4.17 2.36 10.85
N PHE A 59 3.69 1.59 9.87
CA PHE A 59 4.16 1.71 8.49
C PHE A 59 3.09 1.29 7.47
N ILE A 60 3.38 1.55 6.20
CA ILE A 60 2.47 1.22 5.11
C ILE A 60 3.11 0.20 4.15
N VAL A 61 2.37 -0.87 3.83
CA VAL A 61 2.85 -1.91 2.92
C VAL A 61 2.16 -1.80 1.56
N SER A 62 2.84 -2.26 0.52
CA SER A 62 2.32 -2.21 -0.85
C SER A 62 1.82 -3.59 -1.30
N PRO A 63 0.98 -3.63 -2.36
CA PRO A 63 0.43 -4.87 -2.91
C PRO A 63 1.51 -5.80 -3.47
N TYR A 64 1.54 -7.04 -2.97
CA TYR A 64 2.51 -8.04 -3.39
C TYR A 64 3.85 -7.88 -2.68
N ASN A 65 3.98 -6.84 -1.85
CA ASN A 65 5.20 -6.59 -1.12
C ASN A 65 5.25 -7.47 0.14
N HIS A 66 6.17 -8.44 0.13
CA HIS A 66 6.33 -9.35 1.27
C HIS A 66 7.15 -8.69 2.37
N THR A 67 7.12 -9.28 3.57
CA THR A 67 7.86 -8.75 4.72
C THR A 67 7.22 -7.45 5.22
N ASN A 68 6.67 -7.49 6.42
CA ASN A 68 6.03 -6.31 7.01
C ASN A 68 7.02 -5.51 7.86
N LEU A 69 8.21 -5.28 7.30
CA LEU A 69 9.25 -4.52 7.97
C LEU A 69 9.47 -3.16 7.29
N PRO A 70 9.78 -3.15 5.97
CA PRO A 70 9.99 -1.90 5.21
C PRO A 70 8.71 -1.08 5.09
N THR A 71 8.72 -0.07 4.21
CA THR A 71 7.55 0.79 4.00
C THR A 71 7.51 1.28 2.56
N VAL A 72 6.33 1.67 2.09
CA VAL A 72 6.17 2.16 0.72
C VAL A 72 5.36 3.45 0.67
N THR A 73 5.32 4.08 -0.50
CA THR A 73 4.58 5.32 -0.67
C THR A 73 3.08 5.06 -0.82
N PRO A 74 2.23 5.93 -0.24
CA PRO A 74 0.77 5.81 -0.31
C PRO A 74 0.22 6.18 -1.69
N THR A 75 0.84 7.18 -2.32
CA THR A 75 0.45 7.65 -3.65
C THR A 75 0.45 6.52 -4.69
N TYR A 76 1.13 5.41 -4.37
CA TYR A 76 1.20 4.26 -5.28
C TYR A 76 -0.17 3.92 -5.87
N ILE A 77 -1.23 4.14 -5.09
CA ILE A 77 -2.60 3.88 -5.54
C ILE A 77 -2.91 4.62 -6.83
N LYS A 78 -2.62 5.91 -6.87
CA LYS A 78 -2.87 6.72 -8.06
C LYS A 78 -2.20 6.11 -9.29
N ALA A 79 -1.05 5.46 -9.08
CA ALA A 79 -0.32 4.81 -10.17
C ALA A 79 -0.79 3.36 -10.37
N CYS A 80 -1.38 2.76 -9.35
CA CYS A 80 -1.87 1.39 -9.44
C CYS A 80 -3.29 1.33 -10.00
N CYS A 81 -4.06 2.39 -9.75
CA CYS A 81 -5.44 2.46 -10.24
C CYS A 81 -5.50 3.08 -11.63
N GLN A 82 -4.60 4.02 -11.91
CA GLN A 82 -4.56 4.68 -13.22
C GLN A 82 -3.51 4.06 -14.14
N SER A 83 -2.31 3.82 -13.60
CA SER A 83 -1.23 3.23 -14.39
C SER A 83 -1.18 1.70 -14.25
N ASN A 84 -1.99 1.15 -13.34
CA ASN A 84 -2.04 -0.30 -13.11
C ASN A 84 -0.76 -0.80 -12.43
N SER A 85 0.33 -0.87 -13.21
CA SER A 85 1.62 -1.32 -12.69
C SER A 85 2.69 -1.24 -13.77
N LEU A 86 2.96 -0.02 -14.23
CA LEU A 86 3.97 0.21 -15.26
C LEU A 86 5.29 0.67 -14.65
N LEU A 87 5.22 1.57 -13.68
CA LEU A 87 6.42 2.09 -13.02
C LEU A 87 6.58 1.48 -11.62
N ASN A 88 7.25 0.33 -11.55
CA ASN A 88 7.48 -0.34 -10.27
C ASN A 88 8.58 0.36 -9.48
N MET A 89 9.51 0.99 -10.18
CA MET A 89 10.60 1.73 -9.53
C MET A 89 10.03 2.84 -8.63
N GLU A 90 8.77 3.23 -8.89
CA GLU A 90 8.12 4.27 -8.09
C GLU A 90 7.63 3.74 -6.74
N ASN A 91 7.83 2.44 -6.48
CA ASN A 91 7.44 1.87 -5.19
C ASN A 91 7.98 2.74 -4.08
N TYR A 92 9.14 3.39 -4.34
CA TYR A 92 9.80 4.26 -3.39
C TYR A 92 9.79 3.67 -1.99
N LEU A 93 9.97 2.35 -1.94
CA LEU A 93 9.99 1.64 -0.68
C LEU A 93 11.22 2.01 0.14
N VAL A 94 11.00 2.37 1.40
CA VAL A 94 12.08 2.76 2.30
C VAL A 94 12.79 1.53 2.85
N PRO A 95 14.05 1.30 2.44
CA PRO A 95 14.83 0.15 2.88
C PRO A 95 15.34 0.32 4.31
N TYR A 96 15.84 -0.77 4.89
CA TYR A 96 16.36 -0.75 6.25
C TYR A 96 17.35 -1.90 6.48
N ASP A 97 16.92 -3.11 6.10
CA ASP A 97 17.77 -4.30 6.25
C ASP A 97 18.48 -4.64 4.94
N ASN A 98 17.79 -4.44 3.81
CA ASN A 98 18.34 -4.71 2.49
C ASN A 98 18.56 -6.21 2.27
N GLU A 2 -6.43 -22.16 -19.76
CA GLU A 2 -7.81 -21.77 -20.18
C GLU A 2 -8.65 -21.35 -18.98
N LYS A 3 -9.35 -20.23 -19.12
CA LYS A 3 -10.20 -19.72 -18.04
C LYS A 3 -11.64 -19.53 -18.54
N LYS A 4 -12.55 -20.36 -18.03
CA LYS A 4 -13.95 -20.27 -18.42
C LYS A 4 -14.79 -19.65 -17.30
N GLU A 5 -14.19 -18.74 -16.55
CA GLU A 5 -14.88 -18.07 -15.44
C GLU A 5 -14.75 -16.55 -15.56
N GLN A 6 -15.72 -15.93 -16.23
CA GLN A 6 -15.73 -14.48 -16.42
C GLN A 6 -16.84 -13.83 -15.59
N VAL A 7 -17.04 -14.34 -14.37
CA VAL A 7 -18.07 -13.80 -13.48
C VAL A 7 -17.50 -13.56 -12.08
N SER A 8 -17.10 -14.64 -11.40
CA SER A 8 -16.55 -14.55 -10.06
C SER A 8 -15.04 -14.83 -10.07
N GLY A 9 -14.26 -13.93 -9.46
CA GLY A 9 -12.83 -14.09 -9.42
C GLY A 9 -12.15 -12.93 -8.70
N PRO A 10 -11.12 -13.21 -7.87
CA PRO A 10 -10.38 -12.17 -7.14
C PRO A 10 -9.44 -11.38 -8.04
N PRO A 11 -9.74 -10.09 -8.27
CA PRO A 11 -8.90 -9.23 -9.12
C PRO A 11 -7.51 -9.01 -8.53
N LEU A 12 -7.42 -8.98 -7.20
CA LEU A 12 -6.14 -8.78 -6.51
C LEU A 12 -6.01 -9.74 -5.33
N SER A 13 -6.64 -9.39 -4.21
CA SER A 13 -6.62 -10.21 -2.99
C SER A 13 -5.22 -10.72 -2.64
N ASN A 14 -4.46 -9.89 -1.91
CA ASN A 14 -3.10 -10.27 -1.50
C ASN A 14 -2.79 -9.81 -0.07
N MET A 15 -2.38 -8.55 0.07
CA MET A 15 -2.05 -8.00 1.40
C MET A 15 -1.86 -6.48 1.31
N LYS A 16 -2.45 -5.75 2.26
CA LYS A 16 -2.33 -4.30 2.30
C LYS A 16 -2.32 -3.81 3.75
N PHE A 17 -1.61 -2.71 4.01
CA PHE A 17 -1.53 -2.15 5.35
C PHE A 17 -1.14 -0.67 5.28
N TYR A 18 -1.87 0.17 6.02
CA TYR A 18 -1.59 1.61 6.01
C TYR A 18 -1.36 2.14 7.43
N LEU A 19 -0.17 2.69 7.66
CA LEU A 19 0.22 3.24 8.96
C LEU A 19 1.48 4.09 8.82
N ASN A 20 1.32 5.37 8.47
CA ASN A 20 2.46 6.27 8.30
C ASN A 20 3.36 6.29 9.53
N ARG A 21 4.67 6.27 9.31
CA ARG A 21 5.65 6.30 10.40
C ARG A 21 5.71 7.68 11.06
N ASP A 22 6.32 8.65 10.36
CA ASP A 22 6.44 10.02 10.87
C ASP A 22 7.10 10.94 9.83
N ALA A 23 6.64 10.84 8.58
CA ALA A 23 7.18 11.67 7.49
C ALA A 23 6.51 13.03 7.41
N ASP A 24 5.62 13.34 8.37
CA ASP A 24 4.91 14.61 8.39
C ASP A 24 3.98 14.78 7.18
N ALA A 25 3.48 13.65 6.66
CA ALA A 25 2.57 13.64 5.51
C ALA A 25 3.17 14.37 4.30
N HIS A 26 4.04 13.65 3.57
CA HIS A 26 4.67 14.21 2.38
C HIS A 26 4.11 13.60 1.09
N ASP A 27 2.82 13.23 1.12
CA ASP A 27 2.15 12.64 -0.04
C ASP A 27 0.64 12.60 0.16
N SER A 28 0.19 11.74 1.07
CA SER A 28 -1.23 11.59 1.37
C SER A 28 -1.45 10.73 2.61
N LEU A 29 -2.38 11.15 3.47
CA LEU A 29 -2.68 10.41 4.69
C LEU A 29 -4.18 10.09 4.79
N ASN A 30 -5.02 11.11 4.60
CA ASN A 30 -6.47 10.92 4.66
C ASN A 30 -7.03 10.57 3.28
N ASP A 31 -6.46 11.18 2.23
CA ASP A 31 -6.91 10.94 0.86
C ASP A 31 -6.78 9.46 0.47
N ILE A 32 -5.70 8.82 0.94
CA ILE A 32 -5.46 7.40 0.65
C ILE A 32 -6.61 6.52 1.12
N ASP A 33 -7.25 6.93 2.23
CA ASP A 33 -8.37 6.18 2.78
C ASP A 33 -9.44 5.95 1.71
N GLN A 34 -9.58 6.93 0.81
CA GLN A 34 -10.56 6.86 -0.27
C GLN A 34 -10.07 5.98 -1.42
N LEU A 35 -8.82 6.18 -1.87
CA LEU A 35 -8.26 5.38 -2.95
C LEU A 35 -8.03 3.94 -2.50
N ALA A 36 -7.85 3.75 -1.19
CA ALA A 36 -7.64 2.42 -0.62
C ALA A 36 -8.97 1.70 -0.40
N ARG A 37 -10.05 2.46 -0.23
CA ARG A 37 -11.38 1.88 -0.04
C ARG A 37 -11.75 1.00 -1.24
N LEU A 38 -11.26 1.38 -2.42
CA LEU A 38 -11.52 0.63 -3.65
C LEU A 38 -10.80 -0.72 -3.63
N ILE A 39 -9.48 -0.69 -3.37
CA ILE A 39 -8.68 -1.91 -3.31
C ILE A 39 -8.96 -2.71 -2.03
N ARG A 40 -9.55 -2.05 -1.03
CA ARG A 40 -9.88 -2.71 0.23
C ARG A 40 -11.02 -3.70 0.01
N ALA A 41 -11.91 -3.37 -0.93
CA ALA A 41 -13.04 -4.24 -1.25
C ALA A 41 -12.72 -5.17 -2.42
N ASN A 42 -11.52 -5.04 -2.99
CA ASN A 42 -11.08 -5.87 -4.12
C ASN A 42 -10.93 -7.33 -3.72
N GLY A 43 -10.60 -7.57 -2.45
CA GLY A 43 -10.41 -8.94 -1.97
C GLY A 43 -9.39 -9.01 -0.85
N GLY A 44 -8.45 -8.06 -0.82
CA GLY A 44 -7.43 -8.04 0.22
C GLY A 44 -7.94 -7.45 1.51
N GLU A 45 -7.12 -6.61 2.15
CA GLU A 45 -7.47 -5.97 3.40
C GLU A 45 -6.51 -4.82 3.71
N VAL A 46 -7.07 -3.63 3.94
CA VAL A 46 -6.27 -2.45 4.24
C VAL A 46 -6.90 -1.60 5.33
N LEU A 47 -6.04 -0.97 6.13
CA LEU A 47 -6.47 -0.11 7.22
C LEU A 47 -5.74 1.23 7.15
N ASP A 48 -6.43 2.26 6.65
CA ASP A 48 -5.82 3.59 6.50
C ASP A 48 -6.00 4.41 7.79
N SER A 49 -5.01 4.35 8.66
CA SER A 49 -5.06 5.10 9.92
C SER A 49 -3.72 5.77 10.20
N LYS A 50 -3.75 7.09 10.42
CA LYS A 50 -2.54 7.85 10.69
C LYS A 50 -2.51 8.36 12.13
N PRO A 51 -1.91 7.58 13.05
CA PRO A 51 -1.82 7.96 14.46
C PRO A 51 -0.65 8.90 14.77
N ARG A 52 0.39 8.85 13.93
CA ARG A 52 1.58 9.68 14.11
C ARG A 52 2.31 9.33 15.42
N GLU A 53 2.11 8.09 15.88
CA GLU A 53 2.74 7.64 17.12
C GLU A 53 3.97 6.79 16.80
N SER A 54 5.13 7.20 17.34
CA SER A 54 6.37 6.47 17.11
C SER A 54 6.50 5.28 18.07
N LYS A 55 6.11 4.10 17.59
CA LYS A 55 6.18 2.89 18.40
C LYS A 55 6.92 1.76 17.67
N GLU A 56 7.77 2.13 16.70
CA GLU A 56 8.54 1.16 15.92
C GLU A 56 7.63 0.09 15.30
N ASN A 57 6.36 0.44 15.08
CA ASN A 57 5.40 -0.50 14.49
C ASN A 57 4.36 0.23 13.61
N VAL A 58 4.84 1.23 12.86
CA VAL A 58 3.95 1.99 11.98
C VAL A 58 4.57 2.10 10.58
N PHE A 59 4.01 1.33 9.64
CA PHE A 59 4.50 1.32 8.26
C PHE A 59 3.37 0.98 7.28
N ILE A 60 3.59 1.24 6.00
CA ILE A 60 2.60 0.95 4.98
C ILE A 60 3.11 -0.11 3.99
N VAL A 61 2.33 -1.20 3.85
CA VAL A 61 2.70 -2.29 2.95
C VAL A 61 1.88 -2.24 1.65
N SER A 62 2.49 -2.70 0.56
CA SER A 62 1.84 -2.71 -0.76
C SER A 62 1.30 -4.10 -1.10
N PRO A 63 0.37 -4.17 -2.08
CA PRO A 63 -0.22 -5.43 -2.53
C PRO A 63 0.82 -6.41 -3.06
N TYR A 64 0.80 -7.64 -2.53
CA TYR A 64 1.76 -8.68 -2.93
C TYR A 64 3.13 -8.50 -2.27
N ASN A 65 3.28 -7.45 -1.43
CA ASN A 65 4.54 -7.18 -0.75
C ASN A 65 4.66 -8.03 0.51
N HIS A 66 5.46 -9.10 0.42
CA HIS A 66 5.67 -10.00 1.56
C HIS A 66 6.63 -9.37 2.57
N THR A 67 6.73 -9.99 3.75
CA THR A 67 7.59 -9.50 4.82
C THR A 67 7.02 -8.24 5.45
N ASN A 68 6.48 -8.38 6.66
CA ASN A 68 5.89 -7.27 7.38
C ASN A 68 6.96 -6.48 8.11
N LEU A 69 7.59 -5.55 7.40
CA LEU A 69 8.66 -4.71 7.98
C LEU A 69 9.01 -3.55 7.04
N PRO A 70 9.39 -3.84 5.77
CA PRO A 70 9.74 -2.78 4.80
C PRO A 70 8.57 -1.81 4.59
N THR A 71 8.75 -0.80 3.73
CA THR A 71 7.66 0.18 3.50
C THR A 71 7.60 0.61 2.03
N VAL A 72 6.44 1.10 1.60
CA VAL A 72 6.25 1.55 0.22
C VAL A 72 5.42 2.83 0.15
N THR A 73 5.45 3.52 -0.99
CA THR A 73 4.69 4.76 -1.17
C THR A 73 3.19 4.48 -1.25
N PRO A 74 2.35 5.46 -0.83
CA PRO A 74 0.89 5.31 -0.88
C PRO A 74 0.34 5.40 -2.30
N THR A 75 1.01 6.20 -3.13
CA THR A 75 0.62 6.39 -4.53
C THR A 75 0.62 5.07 -5.30
N TYR A 76 1.24 4.02 -4.74
CA TYR A 76 1.29 2.70 -5.37
C TYR A 76 -0.06 2.32 -5.97
N ILE A 77 -1.15 2.64 -5.27
CA ILE A 77 -2.49 2.35 -5.74
C ILE A 77 -2.90 3.27 -6.88
N LYS A 78 -2.96 4.58 -6.61
CA LYS A 78 -3.35 5.55 -7.65
C LYS A 78 -2.39 5.55 -8.86
N ALA A 79 -1.18 5.02 -8.67
CA ALA A 79 -0.19 4.96 -9.75
C ALA A 79 -0.30 3.66 -10.55
N CYS A 80 -0.62 2.56 -9.87
CA CYS A 80 -0.73 1.26 -10.53
C CYS A 80 -2.17 0.97 -10.98
N CYS A 81 -3.14 1.57 -10.29
CA CYS A 81 -4.55 1.36 -10.62
C CYS A 81 -5.02 2.36 -11.67
N GLN A 82 -4.51 3.59 -11.61
CA GLN A 82 -4.89 4.64 -12.56
C GLN A 82 -3.86 4.78 -13.68
N SER A 83 -2.57 4.73 -13.34
CA SER A 83 -1.51 4.85 -14.34
C SER A 83 -0.98 3.49 -14.80
N ASN A 84 -1.35 2.42 -14.09
CA ASN A 84 -0.91 1.07 -14.42
C ASN A 84 0.59 0.90 -14.15
N SER A 85 1.43 1.48 -15.01
CA SER A 85 2.88 1.39 -14.86
C SER A 85 3.55 2.70 -15.27
N LEU A 86 2.78 3.80 -15.28
CA LEU A 86 3.31 5.11 -15.65
C LEU A 86 4.12 5.71 -14.49
N LEU A 87 3.73 5.37 -13.26
CA LEU A 87 4.42 5.89 -12.07
C LEU A 87 5.33 4.81 -11.47
N ASN A 88 6.63 4.91 -11.79
CA ASN A 88 7.62 3.96 -11.27
C ASN A 88 8.13 4.42 -9.90
N MET A 89 8.00 5.72 -9.60
CA MET A 89 8.43 6.27 -8.31
C MET A 89 7.76 5.52 -7.16
N GLU A 90 6.64 4.83 -7.44
CA GLU A 90 5.94 4.06 -6.41
C GLU A 90 6.86 3.03 -5.76
N ASN A 91 7.94 2.67 -6.46
CA ASN A 91 8.90 1.72 -5.96
C ASN A 91 9.84 2.35 -4.90
N TYR A 92 9.52 3.58 -4.45
CA TYR A 92 10.34 4.28 -3.43
C TYR A 92 10.21 3.65 -2.04
N LEU A 93 10.16 2.32 -1.98
CA LEU A 93 10.04 1.60 -0.72
C LEU A 93 11.25 1.84 0.20
N VAL A 94 11.05 1.68 1.52
CA VAL A 94 12.16 1.85 2.46
C VAL A 94 13.07 0.63 2.36
N PRO A 95 14.33 0.87 1.93
CA PRO A 95 15.33 -0.16 1.75
C PRO A 95 16.19 -0.37 3.00
N TYR A 96 16.77 -1.57 3.13
CA TYR A 96 17.62 -1.89 4.26
C TYR A 96 16.91 -1.67 5.59
N ASP A 97 16.26 -2.71 6.10
CA ASP A 97 15.51 -2.62 7.35
C ASP A 97 16.40 -2.96 8.56
N ASN A 98 17.19 -4.03 8.45
CA ASN A 98 18.07 -4.45 9.53
C ASN A 98 19.22 -5.32 9.00
N GLU A 2 -19.76 -13.50 1.85
CA GLU A 2 -20.35 -14.67 1.13
C GLU A 2 -20.16 -14.55 -0.38
N LYS A 3 -19.70 -15.63 -1.01
CA LYS A 3 -19.48 -15.65 -2.46
C LYS A 3 -19.80 -17.02 -3.04
N LYS A 4 -20.01 -17.07 -4.36
CA LYS A 4 -20.31 -18.32 -5.04
C LYS A 4 -19.19 -19.34 -4.90
N GLU A 5 -19.55 -20.60 -4.73
CA GLU A 5 -18.57 -21.68 -4.58
C GLU A 5 -18.13 -22.20 -5.94
N GLN A 6 -17.16 -23.12 -5.94
CA GLN A 6 -16.62 -23.72 -7.18
C GLN A 6 -15.78 -22.71 -7.95
N VAL A 7 -16.42 -21.65 -8.45
CA VAL A 7 -15.72 -20.62 -9.21
C VAL A 7 -15.22 -19.50 -8.27
N SER A 8 -14.05 -19.71 -7.69
CA SER A 8 -13.47 -18.74 -6.78
C SER A 8 -12.19 -18.13 -7.37
N GLY A 9 -11.69 -17.08 -6.72
CA GLY A 9 -10.49 -16.41 -7.18
C GLY A 9 -10.68 -14.91 -7.34
N PRO A 10 -10.48 -14.13 -6.26
CA PRO A 10 -10.64 -12.67 -6.28
C PRO A 10 -9.81 -12.02 -7.39
N PRO A 11 -10.25 -10.83 -7.88
CA PRO A 11 -9.55 -10.11 -8.94
C PRO A 11 -8.08 -9.88 -8.62
N LEU A 12 -7.81 -9.37 -7.41
CA LEU A 12 -6.44 -9.11 -6.97
C LEU A 12 -6.18 -9.78 -5.63
N SER A 13 -6.42 -9.04 -4.53
CA SER A 13 -6.22 -9.58 -3.17
C SER A 13 -4.76 -10.02 -2.96
N ASN A 14 -4.03 -9.27 -2.14
CA ASN A 14 -2.63 -9.59 -1.85
C ASN A 14 -2.26 -9.21 -0.42
N MET A 15 -2.01 -7.92 -0.19
CA MET A 15 -1.64 -7.43 1.14
C MET A 15 -1.45 -5.91 1.14
N LYS A 16 -2.05 -5.26 2.14
CA LYS A 16 -1.95 -3.81 2.27
C LYS A 16 -1.93 -3.42 3.75
N PHE A 17 -1.23 -2.33 4.07
CA PHE A 17 -1.14 -1.88 5.45
C PHE A 17 -0.78 -0.40 5.50
N TYR A 18 -1.65 0.42 6.09
CA TYR A 18 -1.40 1.86 6.18
C TYR A 18 -1.17 2.29 7.63
N LEU A 19 0.10 2.31 8.05
CA LEU A 19 0.45 2.71 9.40
C LEU A 19 1.84 3.34 9.44
N ASN A 20 1.95 4.56 8.92
CA ASN A 20 3.24 5.27 8.89
C ASN A 20 3.68 5.66 10.30
N ARG A 21 4.97 5.94 10.45
CA ARG A 21 5.53 6.33 11.75
C ARG A 21 5.20 7.79 12.07
N ASP A 22 5.88 8.72 11.40
CA ASP A 22 5.67 10.15 11.62
C ASP A 22 6.32 10.98 10.52
N ALA A 23 5.83 10.81 9.29
CA ALA A 23 6.37 11.55 8.15
C ALA A 23 5.72 12.93 7.99
N ASP A 24 4.84 13.30 8.93
CA ASP A 24 4.17 14.58 8.90
C ASP A 24 3.22 14.72 7.70
N ALA A 25 2.88 13.58 7.07
CA ALA A 25 1.99 13.57 5.92
C ALA A 25 2.53 14.42 4.77
N HIS A 26 3.17 13.77 3.80
CA HIS A 26 3.74 14.47 2.65
C HIS A 26 3.08 14.02 1.34
N ASP A 27 1.77 13.73 1.41
CA ASP A 27 1.00 13.30 0.24
C ASP A 27 -0.48 13.14 0.58
N SER A 28 -0.78 12.13 1.39
CA SER A 28 -2.16 11.86 1.81
C SER A 28 -2.18 10.75 2.87
N LEU A 29 -3.16 10.83 3.77
CA LEU A 29 -3.30 9.83 4.83
C LEU A 29 -4.76 9.49 5.09
N ASN A 30 -5.60 10.52 5.22
CA ASN A 30 -7.02 10.32 5.46
C ASN A 30 -7.78 10.23 4.13
N ASP A 31 -7.29 10.94 3.12
CA ASP A 31 -7.93 10.93 1.80
C ASP A 31 -7.71 9.61 1.07
N ILE A 32 -6.51 9.02 1.24
CA ILE A 32 -6.19 7.75 0.60
C ILE A 32 -7.20 6.66 0.99
N ASP A 33 -7.82 6.81 2.16
CA ASP A 33 -8.82 5.85 2.63
C ASP A 33 -9.94 5.71 1.59
N GLN A 34 -10.23 6.81 0.89
CA GLN A 34 -11.26 6.82 -0.13
C GLN A 34 -10.77 6.21 -1.44
N LEU A 35 -9.58 6.63 -1.88
CA LEU A 35 -9.01 6.11 -3.13
C LEU A 35 -8.54 4.65 -2.94
N ALA A 36 -8.29 4.27 -1.70
CA ALA A 36 -7.86 2.91 -1.37
C ALA A 36 -9.04 1.98 -1.18
N ARG A 37 -10.23 2.56 -0.93
CA ARG A 37 -11.45 1.78 -0.74
C ARG A 37 -11.72 0.89 -1.95
N LEU A 38 -11.23 1.31 -3.12
CA LEU A 38 -11.40 0.55 -4.35
C LEU A 38 -10.50 -0.68 -4.37
N ILE A 39 -9.26 -0.52 -3.92
CA ILE A 39 -8.29 -1.61 -3.86
C ILE A 39 -8.50 -2.45 -2.59
N ARG A 40 -9.05 -1.83 -1.56
CA ARG A 40 -9.32 -2.51 -0.30
C ARG A 40 -10.50 -3.47 -0.46
N ALA A 41 -11.41 -3.13 -1.39
CA ALA A 41 -12.57 -3.94 -1.65
C ALA A 41 -12.30 -4.94 -2.79
N ASN A 42 -11.19 -4.74 -3.50
CA ASN A 42 -10.82 -5.61 -4.60
C ASN A 42 -10.52 -7.03 -4.12
N GLY A 43 -10.07 -7.15 -2.87
CA GLY A 43 -9.75 -8.46 -2.32
C GLY A 43 -8.74 -8.37 -1.18
N GLY A 44 -7.85 -7.37 -1.26
CA GLY A 44 -6.85 -7.20 -0.22
C GLY A 44 -7.43 -6.62 1.05
N GLU A 45 -6.61 -5.87 1.79
CA GLU A 45 -7.06 -5.25 3.04
C GLU A 45 -6.10 -4.15 3.46
N VAL A 46 -6.64 -2.94 3.62
CA VAL A 46 -5.83 -1.79 4.04
C VAL A 46 -6.52 -1.00 5.15
N LEU A 47 -5.72 -0.50 6.09
CA LEU A 47 -6.26 0.28 7.21
C LEU A 47 -5.54 1.61 7.31
N ASP A 48 -6.16 2.66 6.80
CA ASP A 48 -5.59 4.01 6.80
C ASP A 48 -5.52 4.56 8.22
N SER A 49 -4.29 4.70 8.73
CA SER A 49 -4.08 5.21 10.09
C SER A 49 -3.43 6.60 10.05
N LYS A 50 -4.07 7.56 10.71
CA LYS A 50 -3.56 8.93 10.78
C LYS A 50 -2.20 8.97 11.49
N PRO A 51 -1.36 10.00 11.19
CA PRO A 51 -0.04 10.16 11.79
C PRO A 51 0.00 9.80 13.27
N ARG A 52 0.45 8.58 13.57
CA ARG A 52 0.54 8.10 14.95
C ARG A 52 1.62 7.04 15.08
N GLU A 53 2.52 7.22 16.04
CA GLU A 53 3.61 6.27 16.27
C GLU A 53 3.17 5.17 17.23
N SER A 54 3.26 3.93 16.78
CA SER A 54 2.88 2.79 17.60
C SER A 54 4.08 1.88 17.83
N LYS A 55 4.52 1.78 19.09
CA LYS A 55 5.66 0.94 19.47
C LYS A 55 6.86 1.15 18.54
N GLU A 56 6.97 2.36 17.96
CA GLU A 56 8.05 2.70 17.04
C GLU A 56 8.31 1.56 16.04
N ASN A 57 7.25 0.81 15.71
CA ASN A 57 7.36 -0.30 14.78
C ASN A 57 6.14 -0.38 13.87
N VAL A 58 5.89 0.71 13.15
CA VAL A 58 4.75 0.78 12.24
C VAL A 58 5.19 1.32 10.89
N PHE A 59 4.66 0.74 9.81
CA PHE A 59 5.02 1.15 8.46
C PHE A 59 3.85 0.92 7.49
N ILE A 60 3.98 1.46 6.27
CA ILE A 60 2.95 1.33 5.26
C ILE A 60 3.41 0.41 4.12
N VAL A 61 2.68 -0.68 3.91
CA VAL A 61 2.98 -1.63 2.85
C VAL A 61 2.02 -1.45 1.67
N SER A 62 2.53 -1.62 0.45
CA SER A 62 1.72 -1.46 -0.76
C SER A 62 1.15 -2.81 -1.22
N PRO A 63 0.10 -2.76 -2.06
CA PRO A 63 -0.54 -3.97 -2.59
C PRO A 63 0.40 -4.80 -3.44
N TYR A 64 0.44 -6.11 -3.20
CA TYR A 64 1.30 -7.03 -3.94
C TYR A 64 2.77 -6.87 -3.53
N ASN A 65 3.04 -6.07 -2.50
CA ASN A 65 4.40 -5.84 -2.03
C ASN A 65 4.73 -6.78 -0.86
N HIS A 66 5.66 -7.69 -1.09
CA HIS A 66 6.07 -8.64 -0.05
C HIS A 66 6.98 -7.96 0.98
N THR A 67 7.25 -8.67 2.09
CA THR A 67 8.09 -8.14 3.16
C THR A 67 7.44 -6.95 3.84
N ASN A 68 7.01 -7.15 5.08
CA ASN A 68 6.35 -6.10 5.85
C ASN A 68 7.35 -5.34 6.73
N LEU A 69 8.64 -5.46 6.42
CA LEU A 69 9.68 -4.78 7.17
C LEU A 69 9.91 -3.37 6.63
N PRO A 70 10.13 -3.22 5.30
CA PRO A 70 10.36 -1.92 4.67
C PRO A 70 9.11 -1.04 4.64
N THR A 71 9.11 -0.02 3.78
CA THR A 71 7.98 0.90 3.66
C THR A 71 7.84 1.38 2.22
N VAL A 72 6.66 1.90 1.87
CA VAL A 72 6.42 2.40 0.51
C VAL A 72 5.56 3.65 0.53
N THR A 73 5.51 4.35 -0.60
CA THR A 73 4.71 5.57 -0.72
C THR A 73 3.22 5.25 -0.85
N PRO A 74 2.34 6.19 -0.43
CA PRO A 74 0.88 6.01 -0.51
C PRO A 74 0.35 6.19 -1.93
N THR A 75 1.01 7.07 -2.69
CA THR A 75 0.63 7.35 -4.08
C THR A 75 0.60 6.07 -4.93
N TYR A 76 1.26 5.01 -4.43
CA TYR A 76 1.32 3.72 -5.14
C TYR A 76 -0.05 3.35 -5.71
N ILE A 77 -1.10 3.54 -4.91
CA ILE A 77 -2.47 3.23 -5.34
C ILE A 77 -2.88 4.07 -6.56
N LYS A 78 -2.63 5.38 -6.48
CA LYS A 78 -2.96 6.29 -7.58
C LYS A 78 -2.30 5.84 -8.88
N ALA A 79 -1.12 5.23 -8.77
CA ALA A 79 -0.39 4.73 -9.94
C ALA A 79 -0.76 3.28 -10.27
N CYS A 80 -1.29 2.55 -9.29
CA CYS A 80 -1.68 1.17 -9.49
C CYS A 80 -3.11 1.05 -10.03
N CYS A 81 -3.96 2.00 -9.64
CA CYS A 81 -5.35 2.01 -10.07
C CYS A 81 -5.50 2.76 -11.40
N GLN A 82 -4.67 3.78 -11.62
CA GLN A 82 -4.75 4.58 -12.84
C GLN A 82 -3.72 4.11 -13.87
N SER A 83 -2.47 3.90 -13.43
CA SER A 83 -1.41 3.46 -14.34
C SER A 83 -1.35 1.94 -14.45
N ASN A 84 -1.81 1.25 -13.41
CA ASN A 84 -1.83 -0.21 -13.38
C ASN A 84 -0.40 -0.78 -13.37
N SER A 85 0.26 -0.76 -14.53
CA SER A 85 1.63 -1.27 -14.63
C SER A 85 2.47 -0.41 -15.57
N LEU A 86 2.41 0.91 -15.37
CA LEU A 86 3.17 1.85 -16.19
C LEU A 86 4.42 2.31 -15.47
N LEU A 87 4.31 2.59 -14.17
CA LEU A 87 5.45 3.05 -13.38
C LEU A 87 5.50 2.36 -12.02
N ASN A 88 6.14 1.19 -11.97
CA ASN A 88 6.27 0.45 -10.72
C ASN A 88 7.49 0.91 -9.94
N MET A 89 8.49 1.44 -10.64
CA MET A 89 9.70 1.94 -10.00
C MET A 89 9.39 3.07 -9.01
N GLU A 90 8.19 3.65 -9.12
CA GLU A 90 7.77 4.72 -8.23
C GLU A 90 7.38 4.21 -6.85
N ASN A 91 7.50 2.90 -6.63
CA ASN A 91 7.20 2.33 -5.32
C ASN A 91 7.92 3.14 -4.23
N TYR A 92 9.08 3.71 -4.61
CA TYR A 92 9.89 4.53 -3.71
C TYR A 92 9.95 3.92 -2.32
N LEU A 93 10.14 2.61 -2.28
CA LEU A 93 10.21 1.89 -1.02
C LEU A 93 11.44 2.34 -0.22
N VAL A 94 11.29 2.33 1.10
CA VAL A 94 12.37 2.73 2.00
C VAL A 94 13.27 1.54 2.31
N PRO A 95 14.52 1.56 1.81
CA PRO A 95 15.49 0.47 2.05
C PRO A 95 15.82 0.29 3.52
N TYR A 96 16.38 -0.87 3.86
CA TYR A 96 16.75 -1.17 5.24
C TYR A 96 18.03 -2.00 5.30
N ASP A 97 18.03 -3.14 4.62
CA ASP A 97 19.20 -4.02 4.59
C ASP A 97 19.67 -4.25 3.16
N ASN A 98 20.95 -3.93 2.90
CA ASN A 98 21.52 -4.10 1.57
C ASN A 98 22.52 -5.26 1.55
N GLU A 2 -5.32 -33.90 -6.84
CA GLU A 2 -5.42 -32.45 -6.48
C GLU A 2 -6.76 -31.87 -6.94
N LYS A 3 -7.18 -30.78 -6.28
CA LYS A 3 -8.44 -30.11 -6.63
C LYS A 3 -8.28 -29.26 -7.88
N LYS A 4 -9.39 -29.03 -8.59
CA LYS A 4 -9.37 -28.23 -9.80
C LYS A 4 -9.40 -26.73 -9.46
N GLU A 5 -8.35 -26.27 -8.78
CA GLU A 5 -8.23 -24.87 -8.38
C GLU A 5 -7.89 -24.00 -9.58
N GLN A 6 -8.68 -22.94 -9.79
CA GLN A 6 -8.46 -22.02 -10.91
C GLN A 6 -7.57 -20.85 -10.50
N VAL A 7 -7.13 -20.08 -11.49
CA VAL A 7 -6.27 -18.91 -11.23
C VAL A 7 -6.99 -17.88 -10.37
N SER A 8 -6.21 -17.08 -9.63
CA SER A 8 -6.77 -16.05 -8.76
C SER A 8 -7.77 -15.17 -9.50
N GLY A 9 -9.04 -15.26 -9.09
CA GLY A 9 -10.09 -14.48 -9.72
C GLY A 9 -9.93 -12.99 -9.47
N PRO A 10 -9.89 -12.56 -8.19
CA PRO A 10 -9.73 -11.14 -7.83
C PRO A 10 -8.52 -10.49 -8.51
N PRO A 11 -8.68 -9.23 -8.97
CA PRO A 11 -7.59 -8.49 -9.64
C PRO A 11 -6.27 -8.53 -8.87
N LEU A 12 -6.35 -8.32 -7.55
CA LEU A 12 -5.15 -8.34 -6.71
C LEU A 12 -5.29 -9.37 -5.59
N SER A 13 -5.97 -8.99 -4.51
CA SER A 13 -6.19 -9.87 -3.37
C SER A 13 -4.91 -10.55 -2.89
N ASN A 14 -4.20 -9.89 -1.96
CA ASN A 14 -2.96 -10.44 -1.42
C ASN A 14 -2.74 -9.99 0.03
N MET A 15 -2.21 -8.77 0.20
CA MET A 15 -1.94 -8.23 1.54
C MET A 15 -1.62 -6.74 1.45
N LYS A 16 -2.23 -5.95 2.34
CA LYS A 16 -2.01 -4.50 2.36
C LYS A 16 -2.06 -3.96 3.78
N PHE A 17 -1.35 -2.86 4.02
CA PHE A 17 -1.32 -2.24 5.35
C PHE A 17 -0.92 -0.78 5.24
N TYR A 18 -1.65 0.10 5.93
CA TYR A 18 -1.36 1.54 5.86
C TYR A 18 -1.19 2.15 7.26
N LEU A 19 0.07 2.37 7.66
CA LEU A 19 0.37 2.95 8.97
C LEU A 19 1.68 3.72 8.92
N ASN A 20 1.61 5.02 8.65
CA ASN A 20 2.81 5.85 8.57
C ASN A 20 3.39 6.09 9.96
N ARG A 21 4.70 6.36 10.00
CA ARG A 21 5.39 6.61 11.27
C ARG A 21 5.48 8.11 11.55
N ASP A 22 6.28 8.81 10.74
CA ASP A 22 6.45 10.26 10.90
C ASP A 22 7.21 10.83 9.70
N ALA A 23 6.52 10.97 8.57
CA ALA A 23 7.13 11.51 7.36
C ALA A 23 6.75 12.98 7.13
N ASP A 24 6.01 13.56 8.08
CA ASP A 24 5.58 14.95 7.99
C ASP A 24 4.61 15.17 6.82
N ALA A 25 3.89 14.11 6.43
CA ALA A 25 2.93 14.17 5.33
C ALA A 25 3.60 14.56 4.01
N HIS A 26 3.98 13.55 3.23
CA HIS A 26 4.63 13.77 1.93
C HIS A 26 3.66 13.57 0.77
N ASP A 27 2.73 12.63 0.92
CA ASP A 27 1.76 12.34 -0.13
C ASP A 27 0.33 12.59 0.36
N SER A 28 -0.15 11.74 1.26
CA SER A 28 -1.50 11.87 1.81
C SER A 28 -1.64 11.08 3.11
N LEU A 29 -2.73 11.33 3.84
CA LEU A 29 -2.99 10.64 5.11
C LEU A 29 -4.47 10.31 5.26
N ASN A 30 -5.33 11.31 5.10
CA ASN A 30 -6.77 11.13 5.20
C ASN A 30 -7.38 10.78 3.84
N ASP A 31 -6.76 11.29 2.77
CA ASP A 31 -7.23 11.05 1.40
C ASP A 31 -7.08 9.59 1.01
N ILE A 32 -6.03 8.93 1.51
CA ILE A 32 -5.79 7.52 1.19
C ILE A 32 -6.99 6.66 1.56
N ASP A 33 -7.77 7.08 2.56
CA ASP A 33 -8.96 6.35 2.98
C ASP A 33 -9.86 6.08 1.78
N GLN A 34 -9.96 7.08 0.91
CA GLN A 34 -10.78 6.99 -0.29
C GLN A 34 -10.15 6.13 -1.38
N LEU A 35 -8.86 6.34 -1.66
CA LEU A 35 -8.18 5.56 -2.68
C LEU A 35 -7.94 4.12 -2.21
N ALA A 36 -7.94 3.92 -0.89
CA ALA A 36 -7.74 2.61 -0.31
C ALA A 36 -9.04 1.82 -0.25
N ARG A 37 -10.17 2.54 -0.19
CA ARG A 37 -11.49 1.91 -0.14
C ARG A 37 -11.71 1.01 -1.37
N LEU A 38 -11.11 1.40 -2.50
CA LEU A 38 -11.23 0.65 -3.75
C LEU A 38 -10.37 -0.61 -3.71
N ILE A 39 -9.09 -0.45 -3.37
CA ILE A 39 -8.15 -1.56 -3.31
C ILE A 39 -8.44 -2.48 -2.11
N ARG A 40 -9.19 -1.96 -1.12
CA ARG A 40 -9.56 -2.74 0.06
C ARG A 40 -10.65 -3.74 -0.30
N ALA A 41 -11.49 -3.37 -1.27
CA ALA A 41 -12.57 -4.23 -1.73
C ALA A 41 -12.14 -5.06 -2.95
N ASN A 42 -10.93 -4.83 -3.44
CA ASN A 42 -10.38 -5.55 -4.59
C ASN A 42 -10.21 -7.04 -4.30
N GLY A 43 -9.97 -7.36 -3.02
CA GLY A 43 -9.78 -8.74 -2.62
C GLY A 43 -8.86 -8.86 -1.42
N GLY A 44 -7.94 -7.90 -1.27
CA GLY A 44 -7.01 -7.93 -0.15
C GLY A 44 -7.57 -7.24 1.08
N GLU A 45 -6.75 -6.43 1.74
CA GLU A 45 -7.17 -5.71 2.93
C GLU A 45 -6.19 -4.60 3.26
N VAL A 46 -6.67 -3.35 3.29
CA VAL A 46 -5.82 -2.21 3.58
C VAL A 46 -6.44 -1.35 4.68
N LEU A 47 -5.67 -1.10 5.74
CA LEU A 47 -6.14 -0.28 6.86
C LEU A 47 -5.49 1.09 6.82
N ASP A 48 -6.20 2.09 6.31
CA ASP A 48 -5.68 3.44 6.22
C ASP A 48 -5.72 4.15 7.58
N SER A 49 -4.56 4.39 8.16
CA SER A 49 -4.45 5.05 9.45
C SER A 49 -3.33 6.08 9.45
N LYS A 50 -3.67 7.31 9.81
CA LYS A 50 -2.68 8.39 9.87
C LYS A 50 -1.63 8.10 10.94
N PRO A 51 -0.40 8.63 10.76
CA PRO A 51 0.69 8.43 11.74
C PRO A 51 0.37 9.04 13.10
N ARG A 52 -0.29 8.27 13.95
CA ARG A 52 -0.67 8.73 15.28
C ARG A 52 0.44 8.46 16.29
N GLU A 53 0.59 7.19 16.68
CA GLU A 53 1.63 6.81 17.63
C GLU A 53 2.92 6.43 16.91
N SER A 54 4.00 7.12 17.27
CA SER A 54 5.30 6.86 16.66
C SER A 54 6.19 6.03 17.58
N LYS A 55 6.21 4.73 17.35
CA LYS A 55 7.01 3.81 18.17
C LYS A 55 7.76 2.80 17.29
N GLU A 56 7.99 3.17 16.03
CA GLU A 56 8.68 2.30 15.08
C GLU A 56 7.92 0.98 14.86
N ASN A 57 6.61 1.00 15.17
CA ASN A 57 5.75 -0.17 14.98
C ASN A 57 4.73 0.06 13.87
N VAL A 58 4.67 1.28 13.35
CA VAL A 58 3.74 1.63 12.29
C VAL A 58 4.44 1.69 10.93
N PHE A 59 3.99 0.87 9.98
CA PHE A 59 4.57 0.83 8.64
C PHE A 59 3.49 0.51 7.59
N ILE A 60 3.66 1.05 6.39
CA ILE A 60 2.72 0.83 5.30
C ILE A 60 3.28 -0.19 4.29
N VAL A 61 2.60 -1.34 4.19
CA VAL A 61 3.02 -2.39 3.27
C VAL A 61 2.24 -2.33 1.95
N SER A 62 2.86 -2.80 0.87
CA SER A 62 2.23 -2.81 -0.45
C SER A 62 1.70 -4.20 -0.80
N PRO A 63 0.78 -4.29 -1.79
CA PRO A 63 0.20 -5.57 -2.23
C PRO A 63 1.26 -6.59 -2.60
N TYR A 64 1.11 -7.82 -2.10
CA TYR A 64 2.04 -8.92 -2.35
C TYR A 64 3.25 -8.90 -1.40
N ASN A 65 3.58 -7.72 -0.87
CA ASN A 65 4.72 -7.59 0.05
C ASN A 65 4.40 -8.24 1.41
N HIS A 66 4.92 -9.44 1.61
CA HIS A 66 4.69 -10.18 2.86
C HIS A 66 5.76 -9.83 3.90
N THR A 67 5.62 -10.40 5.10
CA THR A 67 6.56 -10.17 6.20
C THR A 67 6.28 -8.86 6.94
N ASN A 68 5.58 -7.93 6.28
CA ASN A 68 5.24 -6.63 6.88
C ASN A 68 6.50 -5.93 7.43
N LEU A 69 7.64 -6.18 6.79
CA LEU A 69 8.91 -5.59 7.20
C LEU A 69 9.19 -4.31 6.40
N PRO A 70 9.18 -4.39 5.05
CA PRO A 70 9.44 -3.24 4.18
C PRO A 70 8.33 -2.19 4.27
N THR A 71 8.41 -1.15 3.43
CA THR A 71 7.41 -0.08 3.43
C THR A 71 7.27 0.52 2.03
N VAL A 72 6.16 1.20 1.79
CA VAL A 72 5.91 1.81 0.48
C VAL A 72 5.01 3.05 0.59
N THR A 73 5.08 3.91 -0.43
CA THR A 73 4.28 5.13 -0.45
C THR A 73 2.80 4.83 -0.69
N PRO A 74 1.90 5.75 -0.27
CA PRO A 74 0.45 5.60 -0.45
C PRO A 74 0.02 5.80 -1.91
N THR A 75 0.70 6.72 -2.59
CA THR A 75 0.41 7.03 -4.00
C THR A 75 0.49 5.78 -4.88
N TYR A 76 1.16 4.73 -4.38
CA TYR A 76 1.29 3.47 -5.12
C TYR A 76 -0.05 3.04 -5.73
N ILE A 77 -1.13 3.24 -4.97
CA ILE A 77 -2.47 2.89 -5.42
C ILE A 77 -2.97 3.84 -6.50
N LYS A 78 -2.81 5.15 -6.27
CA LYS A 78 -3.24 6.16 -7.24
C LYS A 78 -2.63 5.89 -8.61
N ALA A 79 -1.39 5.40 -8.63
CA ALA A 79 -0.68 5.07 -9.86
C ALA A 79 -1.03 3.67 -10.36
N CYS A 80 -1.54 2.81 -9.47
CA CYS A 80 -1.90 1.44 -9.84
C CYS A 80 -3.33 1.37 -10.38
N CYS A 81 -4.20 2.27 -9.90
CA CYS A 81 -5.59 2.30 -10.35
C CYS A 81 -5.75 3.16 -11.59
N GLN A 82 -4.96 4.24 -11.69
CA GLN A 82 -5.02 5.15 -12.83
C GLN A 82 -3.95 4.85 -13.87
N SER A 83 -2.71 4.60 -13.41
CA SER A 83 -1.60 4.31 -14.32
C SER A 83 -1.33 2.81 -14.45
N ASN A 84 -1.98 2.00 -13.61
CA ASN A 84 -1.79 0.55 -13.61
C ASN A 84 -0.41 0.16 -13.09
N SER A 85 0.64 0.46 -13.86
CA SER A 85 2.01 0.16 -13.46
C SER A 85 3.00 0.74 -14.47
N LEU A 86 2.90 2.04 -14.72
CA LEU A 86 3.79 2.72 -15.67
C LEU A 86 4.98 3.36 -14.93
N LEU A 87 4.73 3.92 -13.75
CA LEU A 87 5.79 4.55 -12.97
C LEU A 87 6.17 3.71 -11.75
N ASN A 88 7.15 2.81 -11.95
CA ASN A 88 7.62 1.94 -10.87
C ASN A 88 8.76 2.59 -10.10
N MET A 89 9.49 3.52 -10.74
CA MET A 89 10.59 4.21 -10.10
C MET A 89 10.10 4.97 -8.86
N GLU A 90 8.81 5.34 -8.87
CA GLU A 90 8.20 6.05 -7.76
C GLU A 90 7.72 5.11 -6.65
N ASN A 91 7.95 3.81 -6.81
CA ASN A 91 7.55 2.85 -5.78
C ASN A 91 8.02 3.36 -4.42
N TYR A 92 9.19 4.01 -4.42
CA TYR A 92 9.77 4.57 -3.21
C TYR A 92 9.69 3.57 -2.05
N LEU A 93 9.85 2.30 -2.39
CA LEU A 93 9.80 1.23 -1.40
C LEU A 93 10.94 1.38 -0.39
N VAL A 94 10.59 1.57 0.87
CA VAL A 94 11.57 1.73 1.93
C VAL A 94 12.25 0.39 2.25
N PRO A 95 13.59 0.39 2.38
CA PRO A 95 14.35 -0.83 2.67
C PRO A 95 13.99 -1.43 4.04
N TYR A 96 14.31 -2.71 4.22
CA TYR A 96 14.02 -3.41 5.47
C TYR A 96 15.31 -3.67 6.26
N ASP A 97 16.31 -2.81 6.07
CA ASP A 97 17.59 -2.95 6.77
C ASP A 97 17.92 -1.69 7.56
N ASN A 98 17.37 -1.61 8.77
CA ASN A 98 17.59 -0.44 9.64
C ASN A 98 18.97 -0.51 10.29
N GLU A 2 -1.50 -22.16 -19.58
CA GLU A 2 -2.73 -22.01 -20.42
C GLU A 2 -3.15 -20.56 -20.54
N LYS A 3 -4.13 -20.30 -21.40
CA LYS A 3 -4.64 -18.94 -21.60
C LYS A 3 -6.16 -18.90 -21.52
N LYS A 4 -6.68 -18.27 -20.47
CA LYS A 4 -8.13 -18.16 -20.26
C LYS A 4 -8.57 -16.70 -20.26
N GLU A 5 -9.88 -16.48 -20.38
CA GLU A 5 -10.45 -15.14 -20.40
C GLU A 5 -11.81 -15.12 -19.70
N GLN A 6 -11.79 -15.05 -18.37
CA GLN A 6 -13.02 -15.03 -17.58
C GLN A 6 -13.08 -13.80 -16.67
N VAL A 7 -14.30 -13.38 -16.32
CA VAL A 7 -14.51 -12.23 -15.46
C VAL A 7 -14.60 -12.63 -13.98
N SER A 8 -15.13 -13.82 -13.72
CA SER A 8 -15.28 -14.32 -12.34
C SER A 8 -13.91 -14.53 -11.70
N GLY A 9 -13.76 -14.02 -10.47
CA GLY A 9 -12.50 -14.16 -9.75
C GLY A 9 -12.02 -12.85 -9.15
N PRO A 10 -11.06 -12.90 -8.19
CA PRO A 10 -10.54 -11.70 -7.54
C PRO A 10 -9.68 -10.85 -8.48
N PRO A 11 -9.92 -9.52 -8.54
CA PRO A 11 -9.16 -8.62 -9.39
C PRO A 11 -7.70 -8.50 -8.99
N LEU A 12 -7.44 -8.42 -7.67
CA LEU A 12 -6.09 -8.32 -7.16
C LEU A 12 -5.86 -9.30 -6.00
N SER A 13 -6.28 -8.90 -4.80
CA SER A 13 -6.14 -9.74 -3.60
C SER A 13 -4.68 -10.17 -3.38
N ASN A 14 -3.97 -9.45 -2.52
CA ASN A 14 -2.58 -9.76 -2.21
C ASN A 14 -2.21 -9.37 -0.77
N MET A 15 -1.87 -8.11 -0.55
CA MET A 15 -1.50 -7.62 0.79
C MET A 15 -1.32 -6.10 0.78
N LYS A 16 -1.96 -5.42 1.73
CA LYS A 16 -1.88 -3.96 1.83
C LYS A 16 -1.93 -3.54 3.30
N PHE A 17 -1.29 -2.42 3.62
CA PHE A 17 -1.27 -1.91 4.99
C PHE A 17 -0.95 -0.42 5.01
N TYR A 18 -1.71 0.35 5.79
CA TYR A 18 -1.49 1.81 5.87
C TYR A 18 -1.37 2.28 7.31
N LEU A 19 -0.15 2.58 7.75
CA LEU A 19 0.09 3.05 9.11
C LEU A 19 1.46 3.74 9.22
N ASN A 20 1.53 5.00 8.80
CA ASN A 20 2.79 5.76 8.84
C ASN A 20 3.33 5.85 10.27
N ARG A 21 4.64 6.10 10.38
CA ARG A 21 5.29 6.22 11.69
C ARG A 21 4.87 7.51 12.39
N ASP A 22 5.46 8.63 11.97
CA ASP A 22 5.16 9.94 12.54
C ASP A 22 5.91 11.05 11.79
N ALA A 23 5.81 11.02 10.46
CA ALA A 23 6.48 12.02 9.63
C ALA A 23 5.58 13.22 9.36
N ASP A 24 4.39 13.23 9.96
CA ASP A 24 3.43 14.33 9.78
C ASP A 24 2.89 14.35 8.34
N ALA A 25 2.59 13.17 7.80
CA ALA A 25 2.05 13.04 6.46
C ALA A 25 3.06 13.45 5.39
N HIS A 26 3.54 12.47 4.63
CA HIS A 26 4.51 12.71 3.56
C HIS A 26 3.81 13.07 2.26
N ASP A 27 2.66 12.46 2.02
CA ASP A 27 1.89 12.71 0.81
C ASP A 27 0.39 12.78 1.11
N SER A 28 -0.15 11.69 1.67
CA SER A 28 -1.57 11.62 2.02
C SER A 28 -1.80 10.70 3.21
N LEU A 29 -2.90 10.94 3.94
CA LEU A 29 -3.25 10.13 5.11
C LEU A 29 -4.76 10.04 5.29
N ASN A 30 -5.44 11.19 5.19
CA ASN A 30 -6.88 11.23 5.34
C ASN A 30 -7.58 11.01 4.00
N ASP A 31 -7.01 11.58 2.93
CA ASP A 31 -7.57 11.46 1.58
C ASP A 31 -7.55 10.02 1.09
N ILE A 32 -6.50 9.27 1.46
CA ILE A 32 -6.37 7.87 1.05
C ILE A 32 -7.57 7.04 1.49
N ASP A 33 -8.22 7.46 2.58
CA ASP A 33 -9.39 6.75 3.08
C ASP A 33 -10.46 6.64 2.00
N GLN A 34 -10.53 7.65 1.14
CA GLN A 34 -11.51 7.68 0.06
C GLN A 34 -11.03 6.88 -1.15
N LEU A 35 -9.75 7.06 -1.53
CA LEU A 35 -9.20 6.34 -2.68
C LEU A 35 -8.92 4.87 -2.32
N ALA A 36 -8.79 4.59 -1.02
CA ALA A 36 -8.54 3.23 -0.56
C ALA A 36 -9.85 2.47 -0.32
N ARG A 37 -10.95 3.21 -0.21
CA ARG A 37 -12.27 2.61 -0.02
C ARG A 37 -12.58 1.62 -1.14
N LEU A 38 -11.97 1.85 -2.31
CA LEU A 38 -12.16 0.99 -3.47
C LEU A 38 -11.07 -0.08 -3.51
N ILE A 39 -9.86 0.29 -3.11
CA ILE A 39 -8.73 -0.62 -3.09
C ILE A 39 -8.94 -1.76 -2.09
N ARG A 40 -9.74 -1.50 -1.05
CA ARG A 40 -10.02 -2.51 -0.03
C ARG A 40 -11.00 -3.56 -0.57
N ALA A 41 -11.78 -3.18 -1.59
CA ALA A 41 -12.75 -4.08 -2.19
C ALA A 41 -12.12 -4.97 -3.27
N ASN A 42 -10.83 -4.78 -3.54
CA ASN A 42 -10.12 -5.55 -4.57
C ASN A 42 -10.01 -7.04 -4.19
N GLY A 43 -10.01 -7.32 -2.90
CA GLY A 43 -9.89 -8.69 -2.43
C GLY A 43 -8.85 -8.84 -1.33
N GLY A 44 -7.88 -7.92 -1.29
CA GLY A 44 -6.84 -7.95 -0.28
C GLY A 44 -7.32 -7.38 1.04
N GLU A 45 -6.54 -6.44 1.58
CA GLU A 45 -6.88 -5.80 2.85
C GLU A 45 -6.04 -4.55 3.06
N VAL A 46 -6.71 -3.42 3.29
CA VAL A 46 -6.02 -2.16 3.52
C VAL A 46 -6.69 -1.35 4.63
N LEU A 47 -5.89 -0.90 5.59
CA LEU A 47 -6.39 -0.11 6.71
C LEU A 47 -5.69 1.24 6.79
N ASP A 48 -6.36 2.28 6.27
CA ASP A 48 -5.78 3.63 6.29
C ASP A 48 -5.84 4.23 7.70
N SER A 49 -4.69 4.30 8.35
CA SER A 49 -4.60 4.84 9.70
C SER A 49 -3.42 5.82 9.82
N LYS A 50 -3.72 7.04 10.26
CA LYS A 50 -2.70 8.06 10.42
C LYS A 50 -1.67 7.66 11.49
N PRO A 51 -0.43 8.18 11.38
CA PRO A 51 0.64 7.87 12.33
C PRO A 51 0.30 8.31 13.76
N ARG A 52 0.46 7.40 14.71
CA ARG A 52 0.16 7.68 16.11
C ARG A 52 1.25 7.14 17.02
N GLU A 53 1.31 5.82 17.17
CA GLU A 53 2.31 5.18 18.02
C GLU A 53 3.55 4.82 17.21
N SER A 54 4.70 5.34 17.65
CA SER A 54 5.97 5.08 16.98
C SER A 54 6.77 4.03 17.74
N LYS A 55 6.68 2.79 17.27
CA LYS A 55 7.39 1.67 17.89
C LYS A 55 8.15 0.85 16.84
N GLU A 56 8.53 1.51 15.74
CA GLU A 56 9.25 0.85 14.66
C GLU A 56 8.46 -0.32 14.07
N ASN A 57 7.14 -0.31 14.30
CA ASN A 57 6.26 -1.36 13.80
C ASN A 57 5.17 -0.78 12.89
N VAL A 58 4.95 0.53 12.96
CA VAL A 58 3.94 1.18 12.13
C VAL A 58 4.52 1.60 10.79
N PHE A 59 4.04 0.96 9.72
CA PHE A 59 4.50 1.26 8.36
C PHE A 59 3.41 0.94 7.34
N ILE A 60 3.55 1.53 6.15
CA ILE A 60 2.58 1.31 5.07
C ILE A 60 3.17 0.38 4.01
N VAL A 61 2.56 -0.81 3.86
CA VAL A 61 3.03 -1.79 2.88
C VAL A 61 2.26 -1.67 1.57
N SER A 62 2.92 -2.03 0.46
CA SER A 62 2.32 -1.95 -0.86
C SER A 62 1.81 -3.31 -1.33
N PRO A 63 0.92 -3.32 -2.34
CA PRO A 63 0.35 -4.56 -2.89
C PRO A 63 1.43 -5.47 -3.49
N TYR A 64 1.39 -6.75 -3.12
CA TYR A 64 2.36 -7.74 -3.59
C TYR A 64 3.73 -7.56 -2.94
N ASN A 65 3.84 -6.62 -2.00
CA ASN A 65 5.10 -6.37 -1.31
C ASN A 65 5.22 -7.25 -0.07
N HIS A 66 5.93 -8.38 -0.20
CA HIS A 66 6.11 -9.30 0.90
C HIS A 66 7.14 -8.76 1.89
N THR A 67 7.32 -9.47 3.01
CA THR A 67 8.27 -9.06 4.04
C THR A 67 7.86 -7.70 4.63
N ASN A 68 6.94 -7.74 5.59
CA ASN A 68 6.46 -6.51 6.24
C ASN A 68 7.54 -5.87 7.10
N LEU A 69 8.49 -5.20 6.46
CA LEU A 69 9.58 -4.55 7.15
C LEU A 69 9.76 -3.10 6.66
N PRO A 70 10.03 -2.90 5.36
CA PRO A 70 10.20 -1.56 4.77
C PRO A 70 8.89 -0.78 4.70
N THR A 71 8.90 0.34 3.97
CA THR A 71 7.72 1.18 3.82
C THR A 71 7.60 1.70 2.39
N VAL A 72 6.37 2.00 1.96
CA VAL A 72 6.13 2.50 0.62
C VAL A 72 5.22 3.74 0.63
N THR A 73 5.07 4.39 -0.52
CA THR A 73 4.23 5.58 -0.62
C THR A 73 2.76 5.23 -0.81
N PRO A 74 1.84 6.05 -0.26
CA PRO A 74 0.39 5.85 -0.39
C PRO A 74 -0.12 6.16 -1.78
N THR A 75 0.48 7.16 -2.42
CA THR A 75 0.11 7.57 -3.78
C THR A 75 0.21 6.41 -4.77
N TYR A 76 0.92 5.34 -4.39
CA TYR A 76 1.09 4.17 -5.24
C TYR A 76 -0.24 3.71 -5.84
N ILE A 77 -1.34 3.92 -5.10
CA ILE A 77 -2.67 3.53 -5.56
C ILE A 77 -2.98 4.14 -6.93
N LYS A 78 -2.76 5.45 -7.06
CA LYS A 78 -3.00 6.15 -8.32
C LYS A 78 -2.19 5.52 -9.46
N ALA A 79 -0.99 5.04 -9.14
CA ALA A 79 -0.12 4.41 -10.12
C ALA A 79 -0.46 2.92 -10.31
N CYS A 80 -1.11 2.33 -9.31
CA CYS A 80 -1.49 0.91 -9.37
C CYS A 80 -2.86 0.74 -10.01
N CYS A 81 -3.75 1.71 -9.81
CA CYS A 81 -5.09 1.66 -10.37
C CYS A 81 -5.13 2.25 -11.78
N GLN A 82 -4.29 3.25 -12.04
CA GLN A 82 -4.26 3.89 -13.36
C GLN A 82 -3.12 3.32 -14.22
N SER A 83 -1.93 3.18 -13.63
CA SER A 83 -0.77 2.65 -14.34
C SER A 83 -0.69 1.13 -14.22
N ASN A 84 -1.53 0.53 -13.37
CA ASN A 84 -1.54 -0.91 -13.16
C ASN A 84 -0.27 -1.37 -12.45
N SER A 85 0.84 -1.45 -13.20
CA SER A 85 2.12 -1.86 -12.63
C SER A 85 3.27 -1.56 -13.61
N LEU A 86 3.15 -0.44 -14.32
CA LEU A 86 4.18 -0.03 -15.28
C LEU A 86 5.24 0.84 -14.61
N LEU A 87 4.81 1.66 -13.65
CA LEU A 87 5.73 2.54 -12.94
C LEU A 87 6.06 1.98 -11.55
N ASN A 88 6.90 0.95 -11.53
CA ASN A 88 7.32 0.32 -10.27
C ASN A 88 8.37 1.16 -9.56
N MET A 89 9.14 1.92 -10.33
CA MET A 89 10.17 2.80 -9.75
C MET A 89 9.52 3.81 -8.81
N GLU A 90 8.22 4.05 -8.98
CA GLU A 90 7.49 5.00 -8.14
C GLU A 90 7.11 4.40 -6.79
N ASN A 91 7.52 3.16 -6.53
CA ASN A 91 7.23 2.53 -5.24
C ASN A 91 7.72 3.47 -4.14
N TYR A 92 8.80 4.20 -4.43
CA TYR A 92 9.40 5.15 -3.50
C TYR A 92 9.50 4.53 -2.10
N LEU A 93 9.80 3.25 -2.08
CA LEU A 93 9.95 2.50 -0.84
C LEU A 93 11.17 2.98 -0.06
N VAL A 94 11.05 3.00 1.27
CA VAL A 94 12.15 3.43 2.14
C VAL A 94 12.56 2.32 3.10
N PRO A 95 13.71 1.66 2.82
CA PRO A 95 14.22 0.58 3.66
C PRO A 95 14.94 1.09 4.90
N TYR A 96 14.45 0.70 6.08
CA TYR A 96 15.05 1.12 7.34
C TYR A 96 15.87 0.00 7.98
N ASP A 97 15.37 -1.23 7.86
CA ASP A 97 16.06 -2.39 8.42
C ASP A 97 17.21 -2.84 7.52
N ASN A 98 16.99 -2.77 6.20
CA ASN A 98 18.00 -3.18 5.24
C ASN A 98 18.15 -2.13 4.13
N GLU A 2 -6.09 -15.76 -22.26
CA GLU A 2 -4.99 -14.79 -22.51
C GLU A 2 -5.40 -13.36 -22.18
N LYS A 3 -6.42 -12.86 -22.87
CA LYS A 3 -6.92 -11.50 -22.65
C LYS A 3 -8.34 -11.53 -22.09
N LYS A 4 -8.72 -10.45 -21.38
CA LYS A 4 -10.06 -10.31 -20.78
C LYS A 4 -10.24 -11.32 -19.64
N GLU A 5 -10.45 -12.60 -19.99
CA GLU A 5 -10.64 -13.64 -18.99
C GLU A 5 -9.34 -13.93 -18.25
N GLN A 6 -9.41 -13.98 -16.92
CA GLN A 6 -8.22 -14.25 -16.10
C GLN A 6 -8.59 -15.13 -14.91
N VAL A 7 -7.82 -16.21 -14.71
CA VAL A 7 -8.06 -17.14 -13.61
C VAL A 7 -7.30 -16.72 -12.36
N SER A 8 -5.97 -16.77 -12.43
CA SER A 8 -5.12 -16.40 -11.29
C SER A 8 -4.26 -15.19 -11.63
N GLY A 9 -4.90 -14.03 -11.75
CA GLY A 9 -4.18 -12.81 -12.07
C GLY A 9 -4.99 -11.55 -11.79
N PRO A 10 -5.52 -11.40 -10.56
CA PRO A 10 -6.32 -10.22 -10.19
C PRO A 10 -5.47 -8.97 -10.02
N PRO A 11 -6.09 -7.77 -10.06
CA PRO A 11 -5.38 -6.50 -9.90
C PRO A 11 -4.84 -6.31 -8.48
N LEU A 12 -5.62 -6.73 -7.49
CA LEU A 12 -5.23 -6.62 -6.08
C LEU A 12 -5.35 -7.97 -5.37
N SER A 13 -6.21 -8.04 -4.35
CA SER A 13 -6.42 -9.27 -3.59
C SER A 13 -5.11 -10.00 -3.31
N ASN A 14 -4.29 -9.42 -2.43
CA ASN A 14 -3.00 -10.01 -2.06
C ASN A 14 -2.64 -9.64 -0.61
N MET A 15 -2.15 -8.41 -0.41
CA MET A 15 -1.78 -7.94 0.92
C MET A 15 -1.53 -6.44 0.92
N LYS A 16 -2.14 -5.73 1.88
CA LYS A 16 -1.99 -4.29 1.98
C LYS A 16 -2.03 -3.84 3.45
N PHE A 17 -1.35 -2.74 3.75
CA PHE A 17 -1.29 -2.22 5.12
C PHE A 17 -0.93 -0.73 5.09
N TYR A 18 -1.68 0.08 5.85
CA TYR A 18 -1.44 1.52 5.88
C TYR A 18 -1.14 2.04 7.29
N LEU A 19 0.15 2.25 7.58
CA LEU A 19 0.59 2.75 8.88
C LEU A 19 1.87 3.59 8.75
N ASN A 20 1.76 4.72 8.04
CA ASN A 20 2.91 5.60 7.82
C ASN A 20 3.67 5.89 9.13
N ARG A 21 4.99 6.06 9.02
CA ARG A 21 5.82 6.34 10.20
C ARG A 21 5.63 7.77 10.67
N ASP A 22 6.25 8.72 9.96
CA ASP A 22 6.15 10.14 10.31
C ASP A 22 6.83 11.00 9.24
N ALA A 23 6.42 10.81 7.99
CA ALA A 23 6.98 11.57 6.87
C ALA A 23 6.24 12.88 6.63
N ASP A 24 5.26 13.19 7.49
CA ASP A 24 4.48 14.42 7.37
C ASP A 24 3.57 14.38 6.15
N ALA A 25 3.21 13.17 5.70
CA ALA A 25 2.33 12.99 4.53
C ALA A 25 3.02 13.43 3.24
N HIS A 26 2.95 12.55 2.23
CA HIS A 26 3.56 12.83 0.93
C HIS A 26 2.48 13.01 -0.14
N ASP A 27 1.51 12.10 -0.15
CA ASP A 27 0.41 12.14 -1.10
C ASP A 27 -0.92 12.44 -0.40
N SER A 28 -1.23 11.64 0.63
CA SER A 28 -2.46 11.81 1.38
C SER A 28 -2.44 10.98 2.67
N LEU A 29 -3.21 11.42 3.67
CA LEU A 29 -3.29 10.72 4.95
C LEU A 29 -4.71 10.26 5.24
N ASN A 30 -5.66 11.22 5.23
CA ASN A 30 -7.06 10.91 5.48
C ASN A 30 -7.78 10.58 4.17
N ASP A 31 -7.37 11.24 3.09
CA ASP A 31 -7.97 11.03 1.77
C ASP A 31 -7.75 9.61 1.25
N ILE A 32 -6.57 9.04 1.55
CA ILE A 32 -6.26 7.69 1.10
C ILE A 32 -7.32 6.69 1.56
N ASP A 33 -7.92 6.94 2.72
CA ASP A 33 -8.96 6.06 3.25
C ASP A 33 -10.10 5.92 2.24
N GLN A 34 -10.36 6.99 1.49
CA GLN A 34 -11.42 7.00 0.50
C GLN A 34 -10.96 6.37 -0.82
N LEU A 35 -9.78 6.76 -1.30
CA LEU A 35 -9.25 6.22 -2.55
C LEU A 35 -8.82 4.75 -2.38
N ALA A 36 -8.54 4.35 -1.14
CA ALA A 36 -8.14 2.98 -0.85
C ALA A 36 -9.35 2.09 -0.57
N ARG A 37 -10.50 2.71 -0.27
CA ARG A 37 -11.73 1.95 -0.01
C ARG A 37 -12.08 1.08 -1.20
N LEU A 38 -11.70 1.53 -2.40
CA LEU A 38 -11.96 0.79 -3.64
C LEU A 38 -10.99 -0.38 -3.77
N ILE A 39 -9.71 -0.12 -3.54
CA ILE A 39 -8.68 -1.14 -3.62
C ILE A 39 -8.89 -2.22 -2.57
N ARG A 40 -9.39 -1.82 -1.41
CA ARG A 40 -9.68 -2.74 -0.32
C ARG A 40 -10.90 -3.60 -0.67
N ALA A 41 -11.78 -3.03 -1.49
CA ALA A 41 -12.98 -3.73 -1.94
C ALA A 41 -12.69 -4.63 -3.14
N ASN A 42 -11.53 -4.43 -3.76
CA ASN A 42 -11.11 -5.21 -4.92
C ASN A 42 -10.91 -6.69 -4.55
N GLY A 43 -10.53 -6.93 -3.29
CA GLY A 43 -10.30 -8.29 -2.83
C GLY A 43 -9.20 -8.36 -1.78
N GLY A 44 -8.30 -7.38 -1.79
CA GLY A 44 -7.22 -7.36 -0.83
C GLY A 44 -7.66 -6.86 0.54
N GLU A 45 -6.77 -6.22 1.28
CA GLU A 45 -7.09 -5.71 2.60
C GLU A 45 -6.11 -4.62 3.02
N VAL A 46 -6.64 -3.42 3.31
CA VAL A 46 -5.81 -2.30 3.73
C VAL A 46 -6.40 -1.59 4.94
N LEU A 47 -5.54 -1.24 5.89
CA LEU A 47 -5.98 -0.56 7.11
C LEU A 47 -5.41 0.85 7.14
N ASP A 48 -6.22 1.83 6.76
CA ASP A 48 -5.79 3.24 6.74
C ASP A 48 -5.74 3.82 8.15
N SER A 49 -4.53 3.99 8.67
CA SER A 49 -4.34 4.53 10.01
C SER A 49 -3.24 5.59 10.02
N LYS A 50 -3.61 6.84 10.32
CA LYS A 50 -2.66 7.94 10.37
C LYS A 50 -1.67 7.75 11.51
N PRO A 51 -0.41 8.19 11.32
CA PRO A 51 0.64 8.06 12.35
C PRO A 51 0.21 8.65 13.69
N ARG A 52 0.20 7.81 14.73
CA ARG A 52 -0.20 8.23 16.06
C ARG A 52 0.92 7.99 17.07
N GLU A 53 1.13 6.72 17.42
CA GLU A 53 2.18 6.36 18.37
C GLU A 53 3.48 6.11 17.64
N SER A 54 4.52 6.84 18.02
CA SER A 54 5.82 6.71 17.39
C SER A 54 6.70 5.72 18.17
N LYS A 55 6.73 4.48 17.71
CA LYS A 55 7.51 3.42 18.35
C LYS A 55 8.21 2.53 17.31
N GLU A 56 8.46 3.09 16.12
CA GLU A 56 9.10 2.34 15.04
C GLU A 56 8.33 1.07 14.70
N ASN A 57 7.03 1.05 15.03
CA ASN A 57 6.19 -0.11 14.74
C ASN A 57 5.04 0.27 13.80
N VAL A 58 5.31 1.22 12.90
CA VAL A 58 4.31 1.67 11.94
C VAL A 58 4.90 1.75 10.52
N PHE A 59 4.36 0.94 9.61
CA PHE A 59 4.83 0.91 8.23
C PHE A 59 3.69 0.61 7.27
N ILE A 60 3.73 1.22 6.08
CA ILE A 60 2.70 1.00 5.07
C ILE A 60 3.20 0.06 3.97
N VAL A 61 2.58 -1.11 3.86
CA VAL A 61 2.98 -2.09 2.85
C VAL A 61 2.14 -1.95 1.58
N SER A 62 2.73 -2.32 0.44
CA SER A 62 2.04 -2.23 -0.85
C SER A 62 1.53 -3.59 -1.31
N PRO A 63 0.58 -3.62 -2.26
CA PRO A 63 0.01 -4.87 -2.80
C PRO A 63 1.06 -5.72 -3.50
N TYR A 64 1.12 -7.00 -3.14
CA TYR A 64 2.08 -7.94 -3.74
C TYR A 64 3.49 -7.77 -3.16
N ASN A 65 3.65 -6.83 -2.21
CA ASN A 65 4.96 -6.58 -1.60
C ASN A 65 5.15 -7.48 -0.38
N HIS A 66 6.14 -8.38 -0.47
CA HIS A 66 6.45 -9.31 0.62
C HIS A 66 7.20 -8.60 1.73
N THR A 67 7.32 -9.27 2.89
CA THR A 67 8.01 -8.71 4.05
C THR A 67 7.23 -7.55 4.64
N ASN A 68 6.77 -7.71 5.89
CA ASN A 68 6.01 -6.67 6.57
C ASN A 68 6.92 -5.70 7.34
N LEU A 69 8.23 -5.75 7.06
CA LEU A 69 9.18 -4.87 7.73
C LEU A 69 9.38 -3.57 6.95
N PRO A 70 9.68 -3.66 5.63
CA PRO A 70 9.88 -2.47 4.78
C PRO A 70 8.64 -1.58 4.70
N THR A 71 8.74 -0.52 3.89
CA THR A 71 7.65 0.43 3.72
C THR A 71 7.53 0.90 2.26
N VAL A 72 6.34 1.39 1.88
CA VAL A 72 6.09 1.86 0.52
C VAL A 72 5.22 3.14 0.55
N THR A 73 5.26 3.92 -0.54
CA THR A 73 4.47 5.16 -0.60
C THR A 73 2.96 4.87 -0.72
N PRO A 74 2.12 5.78 -0.19
CA PRO A 74 0.66 5.64 -0.24
C PRO A 74 0.11 5.85 -1.65
N THR A 75 0.76 6.74 -2.41
CA THR A 75 0.37 7.04 -3.78
C THR A 75 0.32 5.78 -4.65
N TYR A 76 0.94 4.69 -4.17
CA TYR A 76 0.95 3.42 -4.90
C TYR A 76 -0.43 3.08 -5.48
N ILE A 77 -1.48 3.43 -4.73
CA ILE A 77 -2.85 3.17 -5.18
C ILE A 77 -3.13 3.86 -6.51
N LYS A 78 -2.98 5.18 -6.55
CA LYS A 78 -3.21 5.95 -7.76
C LYS A 78 -2.31 5.47 -8.89
N ALA A 79 -1.07 5.12 -8.55
CA ALA A 79 -0.11 4.62 -9.53
C ALA A 79 -0.48 3.22 -10.01
N CYS A 80 -1.20 2.46 -9.16
CA CYS A 80 -1.60 1.11 -9.51
C CYS A 80 -2.99 1.08 -10.17
N CYS A 81 -3.82 2.07 -9.85
CA CYS A 81 -5.16 2.15 -10.42
C CYS A 81 -5.16 2.92 -11.74
N GLN A 82 -4.30 3.94 -11.82
CA GLN A 82 -4.21 4.76 -13.03
C GLN A 82 -3.06 4.32 -13.94
N SER A 83 -1.91 4.03 -13.34
CA SER A 83 -0.73 3.61 -14.11
C SER A 83 -0.57 2.08 -14.12
N ASN A 84 -1.37 1.38 -13.31
CA ASN A 84 -1.32 -0.08 -13.22
C ASN A 84 -0.02 -0.54 -12.55
N SER A 85 1.09 -0.44 -13.28
CA SER A 85 2.39 -0.84 -12.74
C SER A 85 3.52 -0.48 -13.72
N LEU A 86 3.37 0.66 -14.40
CA LEU A 86 4.36 1.12 -15.36
C LEU A 86 5.48 1.90 -14.67
N LEU A 87 5.11 2.68 -13.65
CA LEU A 87 6.08 3.48 -12.90
C LEU A 87 6.37 2.86 -11.54
N ASN A 88 7.35 1.95 -11.51
CA ASN A 88 7.73 1.26 -10.27
C ASN A 88 8.80 2.05 -9.52
N MET A 89 9.57 2.87 -10.26
CA MET A 89 10.62 3.68 -9.66
C MET A 89 10.03 4.59 -8.58
N GLU A 90 8.74 4.92 -8.72
CA GLU A 90 8.05 5.77 -7.75
C GLU A 90 7.53 4.99 -6.55
N ASN A 91 7.80 3.67 -6.51
CA ASN A 91 7.38 2.86 -5.39
C ASN A 91 7.91 3.50 -4.10
N TYR A 92 9.05 4.21 -4.22
CA TYR A 92 9.68 4.89 -3.09
C TYR A 92 9.64 4.02 -1.84
N LEU A 93 9.88 2.73 -2.04
CA LEU A 93 9.88 1.77 -0.94
C LEU A 93 11.18 1.88 -0.13
N VAL A 94 11.09 1.63 1.17
CA VAL A 94 12.23 1.69 2.05
C VAL A 94 12.91 0.33 2.15
N PRO A 95 14.11 0.18 1.55
CA PRO A 95 14.85 -1.09 1.56
C PRO A 95 15.23 -1.53 2.97
N TYR A 96 14.88 -2.76 3.32
CA TYR A 96 15.18 -3.31 4.63
C TYR A 96 15.57 -4.79 4.54
N ASP A 97 14.73 -5.58 3.86
CA ASP A 97 14.99 -7.00 3.69
C ASP A 97 14.90 -7.41 2.22
N ASN A 98 13.71 -7.26 1.64
CA ASN A 98 13.47 -7.59 0.23
C ASN A 98 13.64 -9.09 -0.01
N GLU A 2 -3.37 -26.65 5.00
CA GLU A 2 -4.41 -26.49 3.96
C GLU A 2 -3.84 -25.86 2.69
N LYS A 3 -4.08 -26.50 1.55
CA LYS A 3 -3.60 -26.01 0.26
C LYS A 3 -4.25 -26.75 -0.90
N LYS A 4 -4.36 -26.08 -2.04
CA LYS A 4 -4.96 -26.68 -3.24
C LYS A 4 -4.54 -25.93 -4.51
N GLU A 5 -4.55 -24.60 -4.43
CA GLU A 5 -4.17 -23.75 -5.56
C GLU A 5 -2.70 -23.97 -5.96
N GLN A 6 -2.26 -23.23 -6.97
CA GLN A 6 -0.88 -23.34 -7.45
C GLN A 6 -0.50 -22.14 -8.33
N VAL A 7 -1.43 -21.72 -9.19
CA VAL A 7 -1.20 -20.59 -10.10
C VAL A 7 -0.70 -19.36 -9.33
N SER A 8 0.45 -18.84 -9.74
CA SER A 8 1.03 -17.67 -9.10
C SER A 8 0.66 -16.39 -9.85
N GLY A 9 1.28 -15.27 -9.46
CA GLY A 9 1.01 -13.99 -10.09
C GLY A 9 -0.41 -13.50 -9.85
N PRO A 10 -0.82 -13.34 -8.57
CA PRO A 10 -2.18 -12.87 -8.23
C PRO A 10 -2.42 -11.43 -8.69
N PRO A 11 -3.37 -11.24 -9.63
CA PRO A 11 -3.70 -9.91 -10.16
C PRO A 11 -4.34 -8.99 -9.11
N LEU A 12 -5.27 -9.55 -8.34
CA LEU A 12 -5.95 -8.80 -7.27
C LEU A 12 -5.87 -9.57 -5.96
N SER A 13 -6.40 -8.97 -4.89
CA SER A 13 -6.40 -9.61 -3.57
C SER A 13 -5.03 -10.20 -3.20
N ASN A 14 -4.18 -9.37 -2.60
CA ASN A 14 -2.84 -9.81 -2.21
C ASN A 14 -2.55 -9.47 -0.74
N MET A 15 -2.28 -8.20 -0.46
CA MET A 15 -1.99 -7.75 0.90
C MET A 15 -1.78 -6.24 0.94
N LYS A 16 -2.38 -5.59 1.93
CA LYS A 16 -2.27 -4.14 2.09
C LYS A 16 -2.27 -3.76 3.56
N PHE A 17 -1.59 -2.67 3.89
CA PHE A 17 -1.52 -2.21 5.26
C PHE A 17 -1.17 -0.73 5.30
N TYR A 18 -2.03 0.09 5.90
CA TYR A 18 -1.77 1.52 5.97
C TYR A 18 -1.54 1.94 7.41
N LEU A 19 -0.28 1.96 7.81
CA LEU A 19 0.09 2.34 9.18
C LEU A 19 1.23 3.37 9.20
N ASN A 20 1.17 4.31 8.25
CA ASN A 20 2.12 5.42 8.06
C ASN A 20 3.38 5.39 8.96
N ARG A 21 4.56 5.37 8.31
CA ARG A 21 5.84 5.38 9.03
C ARG A 21 6.47 6.78 9.01
N ASP A 22 5.67 7.81 9.28
CA ASP A 22 6.16 9.20 9.30
C ASP A 22 6.85 9.57 7.99
N ALA A 23 6.10 9.52 6.89
CA ALA A 23 6.64 9.85 5.56
C ALA A 23 6.58 11.36 5.27
N ASP A 24 6.14 12.15 6.26
CA ASP A 24 6.02 13.60 6.10
C ASP A 24 4.91 13.96 5.11
N ALA A 25 3.87 13.11 5.04
CA ALA A 25 2.73 13.32 4.15
C ALA A 25 3.18 13.51 2.70
N HIS A 26 3.60 12.40 2.08
CA HIS A 26 4.06 12.44 0.69
C HIS A 26 2.88 12.60 -0.28
N ASP A 27 1.74 12.02 0.08
CA ASP A 27 0.54 12.11 -0.75
C ASP A 27 -0.67 12.50 0.09
N SER A 28 -1.02 11.67 1.08
CA SER A 28 -2.15 11.93 1.96
C SER A 28 -2.14 11.01 3.18
N LEU A 29 -3.05 11.26 4.12
CA LEU A 29 -3.15 10.45 5.34
C LEU A 29 -4.58 9.99 5.58
N ASN A 30 -5.51 10.95 5.62
CA ASN A 30 -6.93 10.63 5.82
C ASN A 30 -7.64 10.38 4.49
N ASP A 31 -7.21 11.09 3.44
CA ASP A 31 -7.81 10.95 2.11
C ASP A 31 -7.55 9.56 1.52
N ILE A 32 -6.36 9.02 1.76
CA ILE A 32 -6.00 7.69 1.25
C ILE A 32 -7.06 6.64 1.62
N ASP A 33 -7.72 6.83 2.75
CA ASP A 33 -8.77 5.91 3.19
C ASP A 33 -9.86 5.78 2.12
N GLN A 34 -10.02 6.83 1.31
CA GLN A 34 -11.00 6.85 0.24
C GLN A 34 -10.46 6.20 -1.02
N LEU A 35 -9.22 6.53 -1.38
CA LEU A 35 -8.60 5.95 -2.58
C LEU A 35 -8.24 4.49 -2.36
N ALA A 36 -8.07 4.10 -1.09
CA ALA A 36 -7.74 2.72 -0.73
C ALA A 36 -9.00 1.88 -0.56
N ARG A 37 -10.14 2.55 -0.32
CA ARG A 37 -11.42 1.86 -0.15
C ARG A 37 -11.74 1.02 -1.39
N LEU A 38 -11.28 1.49 -2.56
CA LEU A 38 -11.50 0.78 -3.81
C LEU A 38 -10.57 -0.42 -3.93
N ILE A 39 -9.29 -0.20 -3.63
CA ILE A 39 -8.29 -1.27 -3.68
C ILE A 39 -8.63 -2.37 -2.67
N ARG A 40 -9.22 -1.96 -1.55
CA ARG A 40 -9.63 -2.90 -0.51
C ARG A 40 -10.82 -3.72 -1.00
N ALA A 41 -11.63 -3.11 -1.87
CA ALA A 41 -12.79 -3.78 -2.44
C ALA A 41 -12.38 -4.72 -3.58
N ASN A 42 -11.16 -4.53 -4.08
CA ASN A 42 -10.62 -5.36 -5.17
C ASN A 42 -10.47 -6.81 -4.74
N GLY A 43 -10.29 -7.04 -3.43
CA GLY A 43 -10.12 -8.37 -2.91
C GLY A 43 -9.10 -8.43 -1.78
N GLY A 44 -8.18 -7.46 -1.76
CA GLY A 44 -7.17 -7.42 -0.72
C GLY A 44 -7.71 -6.94 0.61
N GLU A 45 -6.85 -6.29 1.40
CA GLU A 45 -7.25 -5.78 2.70
C GLU A 45 -6.34 -4.63 3.14
N VAL A 46 -6.93 -3.46 3.38
CA VAL A 46 -6.15 -2.30 3.80
C VAL A 46 -6.81 -1.60 4.98
N LEU A 47 -6.00 -1.28 5.98
CA LEU A 47 -6.47 -0.60 7.18
C LEU A 47 -5.74 0.73 7.33
N ASP A 48 -6.44 1.83 7.04
CA ASP A 48 -5.84 3.16 7.13
C ASP A 48 -5.73 3.62 8.57
N SER A 49 -4.49 3.85 9.02
CA SER A 49 -4.23 4.28 10.38
C SER A 49 -3.19 5.41 10.40
N LYS A 50 -3.63 6.60 10.79
CA LYS A 50 -2.75 7.77 10.85
C LYS A 50 -1.64 7.55 11.87
N PRO A 51 -0.44 8.11 11.61
CA PRO A 51 0.71 7.98 12.51
C PRO A 51 0.54 8.78 13.80
N ARG A 52 0.51 8.08 14.92
CA ARG A 52 0.35 8.73 16.23
C ARG A 52 1.58 8.51 17.10
N GLU A 53 1.77 7.27 17.56
CA GLU A 53 2.92 6.94 18.38
C GLU A 53 4.10 6.53 17.52
N SER A 54 5.22 7.23 17.70
CA SER A 54 6.42 6.95 16.92
C SER A 54 7.32 5.97 17.65
N LYS A 55 7.21 4.68 17.31
CA LYS A 55 8.00 3.63 17.93
C LYS A 55 8.53 2.63 16.88
N GLU A 56 8.67 3.08 15.64
CA GLU A 56 9.15 2.22 14.55
C GLU A 56 8.27 0.99 14.39
N ASN A 57 7.03 1.07 14.88
CA ASN A 57 6.08 -0.04 14.79
C ASN A 57 4.88 0.34 13.89
N VAL A 58 5.08 1.36 13.06
CA VAL A 58 4.04 1.83 12.14
C VAL A 58 4.59 1.95 10.72
N PHE A 59 4.02 1.17 9.79
CA PHE A 59 4.46 1.20 8.40
C PHE A 59 3.32 0.87 7.44
N ILE A 60 3.46 1.32 6.19
CA ILE A 60 2.47 1.09 5.16
C ILE A 60 3.02 0.15 4.07
N VAL A 61 2.33 -0.97 3.86
CA VAL A 61 2.71 -1.95 2.86
C VAL A 61 1.85 -1.80 1.60
N SER A 62 2.43 -2.14 0.45
CA SER A 62 1.72 -2.04 -0.83
C SER A 62 1.25 -3.41 -1.31
N PRO A 63 0.27 -3.43 -2.23
CA PRO A 63 -0.28 -4.68 -2.79
C PRO A 63 0.80 -5.52 -3.47
N TYR A 64 0.86 -6.80 -3.10
CA TYR A 64 1.85 -7.75 -3.67
C TYR A 64 3.19 -7.67 -2.94
N ASN A 65 3.37 -6.65 -2.09
CA ASN A 65 4.62 -6.49 -1.35
C ASN A 65 4.61 -7.35 -0.09
N HIS A 66 5.29 -8.49 -0.16
CA HIS A 66 5.38 -9.42 0.97
C HIS A 66 6.34 -8.88 2.03
N THR A 67 6.40 -9.58 3.17
CA THR A 67 7.29 -9.19 4.27
C THR A 67 6.87 -7.85 4.86
N ASN A 68 6.08 -7.90 5.94
CA ASN A 68 5.60 -6.69 6.60
C ASN A 68 6.71 -6.06 7.46
N LEU A 69 7.76 -5.59 6.79
CA LEU A 69 8.90 -4.97 7.46
C LEU A 69 9.15 -3.56 6.91
N PRO A 70 9.60 -3.44 5.63
CA PRO A 70 9.87 -2.14 5.00
C PRO A 70 8.60 -1.29 4.86
N THR A 71 8.68 -0.21 4.08
CA THR A 71 7.54 0.67 3.88
C THR A 71 7.48 1.17 2.44
N VAL A 72 6.31 1.58 1.98
CA VAL A 72 6.14 2.08 0.62
C VAL A 72 5.28 3.33 0.59
N THR A 73 5.23 4.00 -0.56
CA THR A 73 4.44 5.23 -0.70
C THR A 73 2.95 4.92 -0.83
N PRO A 74 2.09 5.80 -0.27
CA PRO A 74 0.62 5.63 -0.33
C PRO A 74 0.07 5.93 -1.72
N THR A 75 0.67 6.90 -2.39
CA THR A 75 0.26 7.32 -3.73
C THR A 75 0.32 6.14 -4.72
N TYR A 76 1.02 5.07 -4.35
CA TYR A 76 1.15 3.88 -5.20
C TYR A 76 -0.20 3.49 -5.82
N ILE A 77 -1.28 3.68 -5.07
CA ILE A 77 -2.62 3.36 -5.55
C ILE A 77 -2.99 4.21 -6.77
N LYS A 78 -2.73 5.52 -6.69
CA LYS A 78 -3.02 6.44 -7.78
C LYS A 78 -2.34 5.99 -9.08
N ALA A 79 -1.15 5.40 -8.93
CA ALA A 79 -0.39 4.90 -10.08
C ALA A 79 -0.78 3.46 -10.44
N CYS A 80 -1.29 2.72 -9.47
CA CYS A 80 -1.71 1.33 -9.70
C CYS A 80 -3.13 1.26 -10.26
N CYS A 81 -3.94 2.26 -9.93
CA CYS A 81 -5.33 2.32 -10.40
C CYS A 81 -5.43 3.05 -11.75
N GLN A 82 -4.56 4.04 -11.95
CA GLN A 82 -4.56 4.82 -13.19
C GLN A 82 -3.51 4.33 -14.17
N SER A 83 -2.30 4.06 -13.66
CA SER A 83 -1.20 3.59 -14.51
C SER A 83 -1.15 2.06 -14.57
N ASN A 84 -1.70 1.40 -13.54
CA ASN A 84 -1.71 -0.06 -13.46
C ASN A 84 -0.31 -0.62 -13.21
N SER A 85 0.56 -0.52 -14.21
CA SER A 85 1.94 -1.02 -14.09
C SER A 85 2.83 -0.39 -15.16
N LEU A 86 3.24 0.85 -14.90
CA LEU A 86 4.10 1.58 -15.84
C LEU A 86 5.37 2.07 -15.14
N LEU A 87 5.21 2.64 -13.94
CA LEU A 87 6.34 3.16 -13.17
C LEU A 87 6.40 2.50 -11.78
N ASN A 88 7.26 1.49 -11.65
CA ASN A 88 7.42 0.78 -10.38
C ASN A 88 8.52 1.44 -9.54
N MET A 89 9.47 2.10 -10.21
CA MET A 89 10.57 2.78 -9.51
C MET A 89 10.03 3.77 -8.47
N GLU A 90 8.77 4.21 -8.67
CA GLU A 90 8.14 5.16 -7.75
C GLU A 90 7.66 4.49 -6.47
N ASN A 91 7.89 3.18 -6.34
CA ASN A 91 7.51 2.46 -5.12
C ASN A 91 8.04 3.22 -3.91
N TYR A 92 9.18 3.90 -4.11
CA TYR A 92 9.83 4.69 -3.07
C TYR A 92 9.83 3.95 -1.74
N LEU A 93 10.00 2.65 -1.82
CA LEU A 93 10.02 1.80 -0.64
C LEU A 93 11.27 2.04 0.21
N VAL A 94 11.10 1.99 1.51
CA VAL A 94 12.20 2.20 2.45
C VAL A 94 13.00 0.93 2.62
N PRO A 95 14.35 1.04 2.63
CA PRO A 95 15.25 -0.12 2.78
C PRO A 95 14.87 -1.03 3.94
N TYR A 96 15.17 -2.31 3.81
CA TYR A 96 14.87 -3.29 4.84
C TYR A 96 15.73 -3.07 6.08
N ASP A 97 15.11 -2.57 7.15
CA ASP A 97 15.80 -2.29 8.41
C ASP A 97 16.94 -1.29 8.19
N ASN A 98 16.57 -0.02 8.03
CA ASN A 98 17.55 1.04 7.82
C ASN A 98 16.98 2.41 8.22
N GLU A 2 -23.53 -1.79 -13.54
CA GLU A 2 -23.36 -0.31 -13.60
C GLU A 2 -22.41 0.19 -12.52
N LYS A 3 -22.81 0.02 -11.26
CA LYS A 3 -21.99 0.45 -10.13
C LYS A 3 -21.92 -0.64 -9.06
N LYS A 4 -23.07 -1.20 -8.68
CA LYS A 4 -23.14 -2.26 -7.67
C LYS A 4 -23.08 -3.64 -8.33
N GLU A 5 -22.12 -3.82 -9.25
CA GLU A 5 -21.95 -5.09 -9.94
C GLU A 5 -20.61 -5.74 -9.58
N GLN A 6 -20.66 -6.90 -8.94
CA GLN A 6 -19.46 -7.63 -8.54
C GLN A 6 -18.61 -8.01 -9.75
N VAL A 7 -17.35 -7.58 -9.76
CA VAL A 7 -16.43 -7.88 -10.85
C VAL A 7 -15.97 -9.33 -10.82
N SER A 8 -15.77 -9.91 -12.01
CA SER A 8 -15.33 -11.30 -12.13
C SER A 8 -13.82 -11.43 -11.96
N GLY A 9 -13.41 -12.36 -11.10
CA GLY A 9 -12.00 -12.58 -10.86
C GLY A 9 -11.39 -11.50 -9.98
N PRO A 10 -10.48 -11.87 -9.06
CA PRO A 10 -9.84 -10.90 -8.17
C PRO A 10 -8.77 -10.08 -8.88
N PRO A 11 -9.03 -8.78 -9.12
CA PRO A 11 -8.07 -7.90 -9.81
C PRO A 11 -6.75 -7.78 -9.04
N LEU A 12 -6.84 -7.66 -7.70
CA LEU A 12 -5.65 -7.56 -6.87
C LEU A 12 -5.64 -8.65 -5.80
N SER A 13 -6.29 -8.38 -4.66
CA SER A 13 -6.36 -9.34 -3.55
C SER A 13 -5.01 -9.97 -3.26
N ASN A 14 -4.21 -9.31 -2.43
CA ASN A 14 -2.89 -9.82 -2.05
C ASN A 14 -2.58 -9.48 -0.59
N MET A 15 -2.16 -8.24 -0.33
CA MET A 15 -1.82 -7.79 1.02
C MET A 15 -1.49 -6.30 1.03
N LYS A 16 -2.09 -5.58 1.97
CA LYS A 16 -1.86 -4.15 2.10
C LYS A 16 -1.90 -3.71 3.56
N PHE A 17 -1.21 -2.62 3.87
CA PHE A 17 -1.16 -2.11 5.24
C PHE A 17 -0.80 -0.63 5.24
N TYR A 18 -1.58 0.19 5.94
CA TYR A 18 -1.33 1.62 5.99
C TYR A 18 -1.12 2.11 7.43
N LEU A 19 0.10 2.57 7.72
CA LEU A 19 0.44 3.06 9.06
C LEU A 19 1.65 3.98 8.98
N ASN A 20 1.41 5.26 8.68
CA ASN A 20 2.50 6.24 8.56
C ASN A 20 3.27 6.36 9.89
N ARG A 21 4.58 6.60 9.78
CA ARG A 21 5.45 6.74 10.95
C ARG A 21 5.24 8.11 11.61
N ASP A 22 5.95 8.34 12.73
CA ASP A 22 5.85 9.60 13.46
C ASP A 22 6.86 10.62 12.94
N ALA A 23 6.91 10.78 11.61
CA ALA A 23 7.82 11.73 10.99
C ALA A 23 7.10 13.01 10.54
N ASP A 24 5.81 13.12 10.85
CA ASP A 24 5.02 14.28 10.48
C ASP A 24 4.87 14.35 8.95
N ALA A 25 4.60 13.21 8.34
CA ALA A 25 4.43 13.13 6.89
C ALA A 25 3.20 13.89 6.44
N HIS A 26 3.26 14.45 5.23
CA HIS A 26 2.15 15.22 4.68
C HIS A 26 1.90 14.86 3.21
N ASP A 27 2.16 13.61 2.86
CA ASP A 27 1.96 13.13 1.49
C ASP A 27 0.57 12.52 1.33
N SER A 28 0.07 11.90 2.41
CA SER A 28 -1.25 11.27 2.38
C SER A 28 -1.62 10.71 3.74
N LEU A 29 -2.87 10.93 4.17
CA LEU A 29 -3.35 10.45 5.46
C LEU A 29 -4.83 10.08 5.40
N ASN A 30 -5.69 11.09 5.23
CA ASN A 30 -7.13 10.87 5.16
C ASN A 30 -7.58 10.62 3.72
N ASP A 31 -6.96 11.32 2.77
CA ASP A 31 -7.30 11.17 1.35
C ASP A 31 -7.15 9.73 0.88
N ILE A 32 -6.13 9.03 1.41
CA ILE A 32 -5.90 7.63 1.04
C ILE A 32 -7.04 6.75 1.49
N ASP A 33 -7.69 7.11 2.60
CA ASP A 33 -8.82 6.34 3.13
C ASP A 33 -9.91 6.21 2.07
N GLN A 34 -10.02 7.21 1.19
CA GLN A 34 -11.03 7.21 0.14
C GLN A 34 -10.55 6.41 -1.08
N LEU A 35 -9.34 6.69 -1.53
CA LEU A 35 -8.78 5.98 -2.69
C LEU A 35 -8.47 4.53 -2.34
N ALA A 36 -8.27 4.26 -1.05
CA ALA A 36 -7.99 2.91 -0.59
C ALA A 36 -9.26 2.11 -0.37
N ARG A 37 -10.38 2.82 -0.18
CA ARG A 37 -11.68 2.17 0.02
C ARG A 37 -11.96 1.21 -1.14
N LEU A 38 -11.54 1.61 -2.34
CA LEU A 38 -11.72 0.80 -3.55
C LEU A 38 -10.74 -0.37 -3.55
N ILE A 39 -9.52 -0.13 -3.06
CA ILE A 39 -8.49 -1.16 -3.01
C ILE A 39 -8.80 -2.20 -1.93
N ARG A 40 -9.46 -1.75 -0.86
CA ARG A 40 -9.84 -2.64 0.24
C ARG A 40 -11.00 -3.54 -0.20
N ALA A 41 -11.79 -3.04 -1.14
CA ALA A 41 -12.93 -3.78 -1.66
C ALA A 41 -12.56 -4.57 -2.92
N ASN A 42 -11.34 -4.33 -3.44
CA ASN A 42 -10.86 -5.01 -4.63
C ASN A 42 -10.67 -6.51 -4.40
N GLY A 43 -10.39 -6.88 -3.14
CA GLY A 43 -10.18 -8.28 -2.80
C GLY A 43 -9.16 -8.47 -1.70
N GLY A 44 -8.23 -7.51 -1.58
CA GLY A 44 -7.19 -7.60 -0.56
C GLY A 44 -7.64 -7.06 0.78
N GLU A 45 -6.76 -6.32 1.46
CA GLU A 45 -7.09 -5.76 2.77
C GLU A 45 -6.14 -4.62 3.13
N VAL A 46 -6.69 -3.44 3.38
CA VAL A 46 -5.91 -2.26 3.74
C VAL A 46 -6.58 -1.45 4.85
N LEU A 47 -5.77 -0.84 5.72
CA LEU A 47 -6.28 -0.05 6.82
C LEU A 47 -5.56 1.31 6.89
N ASP A 48 -6.20 2.35 6.36
CA ASP A 48 -5.62 3.69 6.36
C ASP A 48 -5.74 4.35 7.73
N SER A 49 -4.66 4.28 8.51
CA SER A 49 -4.64 4.87 9.85
C SER A 49 -3.49 5.86 10.00
N LYS A 50 -3.82 7.10 10.35
CA LYS A 50 -2.82 8.15 10.54
C LYS A 50 -1.89 7.80 11.70
N PRO A 51 -0.64 8.32 11.68
CA PRO A 51 0.35 8.07 12.74
C PRO A 51 -0.16 8.51 14.11
N ARG A 52 -0.34 7.54 15.01
CA ARG A 52 -0.81 7.82 16.37
C ARG A 52 0.21 7.39 17.41
N GLU A 53 0.37 6.09 17.58
CA GLU A 53 1.32 5.56 18.55
C GLU A 53 2.68 5.37 17.90
N SER A 54 3.70 6.00 18.48
CA SER A 54 5.06 5.91 17.96
C SER A 54 5.85 4.86 18.73
N LYS A 55 5.93 3.66 18.17
CA LYS A 55 6.66 2.55 18.79
C LYS A 55 7.48 1.78 17.76
N GLU A 56 7.83 2.46 16.67
CA GLU A 56 8.62 1.85 15.59
C GLU A 56 7.87 0.69 14.93
N ASN A 57 6.54 0.65 15.12
CA ASN A 57 5.71 -0.39 14.52
C ASN A 57 4.69 0.21 13.57
N VAL A 58 5.02 1.37 13.00
CA VAL A 58 4.15 2.05 12.05
C VAL A 58 4.79 2.13 10.67
N PHE A 59 4.28 1.31 9.74
CA PHE A 59 4.79 1.28 8.37
C PHE A 59 3.68 0.91 7.39
N ILE A 60 3.86 1.29 6.13
CA ILE A 60 2.88 1.01 5.08
C ILE A 60 3.42 -0.01 4.07
N VAL A 61 2.68 -1.11 3.87
CA VAL A 61 3.10 -2.16 2.95
C VAL A 61 2.31 -2.09 1.63
N SER A 62 2.97 -2.47 0.53
CA SER A 62 2.36 -2.46 -0.79
C SER A 62 1.86 -3.86 -1.19
N PRO A 63 0.97 -3.94 -2.18
CA PRO A 63 0.42 -5.22 -2.67
C PRO A 63 1.52 -6.20 -3.08
N TYR A 64 1.41 -7.44 -2.58
CA TYR A 64 2.39 -8.50 -2.89
C TYR A 64 3.69 -8.33 -2.09
N ASN A 65 3.80 -7.26 -1.31
CA ASN A 65 4.99 -7.03 -0.51
C ASN A 65 4.92 -7.78 0.81
N HIS A 66 5.49 -8.99 0.82
CA HIS A 66 5.50 -9.82 2.03
C HIS A 66 6.55 -9.32 3.02
N THR A 67 6.62 -9.97 4.18
CA THR A 67 7.56 -9.60 5.24
C THR A 67 7.32 -8.16 5.70
N ASN A 68 6.65 -8.02 6.85
CA ASN A 68 6.34 -6.70 7.40
C ASN A 68 7.62 -6.02 7.91
N LEU A 69 8.35 -5.41 6.99
CA LEU A 69 9.59 -4.71 7.32
C LEU A 69 9.75 -3.46 6.45
N PRO A 70 9.92 -3.62 5.12
CA PRO A 70 10.08 -2.47 4.20
C PRO A 70 8.86 -1.55 4.20
N THR A 71 8.88 -0.54 3.33
CA THR A 71 7.77 0.42 3.25
C THR A 71 7.63 0.97 1.83
N VAL A 72 6.47 1.56 1.54
CA VAL A 72 6.22 2.12 0.22
C VAL A 72 5.29 3.33 0.29
N THR A 73 5.37 4.20 -0.72
CA THR A 73 4.53 5.41 -0.76
C THR A 73 3.06 5.06 -1.00
N PRO A 74 2.15 5.94 -0.55
CA PRO A 74 0.70 5.74 -0.72
C PRO A 74 0.26 5.92 -2.17
N THR A 75 0.92 6.83 -2.87
CA THR A 75 0.63 7.10 -4.28
C THR A 75 0.72 5.84 -5.14
N TYR A 76 1.40 4.81 -4.62
CA TYR A 76 1.55 3.54 -5.33
C TYR A 76 0.22 3.07 -5.90
N ILE A 77 -0.84 3.23 -5.11
CA ILE A 77 -2.19 2.82 -5.53
C ILE A 77 -2.64 3.63 -6.75
N LYS A 78 -2.44 4.95 -6.71
CA LYS A 78 -2.83 5.82 -7.82
C LYS A 78 -2.21 5.34 -9.14
N ALA A 79 -0.98 4.81 -9.05
CA ALA A 79 -0.28 4.31 -10.22
C ALA A 79 -0.58 2.83 -10.47
N CYS A 80 -1.11 2.14 -9.46
CA CYS A 80 -1.45 0.72 -9.59
C CYS A 80 -2.87 0.53 -10.13
N CYS A 81 -3.76 1.45 -9.77
CA CYS A 81 -5.14 1.39 -10.22
C CYS A 81 -5.32 2.11 -11.57
N GLN A 82 -4.54 3.16 -11.79
CA GLN A 82 -4.63 3.93 -13.04
C GLN A 82 -3.54 3.50 -14.03
N SER A 83 -2.30 3.38 -13.55
CA SER A 83 -1.18 2.99 -14.41
C SER A 83 -0.96 1.47 -14.39
N ASN A 84 -1.70 0.76 -13.53
CA ASN A 84 -1.57 -0.70 -13.42
C ASN A 84 -0.22 -1.07 -12.79
N SER A 85 0.85 -0.95 -13.56
CA SER A 85 2.20 -1.27 -13.06
C SER A 85 3.26 -0.72 -14.02
N LEU A 86 3.02 0.47 -14.57
CA LEU A 86 3.95 1.10 -15.49
C LEU A 86 4.90 2.05 -14.76
N LEU A 87 4.37 2.79 -13.79
CA LEU A 87 5.19 3.74 -13.03
C LEU A 87 5.66 3.11 -11.71
N ASN A 88 6.65 2.22 -11.82
CA ASN A 88 7.21 1.55 -10.64
C ASN A 88 8.37 2.34 -10.05
N MET A 89 9.02 3.17 -10.89
CA MET A 89 10.13 3.99 -10.42
C MET A 89 9.70 4.90 -9.28
N GLU A 90 8.40 5.23 -9.24
CA GLU A 90 7.85 6.09 -8.20
C GLU A 90 7.39 5.31 -6.98
N ASN A 91 7.56 3.99 -6.99
CA ASN A 91 7.18 3.17 -5.85
C ASN A 91 7.82 3.76 -4.59
N TYR A 92 9.01 4.36 -4.77
CA TYR A 92 9.75 5.00 -3.68
C TYR A 92 9.75 4.11 -2.44
N LEU A 93 9.83 2.80 -2.67
CA LEU A 93 9.84 1.84 -1.56
C LEU A 93 11.07 2.05 -0.69
N VAL A 94 10.84 2.22 0.61
CA VAL A 94 11.92 2.42 1.57
C VAL A 94 12.34 1.09 2.20
N PRO A 95 13.49 0.53 1.77
CA PRO A 95 14.00 -0.74 2.29
C PRO A 95 14.56 -0.61 3.70
N TYR A 96 14.10 -1.48 4.60
CA TYR A 96 14.54 -1.48 5.99
C TYR A 96 14.13 -0.19 6.69
N ASP A 97 14.49 -0.06 7.97
CA ASP A 97 14.16 1.12 8.74
C ASP A 97 15.35 2.08 8.81
N ASN A 98 15.62 2.74 7.69
CA ASN A 98 16.73 3.69 7.59
C ASN A 98 16.49 4.92 8.47
N GLU A 2 -10.49 -8.55 -15.72
CA GLU A 2 -9.28 -8.62 -16.58
C GLU A 2 -9.39 -7.67 -17.79
N LYS A 3 -8.71 -6.53 -17.69
CA LYS A 3 -8.73 -5.54 -18.76
C LYS A 3 -7.66 -5.83 -19.82
N LYS A 4 -6.39 -5.80 -19.40
CA LYS A 4 -5.28 -6.07 -20.32
C LYS A 4 -5.17 -7.57 -20.61
N GLU A 5 -4.27 -7.93 -21.53
CA GLU A 5 -4.07 -9.33 -21.89
C GLU A 5 -2.71 -9.83 -21.40
N GLN A 6 -2.72 -11.01 -20.77
CA GLN A 6 -1.50 -11.62 -20.24
C GLN A 6 -0.86 -10.72 -19.18
N VAL A 7 -1.46 -10.71 -17.98
CA VAL A 7 -0.95 -9.90 -16.88
C VAL A 7 -0.14 -10.75 -15.90
N SER A 8 1.13 -10.37 -15.70
CA SER A 8 2.01 -11.10 -14.79
C SER A 8 1.71 -10.73 -13.33
N GLY A 9 1.28 -11.73 -12.56
CA GLY A 9 0.96 -11.49 -11.15
C GLY A 9 -0.45 -11.00 -10.96
N PRO A 10 -1.18 -11.49 -9.93
CA PRO A 10 -2.55 -11.09 -9.65
C PRO A 10 -2.71 -9.58 -9.49
N PRO A 11 -3.42 -8.92 -10.42
CA PRO A 11 -3.64 -7.46 -10.37
C PRO A 11 -4.50 -7.04 -9.19
N LEU A 12 -5.33 -7.97 -8.69
CA LEU A 12 -6.21 -7.71 -7.56
C LEU A 12 -5.97 -8.72 -6.45
N SER A 13 -6.14 -8.28 -5.19
CA SER A 13 -5.94 -9.14 -4.03
C SER A 13 -4.48 -9.61 -3.91
N ASN A 14 -3.77 -9.09 -2.91
CA ASN A 14 -2.37 -9.47 -2.69
C ASN A 14 -1.95 -9.21 -1.24
N MET A 15 -1.70 -7.93 -0.92
CA MET A 15 -1.29 -7.53 0.43
C MET A 15 -1.18 -6.02 0.54
N LYS A 16 -1.89 -5.44 1.50
CA LYS A 16 -1.87 -3.98 1.70
C LYS A 16 -1.92 -3.64 3.19
N PHE A 17 -1.30 -2.52 3.55
CA PHE A 17 -1.27 -2.09 4.94
C PHE A 17 -0.99 -0.59 5.01
N TYR A 18 -1.81 0.14 5.78
CA TYR A 18 -1.65 1.58 5.91
C TYR A 18 -1.49 2.01 7.37
N LEU A 19 -0.30 2.48 7.71
CA LEU A 19 0.00 2.92 9.08
C LEU A 19 1.21 3.85 9.08
N ASN A 20 0.96 5.15 8.90
CA ASN A 20 2.05 6.14 8.86
C ASN A 20 2.83 6.14 10.18
N ARG A 21 4.12 6.49 10.09
CA ARG A 21 4.99 6.54 11.26
C ARG A 21 5.20 7.99 11.72
N ASP A 22 6.07 8.71 10.99
CA ASP A 22 6.35 10.11 11.32
C ASP A 22 7.26 10.73 10.25
N ALA A 23 6.94 10.47 8.98
CA ALA A 23 7.72 11.00 7.87
C ALA A 23 7.46 12.49 7.66
N ASP A 24 6.29 12.94 8.08
CA ASP A 24 5.87 14.34 7.94
C ASP A 24 4.39 14.50 8.25
N ALA A 25 3.61 13.45 7.96
CA ALA A 25 2.16 13.46 8.21
C ALA A 25 1.46 14.51 7.35
N HIS A 26 2.03 14.79 6.18
CA HIS A 26 1.44 15.75 5.25
C HIS A 26 1.51 15.25 3.80
N ASP A 27 1.56 13.93 3.64
CA ASP A 27 1.61 13.31 2.32
C ASP A 27 0.30 12.58 2.01
N SER A 28 -0.22 11.86 3.00
CA SER A 28 -1.46 11.11 2.85
C SER A 28 -1.89 10.47 4.16
N LEU A 29 -3.12 10.75 4.61
CA LEU A 29 -3.62 10.19 5.86
C LEU A 29 -5.11 9.85 5.74
N ASN A 30 -5.95 10.89 5.63
CA ASN A 30 -7.40 10.70 5.52
C ASN A 30 -7.81 10.55 4.05
N ASP A 31 -7.13 11.27 3.16
CA ASP A 31 -7.43 11.22 1.73
C ASP A 31 -7.28 9.80 1.18
N ILE A 32 -6.28 9.07 1.68
CA ILE A 32 -6.03 7.70 1.25
C ILE A 32 -7.16 6.76 1.68
N ASP A 33 -7.79 7.07 2.81
CA ASP A 33 -8.89 6.27 3.32
C ASP A 33 -10.00 6.13 2.28
N GLN A 34 -10.14 7.16 1.43
CA GLN A 34 -11.15 7.15 0.39
C GLN A 34 -10.68 6.42 -0.86
N LEU A 35 -9.48 6.78 -1.35
CA LEU A 35 -8.92 6.13 -2.54
C LEU A 35 -8.57 4.67 -2.24
N ALA A 36 -8.34 4.36 -0.97
CA ALA A 36 -8.00 2.99 -0.56
C ALA A 36 -9.25 2.16 -0.36
N ARG A 37 -10.39 2.82 -0.13
CA ARG A 37 -11.67 2.13 0.05
C ARG A 37 -11.94 1.23 -1.17
N LEU A 38 -11.52 1.70 -2.34
CA LEU A 38 -11.68 0.96 -3.58
C LEU A 38 -10.67 -0.18 -3.66
N ILE A 39 -9.43 0.09 -3.23
CA ILE A 39 -8.37 -0.92 -3.24
C ILE A 39 -8.65 -2.02 -2.22
N ARG A 40 -9.35 -1.68 -1.14
CA ARG A 40 -9.70 -2.64 -0.11
C ARG A 40 -10.81 -3.56 -0.61
N ALA A 41 -11.62 -3.05 -1.54
CA ALA A 41 -12.72 -3.81 -2.11
C ALA A 41 -12.27 -4.55 -3.39
N ASN A 42 -11.05 -4.27 -3.86
CA ASN A 42 -10.51 -4.89 -5.06
C ASN A 42 -10.31 -6.40 -4.87
N GLY A 43 -10.07 -6.80 -3.62
CA GLY A 43 -9.84 -8.21 -3.30
C GLY A 43 -8.82 -8.40 -2.20
N GLY A 44 -7.92 -7.42 -2.05
CA GLY A 44 -6.90 -7.51 -1.01
C GLY A 44 -7.41 -7.07 0.35
N GLU A 45 -6.54 -6.42 1.12
CA GLU A 45 -6.91 -5.95 2.45
C GLU A 45 -6.02 -4.77 2.87
N VAL A 46 -6.65 -3.63 3.14
CA VAL A 46 -5.93 -2.42 3.56
C VAL A 46 -6.65 -1.72 4.71
N LEU A 47 -5.87 -1.11 5.59
CA LEU A 47 -6.42 -0.40 6.75
C LEU A 47 -5.81 0.99 6.86
N ASP A 48 -6.53 2.01 6.40
CA ASP A 48 -6.03 3.39 6.46
C ASP A 48 -6.24 4.00 7.84
N SER A 49 -5.15 4.13 8.59
CA SER A 49 -5.21 4.70 9.94
C SER A 49 -4.09 5.72 10.16
N LYS A 50 -4.46 6.89 10.69
CA LYS A 50 -3.50 7.96 10.96
C LYS A 50 -2.46 7.51 12.00
N PRO A 51 -1.25 8.08 11.96
CA PRO A 51 -0.18 7.74 12.90
C PRO A 51 -0.50 8.17 14.33
N ARG A 52 -0.54 7.21 15.25
CA ARG A 52 -0.83 7.49 16.66
C ARG A 52 0.39 7.22 17.53
N GLU A 53 0.68 5.94 17.76
CA GLU A 53 1.82 5.55 18.57
C GLU A 53 3.06 5.40 17.70
N SER A 54 4.12 6.14 18.02
CA SER A 54 5.35 6.08 17.26
C SER A 54 6.36 5.14 17.92
N LYS A 55 6.40 3.91 17.43
CA LYS A 55 7.30 2.88 17.95
C LYS A 55 8.08 2.22 16.82
N GLU A 56 8.36 3.00 15.76
CA GLU A 56 9.08 2.51 14.58
C GLU A 56 8.52 1.16 14.08
N ASN A 57 7.24 0.90 14.38
CA ASN A 57 6.57 -0.32 13.96
C ASN A 57 5.45 -0.03 12.97
N VAL A 58 4.92 1.20 12.99
CA VAL A 58 3.85 1.59 12.07
C VAL A 58 4.42 1.95 10.71
N PHE A 59 3.97 1.23 9.67
CA PHE A 59 4.42 1.48 8.30
C PHE A 59 3.34 1.14 7.29
N ILE A 60 3.57 1.52 6.03
CA ILE A 60 2.62 1.26 4.96
C ILE A 60 3.22 0.33 3.90
N VAL A 61 2.54 -0.79 3.64
CA VAL A 61 3.00 -1.76 2.65
C VAL A 61 2.23 -1.63 1.34
N SER A 62 2.88 -2.00 0.24
CA SER A 62 2.27 -1.92 -1.09
C SER A 62 1.80 -3.29 -1.57
N PRO A 63 0.89 -3.31 -2.57
CA PRO A 63 0.35 -4.56 -3.13
C PRO A 63 1.43 -5.39 -3.83
N TYR A 64 1.56 -6.65 -3.40
CA TYR A 64 2.56 -7.57 -3.95
C TYR A 64 3.90 -7.47 -3.22
N ASN A 65 4.08 -6.39 -2.46
CA ASN A 65 5.31 -6.19 -1.70
C ASN A 65 5.37 -7.16 -0.52
N HIS A 66 6.26 -8.15 -0.62
CA HIS A 66 6.42 -9.15 0.44
C HIS A 66 7.30 -8.61 1.56
N THR A 67 7.18 -9.21 2.75
CA THR A 67 7.97 -8.80 3.92
C THR A 67 7.54 -7.43 4.42
N ASN A 68 6.91 -7.41 5.59
CA ASN A 68 6.44 -6.17 6.19
C ASN A 68 7.55 -5.54 7.04
N LEU A 69 8.69 -5.27 6.41
CA LEU A 69 9.85 -4.68 7.09
C LEU A 69 10.04 -3.21 6.68
N PRO A 70 10.24 -2.93 5.37
CA PRO A 70 10.42 -1.56 4.88
C PRO A 70 9.09 -0.81 4.78
N THR A 71 9.06 0.28 4.00
CA THR A 71 7.84 1.08 3.84
C THR A 71 7.73 1.61 2.41
N VAL A 72 6.51 1.85 1.95
CA VAL A 72 6.30 2.37 0.60
C VAL A 72 5.47 3.65 0.60
N THR A 73 5.36 4.29 -0.56
CA THR A 73 4.59 5.53 -0.69
C THR A 73 3.09 5.25 -0.86
N PRO A 74 2.22 6.15 -0.35
CA PRO A 74 0.75 6.00 -0.46
C PRO A 74 0.25 6.29 -1.87
N THR A 75 0.92 7.20 -2.56
CA THR A 75 0.57 7.59 -3.93
C THR A 75 0.64 6.39 -4.88
N TYR A 76 1.28 5.29 -4.45
CA TYR A 76 1.40 4.09 -5.27
C TYR A 76 0.06 3.71 -5.89
N ILE A 77 -1.02 3.85 -5.11
CA ILE A 77 -2.36 3.51 -5.60
C ILE A 77 -2.77 4.41 -6.78
N LYS A 78 -2.38 5.69 -6.70
CA LYS A 78 -2.70 6.64 -7.78
C LYS A 78 -2.26 6.09 -9.14
N ALA A 79 -1.09 5.44 -9.17
CA ALA A 79 -0.55 4.87 -10.40
C ALA A 79 -0.98 3.40 -10.55
N CYS A 80 -1.33 2.75 -9.44
CA CYS A 80 -1.77 1.36 -9.49
C CYS A 80 -3.22 1.28 -9.96
N CYS A 81 -3.98 2.35 -9.73
CA CYS A 81 -5.37 2.41 -10.13
C CYS A 81 -5.51 2.97 -11.55
N GLN A 82 -4.65 3.92 -11.91
CA GLN A 82 -4.69 4.53 -13.24
C GLN A 82 -3.75 3.81 -14.21
N SER A 83 -2.54 3.47 -13.75
CA SER A 83 -1.56 2.78 -14.61
C SER A 83 -1.63 1.26 -14.45
N ASN A 84 -2.40 0.78 -13.47
CA ASN A 84 -2.54 -0.65 -13.22
C ASN A 84 -1.23 -1.26 -12.72
N SER A 85 -0.31 -1.53 -13.64
CA SER A 85 0.99 -2.11 -13.28
C SER A 85 2.03 -1.84 -14.37
N LEU A 86 2.59 -0.64 -14.36
CA LEU A 86 3.59 -0.25 -15.34
C LEU A 86 4.60 0.74 -14.75
N LEU A 87 4.88 0.59 -13.45
CA LEU A 87 5.84 1.47 -12.76
C LEU A 87 6.13 0.98 -11.34
N ASN A 88 6.77 -0.19 -11.24
CA ASN A 88 7.12 -0.76 -9.95
C ASN A 88 8.27 0.00 -9.30
N MET A 89 9.13 0.61 -10.14
CA MET A 89 10.26 1.39 -9.63
C MET A 89 9.75 2.54 -8.76
N GLU A 90 8.48 2.92 -8.95
CA GLU A 90 7.88 4.02 -8.19
C GLU A 90 7.47 3.59 -6.79
N ASN A 91 7.75 2.33 -6.42
CA ASN A 91 7.44 1.87 -5.08
C ASN A 91 7.99 2.86 -4.05
N TYR A 92 9.12 3.48 -4.42
CA TYR A 92 9.78 4.47 -3.57
C TYR A 92 9.79 4.02 -2.12
N LEU A 93 10.06 2.74 -1.94
CA LEU A 93 10.11 2.14 -0.62
C LEU A 93 11.40 2.49 0.14
N VAL A 94 11.29 2.63 1.46
CA VAL A 94 12.45 2.94 2.28
C VAL A 94 13.33 1.69 2.39
N PRO A 95 14.65 1.87 2.14
CA PRO A 95 15.65 0.79 2.16
C PRO A 95 15.55 -0.13 3.37
N TYR A 96 16.21 -1.28 3.28
CA TYR A 96 16.20 -2.26 4.35
C TYR A 96 17.30 -1.96 5.38
N ASP A 97 18.50 -1.63 4.90
CA ASP A 97 19.63 -1.32 5.77
C ASP A 97 20.55 -0.28 5.14
N ASN A 98 21.00 -0.57 3.92
CA ASN A 98 21.90 0.33 3.19
C ASN A 98 21.25 1.69 2.93
N GLU A 2 2.82 -16.20 -3.68
CA GLU A 2 4.27 -16.17 -3.37
C GLU A 2 5.09 -16.87 -4.47
N LYS A 3 4.70 -18.11 -4.81
CA LYS A 3 5.39 -18.88 -5.84
C LYS A 3 5.18 -18.27 -7.22
N LYS A 4 6.27 -17.77 -7.82
CA LYS A 4 6.22 -17.16 -9.15
C LYS A 4 5.33 -15.91 -9.15
N GLU A 5 5.21 -15.27 -10.31
CA GLU A 5 4.39 -14.07 -10.45
C GLU A 5 3.08 -14.38 -11.18
N GLN A 6 2.46 -15.50 -10.81
CA GLN A 6 1.21 -15.92 -11.41
C GLN A 6 0.05 -15.80 -10.42
N VAL A 7 -0.90 -14.93 -10.71
CA VAL A 7 -2.06 -14.72 -9.84
C VAL A 7 -3.01 -15.91 -9.89
N SER A 8 -3.52 -16.31 -8.72
CA SER A 8 -4.44 -17.44 -8.62
C SER A 8 -5.71 -17.04 -7.86
N GLY A 9 -6.25 -15.86 -8.17
CA GLY A 9 -7.45 -15.38 -7.52
C GLY A 9 -7.96 -14.08 -8.10
N PRO A 10 -8.50 -13.17 -7.26
CA PRO A 10 -9.03 -11.87 -7.70
C PRO A 10 -7.98 -11.02 -8.43
N PRO A 11 -8.35 -9.81 -8.90
CA PRO A 11 -7.43 -8.91 -9.62
C PRO A 11 -6.06 -8.82 -8.94
N LEU A 12 -6.06 -8.65 -7.62
CA LEU A 12 -4.82 -8.55 -6.86
C LEU A 12 -4.87 -9.44 -5.61
N SER A 13 -5.53 -8.95 -4.56
CA SER A 13 -5.68 -9.68 -3.30
C SER A 13 -4.36 -10.34 -2.85
N ASN A 14 -3.57 -9.60 -2.07
CA ASN A 14 -2.31 -10.12 -1.56
C ASN A 14 -2.03 -9.63 -0.14
N MET A 15 -1.70 -8.34 0.00
CA MET A 15 -1.42 -7.76 1.33
C MET A 15 -1.30 -6.23 1.25
N LYS A 16 -2.00 -5.54 2.14
CA LYS A 16 -1.98 -4.08 2.17
C LYS A 16 -2.10 -3.57 3.61
N PHE A 17 -1.45 -2.45 3.90
CA PHE A 17 -1.48 -1.86 5.24
C PHE A 17 -1.14 -0.38 5.19
N TYR A 18 -1.95 0.45 5.85
CA TYR A 18 -1.75 1.90 5.85
C TYR A 18 -1.59 2.44 7.28
N LEU A 19 -0.34 2.58 7.72
CA LEU A 19 -0.05 3.10 9.06
C LEU A 19 1.28 3.84 9.08
N ASN A 20 1.23 5.16 8.84
CA ASN A 20 2.44 5.97 8.82
C ASN A 20 3.16 5.96 10.17
N ARG A 21 4.48 6.17 10.14
CA ARG A 21 5.28 6.18 11.36
C ARG A 21 5.35 7.59 11.96
N ASP A 22 6.16 8.45 11.35
CA ASP A 22 6.31 9.84 11.82
C ASP A 22 6.88 10.73 10.71
N ALA A 23 6.30 10.62 9.52
CA ALA A 23 6.73 11.41 8.37
C ALA A 23 6.01 12.76 8.30
N ASP A 24 5.17 13.06 9.29
CA ASP A 24 4.42 14.31 9.32
C ASP A 24 3.50 14.43 8.10
N ALA A 25 2.90 13.31 7.70
CA ALA A 25 2.00 13.28 6.56
C ALA A 25 2.70 13.72 5.28
N HIS A 26 3.51 12.82 4.71
CA HIS A 26 4.24 13.11 3.48
C HIS A 26 3.29 13.42 2.33
N ASP A 27 2.14 12.75 2.31
CA ASP A 27 1.15 12.96 1.26
C ASP A 27 -0.25 13.11 1.85
N SER A 28 -0.79 12.03 2.40
CA SER A 28 -2.12 12.05 3.01
C SER A 28 -2.30 10.89 3.98
N LEU A 29 -3.40 10.91 4.73
CA LEU A 29 -3.70 9.86 5.70
C LEU A 29 -5.19 9.55 5.74
N ASN A 30 -6.02 10.60 5.82
CA ASN A 30 -7.47 10.43 5.85
C ASN A 30 -8.06 10.43 4.44
N ASP A 31 -7.54 11.31 3.58
CA ASP A 31 -8.02 11.40 2.20
C ASP A 31 -7.82 10.08 1.45
N ILE A 32 -6.70 9.40 1.73
CA ILE A 32 -6.40 8.12 1.09
C ILE A 32 -7.44 7.07 1.43
N ASP A 33 -8.08 7.20 2.59
CA ASP A 33 -9.11 6.26 3.02
C ASP A 33 -10.20 6.15 1.96
N GLN A 34 -10.49 7.27 1.30
CA GLN A 34 -11.51 7.31 0.26
C GLN A 34 -11.01 6.73 -1.05
N LEU A 35 -9.83 7.14 -1.48
CA LEU A 35 -9.24 6.64 -2.73
C LEU A 35 -8.80 5.19 -2.57
N ALA A 36 -8.56 4.78 -1.32
CA ALA A 36 -8.14 3.41 -1.03
C ALA A 36 -9.34 2.48 -0.87
N ARG A 37 -10.52 3.06 -0.63
CA ARG A 37 -11.74 2.28 -0.49
C ARG A 37 -11.98 1.42 -1.74
N LEU A 38 -11.52 1.92 -2.89
CA LEU A 38 -11.66 1.21 -4.16
C LEU A 38 -10.59 0.11 -4.27
N ILE A 39 -9.34 0.47 -3.99
CA ILE A 39 -8.24 -0.47 -4.05
C ILE A 39 -8.41 -1.57 -3.01
N ARG A 40 -9.17 -1.29 -1.94
CA ARG A 40 -9.44 -2.25 -0.89
C ARG A 40 -10.45 -3.30 -1.39
N ALA A 41 -11.28 -2.91 -2.37
CA ALA A 41 -12.28 -3.80 -2.94
C ALA A 41 -11.69 -4.73 -4.01
N ASN A 42 -10.41 -4.55 -4.32
CA ASN A 42 -9.73 -5.37 -5.33
C ASN A 42 -9.66 -6.85 -4.94
N GLY A 43 -9.65 -7.10 -3.64
CA GLY A 43 -9.57 -8.46 -3.12
C GLY A 43 -8.67 -8.55 -1.90
N GLY A 44 -7.72 -7.62 -1.78
CA GLY A 44 -6.82 -7.61 -0.65
C GLY A 44 -7.44 -6.94 0.57
N GLU A 45 -6.63 -6.20 1.34
CA GLU A 45 -7.13 -5.53 2.52
C GLU A 45 -6.19 -4.41 2.96
N VAL A 46 -6.72 -3.19 3.04
CA VAL A 46 -5.93 -2.03 3.45
C VAL A 46 -6.65 -1.27 4.56
N LEU A 47 -5.89 -0.90 5.60
CA LEU A 47 -6.44 -0.16 6.73
C LEU A 47 -5.80 1.23 6.84
N ASP A 48 -6.50 2.24 6.33
CA ASP A 48 -6.01 3.62 6.35
C ASP A 48 -6.17 4.24 7.75
N SER A 49 -5.05 4.35 8.47
CA SER A 49 -5.06 4.91 9.82
C SER A 49 -3.91 5.89 10.02
N LYS A 50 -4.18 6.99 10.73
CA LYS A 50 -3.17 8.01 11.01
C LYS A 50 -2.15 7.51 12.05
N PRO A 51 -0.92 8.06 12.02
CA PRO A 51 0.14 7.67 12.97
C PRO A 51 -0.30 7.79 14.43
N ARG A 52 0.23 6.90 15.27
CA ARG A 52 -0.12 6.89 16.70
C ARG A 52 1.07 6.46 17.55
N GLU A 53 1.45 5.17 17.43
CA GLU A 53 2.56 4.62 18.19
C GLU A 53 3.85 4.69 17.38
N SER A 54 4.86 5.34 17.95
CA SER A 54 6.15 5.48 17.28
C SER A 54 7.17 4.49 17.84
N LYS A 55 7.33 3.36 17.15
CA LYS A 55 8.25 2.32 17.57
C LYS A 55 8.86 1.58 16.37
N GLU A 56 8.91 2.26 15.22
CA GLU A 56 9.44 1.66 13.99
C GLU A 56 8.66 0.41 13.59
N ASN A 57 7.43 0.28 14.11
CA ASN A 57 6.57 -0.86 13.81
C ASN A 57 5.43 -0.44 12.88
N VAL A 58 4.96 0.80 13.03
CA VAL A 58 3.88 1.32 12.19
C VAL A 58 4.43 1.76 10.84
N PHE A 59 3.97 1.11 9.77
CA PHE A 59 4.41 1.44 8.42
C PHE A 59 3.33 1.10 7.40
N ILE A 60 3.50 1.59 6.17
CA ILE A 60 2.54 1.32 5.10
C ILE A 60 3.12 0.35 4.08
N VAL A 61 2.42 -0.78 3.89
CA VAL A 61 2.87 -1.81 2.95
C VAL A 61 2.06 -1.74 1.66
N SER A 62 2.69 -2.10 0.54
CA SER A 62 2.03 -2.09 -0.76
C SER A 62 1.50 -3.46 -1.15
N PRO A 63 0.56 -3.51 -2.12
CA PRO A 63 -0.03 -4.75 -2.59
C PRO A 63 0.98 -5.66 -3.30
N TYR A 64 1.02 -6.93 -2.90
CA TYR A 64 1.93 -7.92 -3.48
C TYR A 64 3.39 -7.64 -3.09
N ASN A 65 3.60 -6.73 -2.14
CA ASN A 65 4.95 -6.38 -1.70
C ASN A 65 5.46 -7.42 -0.69
N HIS A 66 6.60 -8.03 -1.02
CA HIS A 66 7.20 -9.04 -0.16
C HIS A 66 7.87 -8.39 1.04
N THR A 67 7.76 -9.04 2.21
CA THR A 67 8.34 -8.53 3.45
C THR A 67 7.64 -7.23 3.87
N ASN A 68 6.98 -7.26 5.02
CA ASN A 68 6.26 -6.09 5.53
C ASN A 68 7.14 -5.26 6.47
N LEU A 69 8.47 -5.40 6.33
CA LEU A 69 9.41 -4.66 7.18
C LEU A 69 9.72 -3.27 6.62
N PRO A 70 9.82 -3.11 5.28
CA PRO A 70 10.11 -1.81 4.68
C PRO A 70 8.84 -0.97 4.59
N THR A 71 8.86 0.10 3.80
CA THR A 71 7.67 0.96 3.68
C THR A 71 7.48 1.43 2.24
N VAL A 72 6.28 1.88 1.91
CA VAL A 72 5.99 2.35 0.55
C VAL A 72 5.23 3.68 0.57
N THR A 73 5.14 4.34 -0.59
CA THR A 73 4.43 5.63 -0.68
C THR A 73 2.93 5.43 -0.85
N PRO A 74 2.11 6.36 -0.32
CA PRO A 74 0.64 6.29 -0.43
C PRO A 74 0.15 6.61 -1.84
N THR A 75 0.86 7.51 -2.52
CA THR A 75 0.52 7.91 -3.89
C THR A 75 0.55 6.71 -4.85
N TYR A 76 1.17 5.61 -4.42
CA TYR A 76 1.25 4.39 -5.23
C TYR A 76 -0.12 4.02 -5.82
N ILE A 77 -1.18 4.31 -5.07
CA ILE A 77 -2.55 4.02 -5.52
C ILE A 77 -2.84 4.67 -6.87
N LYS A 78 -2.41 5.93 -7.02
CA LYS A 78 -2.62 6.66 -8.28
C LYS A 78 -1.98 5.91 -9.46
N ALA A 79 -0.85 5.26 -9.19
CA ALA A 79 -0.13 4.49 -10.21
C ALA A 79 -0.65 3.04 -10.27
N CYS A 80 -1.28 2.58 -9.19
CA CYS A 80 -1.81 1.22 -9.14
C CYS A 80 -3.18 1.15 -9.82
N CYS A 81 -3.94 2.25 -9.73
CA CYS A 81 -5.26 2.31 -10.34
C CYS A 81 -5.18 2.74 -11.81
N GLN A 82 -4.21 3.59 -12.13
CA GLN A 82 -4.03 4.07 -13.50
C GLN A 82 -3.02 3.22 -14.27
N SER A 83 -1.86 2.96 -13.65
CA SER A 83 -0.82 2.15 -14.28
C SER A 83 -0.95 0.66 -13.95
N ASN A 84 -1.95 0.30 -13.13
CA ASN A 84 -2.18 -1.09 -12.74
C ASN A 84 -1.07 -1.61 -11.82
N SER A 85 0.09 -1.93 -12.40
CA SER A 85 1.24 -2.43 -11.63
C SER A 85 2.48 -2.56 -12.52
N LEU A 86 2.79 -1.49 -13.23
CA LEU A 86 3.95 -1.45 -14.12
C LEU A 86 5.04 -0.53 -13.57
N LEU A 87 4.63 0.62 -13.06
CA LEU A 87 5.57 1.59 -12.50
C LEU A 87 5.95 1.24 -11.06
N ASN A 88 6.83 0.25 -10.92
CA ASN A 88 7.28 -0.20 -9.62
C ASN A 88 8.34 0.76 -9.05
N MET A 89 9.08 1.42 -9.94
CA MET A 89 10.10 2.38 -9.53
C MET A 89 9.47 3.50 -8.68
N GLU A 90 8.16 3.72 -8.86
CA GLU A 90 7.44 4.75 -8.13
C GLU A 90 6.98 4.27 -6.75
N ASN A 91 7.21 2.99 -6.45
CA ASN A 91 6.85 2.47 -5.14
C ASN A 91 7.55 3.31 -4.06
N TYR A 92 8.69 3.91 -4.44
CA TYR A 92 9.47 4.75 -3.55
C TYR A 92 9.55 4.18 -2.14
N LEU A 93 9.68 2.87 -2.08
CA LEU A 93 9.76 2.15 -0.82
C LEU A 93 11.01 2.52 0.00
N VAL A 94 10.91 2.40 1.33
CA VAL A 94 12.04 2.68 2.22
C VAL A 94 13.05 1.55 2.08
N PRO A 95 14.29 1.90 1.67
CA PRO A 95 15.39 0.95 1.44
C PRO A 95 15.80 0.13 2.65
N TYR A 96 16.67 -0.84 2.41
CA TYR A 96 17.18 -1.73 3.45
C TYR A 96 18.37 -1.10 4.18
N ASP A 97 18.51 -1.43 5.47
CA ASP A 97 19.59 -0.91 6.29
C ASP A 97 19.59 0.63 6.31
N ASN A 98 18.39 1.21 6.41
CA ASN A 98 18.23 2.65 6.44
C ASN A 98 17.37 3.07 7.63
N GLU A 2 -8.52 -29.53 -16.84
CA GLU A 2 -9.23 -28.28 -17.26
C GLU A 2 -10.49 -28.05 -16.44
N LYS A 3 -10.65 -26.82 -15.96
CA LYS A 3 -11.81 -26.44 -15.15
C LYS A 3 -12.04 -24.93 -15.18
N LYS A 4 -10.97 -24.17 -14.90
CA LYS A 4 -11.05 -22.72 -14.90
C LYS A 4 -10.03 -22.12 -15.87
N GLU A 5 -8.74 -22.40 -15.63
CA GLU A 5 -7.67 -21.90 -16.49
C GLU A 5 -6.32 -22.52 -16.09
N GLN A 6 -5.30 -22.29 -16.92
CA GLN A 6 -3.96 -22.81 -16.64
C GLN A 6 -3.07 -21.74 -16.01
N VAL A 7 -3.14 -20.52 -16.55
CA VAL A 7 -2.34 -19.41 -16.04
C VAL A 7 -2.87 -18.94 -14.68
N SER A 8 -2.16 -19.32 -13.61
CA SER A 8 -2.54 -18.95 -12.26
C SER A 8 -1.90 -17.62 -11.86
N GLY A 9 -2.40 -17.05 -10.75
CA GLY A 9 -1.87 -15.78 -10.27
C GLY A 9 -2.94 -14.71 -10.18
N PRO A 10 -3.79 -14.76 -9.13
CA PRO A 10 -4.87 -13.78 -8.93
C PRO A 10 -4.35 -12.34 -8.89
N PRO A 11 -4.81 -11.49 -9.82
CA PRO A 11 -4.39 -10.07 -9.88
C PRO A 11 -4.96 -9.24 -8.73
N LEU A 12 -5.90 -9.83 -7.98
CA LEU A 12 -6.52 -9.15 -6.85
C LEU A 12 -6.33 -9.96 -5.57
N SER A 13 -6.47 -9.30 -4.42
CA SER A 13 -6.31 -9.95 -3.13
C SER A 13 -4.88 -10.48 -2.93
N ASN A 14 -4.12 -9.78 -2.08
CA ASN A 14 -2.73 -10.18 -1.80
C ASN A 14 -2.34 -9.79 -0.36
N MET A 15 -2.03 -8.50 -0.14
CA MET A 15 -1.65 -8.01 1.16
C MET A 15 -1.42 -6.50 1.12
N LYS A 16 -2.07 -5.77 2.04
CA LYS A 16 -1.93 -4.32 2.11
C LYS A 16 -2.02 -3.83 3.55
N PHE A 17 -1.37 -2.70 3.83
CA PHE A 17 -1.36 -2.15 5.19
C PHE A 17 -1.04 -0.65 5.14
N TYR A 18 -1.88 0.17 5.77
CA TYR A 18 -1.69 1.62 5.78
C TYR A 18 -1.54 2.16 7.21
N LEU A 19 -0.29 2.34 7.64
CA LEU A 19 -0.01 2.86 8.98
C LEU A 19 1.30 3.64 9.00
N ASN A 20 1.31 4.81 8.35
CA ASN A 20 2.50 5.66 8.29
C ASN A 20 3.06 5.93 9.69
N ARG A 21 4.36 6.23 9.75
CA ARG A 21 5.03 6.51 11.02
C ARG A 21 4.87 7.99 11.39
N ASP A 22 5.26 8.35 12.61
CA ASP A 22 5.16 9.72 13.08
C ASP A 22 6.15 10.63 12.35
N ALA A 23 5.89 10.87 11.06
CA ALA A 23 6.75 11.70 10.23
C ALA A 23 6.17 13.10 10.03
N ASP A 24 5.04 13.39 10.67
CA ASP A 24 4.37 14.68 10.55
C ASP A 24 3.80 14.88 9.14
N ALA A 25 3.16 13.83 8.61
CA ALA A 25 2.56 13.87 7.28
C ALA A 25 3.62 14.06 6.18
N HIS A 26 3.98 12.94 5.54
CA HIS A 26 4.97 12.96 4.47
C HIS A 26 4.32 13.09 3.10
N ASP A 27 3.13 12.50 2.94
CA ASP A 27 2.41 12.56 1.68
C ASP A 27 0.90 12.66 1.90
N SER A 28 0.30 11.61 2.47
CA SER A 28 -1.13 11.59 2.74
C SER A 28 -1.42 10.95 4.09
N LEU A 29 -2.68 11.03 4.53
CA LEU A 29 -3.07 10.45 5.82
C LEU A 29 -4.50 9.90 5.76
N ASN A 30 -5.48 10.79 5.77
CA ASN A 30 -6.89 10.38 5.72
C ASN A 30 -7.39 10.30 4.28
N ASP A 31 -6.87 11.17 3.42
CA ASP A 31 -7.26 11.19 2.01
C ASP A 31 -7.13 9.82 1.37
N ILE A 32 -6.13 9.06 1.78
CA ILE A 32 -5.90 7.72 1.23
C ILE A 32 -7.07 6.79 1.52
N ASP A 33 -7.77 7.02 2.63
CA ASP A 33 -8.91 6.21 3.00
C ASP A 33 -9.96 6.18 1.88
N GLN A 34 -10.02 7.27 1.12
CA GLN A 34 -10.96 7.38 0.01
C GLN A 34 -10.42 6.70 -1.24
N LEU A 35 -9.19 7.04 -1.63
CA LEU A 35 -8.57 6.43 -2.81
C LEU A 35 -8.29 4.95 -2.57
N ALA A 36 -8.16 4.58 -1.31
CA ALA A 36 -7.91 3.18 -0.94
C ALA A 36 -9.21 2.40 -0.78
N ARG A 37 -10.33 3.13 -0.67
CA ARG A 37 -11.65 2.49 -0.52
C ARG A 37 -11.91 1.54 -1.68
N LEU A 38 -11.41 1.91 -2.87
CA LEU A 38 -11.58 1.09 -4.07
C LEU A 38 -10.62 -0.11 -4.03
N ILE A 39 -9.35 0.16 -3.77
CA ILE A 39 -8.33 -0.88 -3.71
C ILE A 39 -8.58 -1.82 -2.52
N ARG A 40 -9.37 -1.36 -1.55
CA ARG A 40 -9.71 -2.16 -0.38
C ARG A 40 -10.75 -3.21 -0.75
N ALA A 41 -11.57 -2.90 -1.75
CA ALA A 41 -12.62 -3.81 -2.21
C ALA A 41 -12.10 -4.77 -3.29
N ASN A 42 -10.82 -4.67 -3.65
CA ASN A 42 -10.24 -5.53 -4.69
C ASN A 42 -10.22 -7.00 -4.27
N GLY A 43 -10.13 -7.24 -2.96
CA GLY A 43 -10.09 -8.60 -2.45
C GLY A 43 -9.04 -8.78 -1.36
N GLY A 44 -8.06 -7.87 -1.32
CA GLY A 44 -7.02 -7.94 -0.31
C GLY A 44 -7.46 -7.36 1.01
N GLU A 45 -6.64 -6.47 1.58
CA GLU A 45 -6.98 -5.85 2.86
C GLU A 45 -6.10 -4.62 3.11
N VAL A 46 -6.75 -3.47 3.28
CA VAL A 46 -6.01 -2.22 3.53
C VAL A 46 -6.71 -1.39 4.62
N LEU A 47 -5.99 -1.14 5.70
CA LEU A 47 -6.51 -0.36 6.81
C LEU A 47 -5.76 0.96 6.92
N ASP A 48 -6.46 2.06 6.64
CA ASP A 48 -5.86 3.39 6.70
C ASP A 48 -5.91 3.97 8.11
N SER A 49 -4.75 4.09 8.74
CA SER A 49 -4.66 4.64 10.10
C SER A 49 -3.53 5.65 10.22
N LYS A 50 -3.84 6.81 10.77
CA LYS A 50 -2.85 7.88 10.95
C LYS A 50 -1.87 7.50 12.06
N PRO A 51 -0.61 7.98 11.97
CA PRO A 51 0.43 7.69 12.98
C PRO A 51 -0.02 8.06 14.39
N ARG A 52 -0.40 7.04 15.16
CA ARG A 52 -0.85 7.26 16.54
C ARG A 52 0.26 6.95 17.53
N GLU A 53 0.58 5.67 17.68
CA GLU A 53 1.64 5.25 18.60
C GLU A 53 2.98 5.24 17.87
N SER A 54 3.94 5.99 18.41
CA SER A 54 5.26 6.06 17.80
C SER A 54 6.22 5.08 18.47
N LYS A 55 6.38 3.91 17.85
CA LYS A 55 7.26 2.86 18.37
C LYS A 55 8.11 2.24 17.27
N GLU A 56 8.29 2.99 16.17
CA GLU A 56 9.09 2.51 15.03
C GLU A 56 8.53 1.19 14.47
N ASN A 57 7.25 0.92 14.71
CA ASN A 57 6.61 -0.29 14.22
C ASN A 57 5.35 0.03 13.41
N VAL A 58 5.33 1.22 12.80
CA VAL A 58 4.20 1.64 11.99
C VAL A 58 4.66 2.03 10.59
N PHE A 59 4.22 1.26 9.59
CA PHE A 59 4.59 1.52 8.20
C PHE A 59 3.50 1.02 7.25
N ILE A 60 3.53 1.53 6.01
CA ILE A 60 2.56 1.15 5.00
C ILE A 60 3.15 0.13 4.02
N VAL A 61 2.51 -1.03 3.90
CA VAL A 61 2.98 -2.08 3.01
C VAL A 61 2.23 -2.06 1.68
N SER A 62 2.89 -2.52 0.62
CA SER A 62 2.30 -2.56 -0.71
C SER A 62 1.84 -3.97 -1.09
N PRO A 63 0.96 -4.08 -2.11
CA PRO A 63 0.44 -5.38 -2.56
C PRO A 63 1.54 -6.31 -3.09
N TYR A 64 1.54 -7.55 -2.59
CA TYR A 64 2.53 -8.56 -3.01
C TYR A 64 3.91 -8.30 -2.39
N ASN A 65 4.02 -7.30 -1.51
CA ASN A 65 5.29 -6.98 -0.87
C ASN A 65 5.60 -7.97 0.24
N HIS A 66 6.59 -8.84 -0.01
CA HIS A 66 6.99 -9.85 0.96
C HIS A 66 7.83 -9.24 2.08
N THR A 67 7.70 -9.83 3.28
CA THR A 67 8.44 -9.35 4.46
C THR A 67 7.91 -7.99 4.91
N ASN A 68 7.05 -8.01 5.92
CA ASN A 68 6.46 -6.79 6.46
C ASN A 68 7.46 -6.03 7.32
N LEU A 69 8.33 -5.26 6.66
CA LEU A 69 9.35 -4.46 7.33
C LEU A 69 9.48 -3.08 6.71
N PRO A 70 9.95 -2.98 5.44
CA PRO A 70 10.11 -1.69 4.75
C PRO A 70 8.79 -0.94 4.58
N THR A 71 8.82 0.17 3.83
CA THR A 71 7.62 0.97 3.61
C THR A 71 7.46 1.33 2.14
N VAL A 72 6.23 1.62 1.73
CA VAL A 72 5.92 1.98 0.35
C VAL A 72 5.07 3.25 0.30
N THR A 73 5.06 3.92 -0.86
CA THR A 73 4.28 5.16 -1.00
C THR A 73 2.78 4.87 -1.01
N PRO A 74 1.98 5.76 -0.36
CA PRO A 74 0.52 5.62 -0.30
C PRO A 74 -0.13 5.93 -1.64
N THR A 75 0.45 6.89 -2.37
CA THR A 75 -0.06 7.29 -3.68
C THR A 75 0.06 6.16 -4.69
N TYR A 76 0.78 5.08 -4.33
CA TYR A 76 0.95 3.92 -5.19
C TYR A 76 -0.39 3.49 -5.81
N ILE A 77 -1.46 3.61 -5.03
CA ILE A 77 -2.79 3.25 -5.50
C ILE A 77 -3.17 4.07 -6.74
N LYS A 78 -2.96 5.39 -6.68
CA LYS A 78 -3.27 6.26 -7.80
C LYS A 78 -2.58 5.78 -9.08
N ALA A 79 -1.30 5.40 -8.94
CA ALA A 79 -0.52 4.90 -10.07
C ALA A 79 -0.93 3.47 -10.44
N CYS A 80 -1.44 2.72 -9.46
CA CYS A 80 -1.88 1.35 -9.70
C CYS A 80 -3.24 1.33 -10.38
N CYS A 81 -4.04 2.37 -10.15
CA CYS A 81 -5.36 2.48 -10.74
C CYS A 81 -5.31 3.19 -12.09
N GLN A 82 -4.40 4.17 -12.22
CA GLN A 82 -4.27 4.93 -13.46
C GLN A 82 -3.19 4.35 -14.36
N SER A 83 -2.05 3.97 -13.78
CA SER A 83 -0.95 3.41 -14.57
C SER A 83 -1.02 1.88 -14.64
N ASN A 84 -1.74 1.26 -13.71
CA ASN A 84 -1.90 -0.19 -13.67
C ASN A 84 -0.57 -0.86 -13.32
N SER A 85 0.34 -0.96 -14.28
CA SER A 85 1.64 -1.58 -14.06
C SER A 85 2.64 -1.19 -15.14
N LEU A 86 3.04 0.09 -15.11
CA LEU A 86 3.99 0.62 -16.10
C LEU A 86 5.25 1.16 -15.40
N LEU A 87 5.05 1.91 -14.32
CA LEU A 87 6.16 2.48 -13.57
C LEU A 87 6.28 1.85 -12.19
N ASN A 88 7.11 0.81 -12.10
CA ASN A 88 7.34 0.11 -10.84
C ASN A 88 8.36 0.84 -9.98
N MET A 89 9.25 1.60 -10.61
CA MET A 89 10.27 2.36 -9.90
C MET A 89 9.62 3.37 -8.96
N GLU A 90 8.34 3.69 -9.22
CA GLU A 90 7.60 4.65 -8.39
C GLU A 90 7.19 4.06 -7.04
N ASN A 91 7.53 2.79 -6.79
CA ASN A 91 7.23 2.19 -5.51
C ASN A 91 7.72 3.11 -4.39
N TYR A 92 8.81 3.83 -4.68
CA TYR A 92 9.41 4.77 -3.74
C TYR A 92 9.47 4.17 -2.34
N LEU A 93 9.78 2.88 -2.30
CA LEU A 93 9.88 2.14 -1.04
C LEU A 93 10.97 2.74 -0.15
N VAL A 94 10.68 2.85 1.13
CA VAL A 94 11.63 3.40 2.09
C VAL A 94 12.35 2.29 2.85
N PRO A 95 13.63 2.01 2.50
CA PRO A 95 14.42 0.96 3.14
C PRO A 95 15.16 1.46 4.37
N TYR A 96 15.01 0.75 5.48
CA TYR A 96 15.67 1.12 6.74
C TYR A 96 15.84 -0.09 7.67
N ASP A 97 15.94 -1.29 7.09
CA ASP A 97 16.11 -2.52 7.86
C ASP A 97 16.82 -3.58 7.02
N ASN A 98 16.19 -3.94 5.90
CA ASN A 98 16.76 -4.93 4.99
C ASN A 98 16.54 -4.51 3.54
N GLU A 2 -17.37 7.06 -14.43
CA GLU A 2 -17.15 6.41 -15.76
C GLU A 2 -16.20 5.20 -15.65
N LYS A 3 -16.56 4.24 -14.78
CA LYS A 3 -15.76 3.03 -14.59
C LYS A 3 -16.49 2.00 -13.74
N LYS A 4 -16.14 0.72 -13.91
CA LYS A 4 -16.77 -0.37 -13.15
C LYS A 4 -15.95 -1.67 -13.26
N GLU A 5 -14.62 -1.55 -13.26
CA GLU A 5 -13.73 -2.70 -13.35
C GLU A 5 -13.92 -3.48 -14.66
N GLN A 6 -13.04 -3.22 -15.63
CA GLN A 6 -13.10 -3.90 -16.93
C GLN A 6 -11.99 -4.94 -17.07
N VAL A 7 -11.64 -5.61 -15.96
CA VAL A 7 -10.60 -6.63 -15.97
C VAL A 7 -11.20 -8.00 -15.64
N SER A 8 -10.95 -8.99 -16.50
CA SER A 8 -11.47 -10.34 -16.28
C SER A 8 -10.73 -11.03 -15.13
N GLY A 9 -11.50 -11.47 -14.13
CA GLY A 9 -10.92 -12.14 -12.98
C GLY A 9 -10.52 -11.16 -11.88
N PRO A 10 -9.63 -11.58 -10.96
CA PRO A 10 -9.18 -10.73 -9.85
C PRO A 10 -8.30 -9.57 -10.32
N PRO A 11 -8.75 -8.32 -10.14
CA PRO A 11 -8.00 -7.13 -10.56
C PRO A 11 -6.67 -6.98 -9.78
N LEU A 12 -6.75 -7.05 -8.45
CA LEU A 12 -5.56 -6.94 -7.61
C LEU A 12 -5.52 -8.08 -6.59
N SER A 13 -6.20 -7.90 -5.46
CA SER A 13 -6.27 -8.90 -4.40
C SER A 13 -4.91 -9.54 -4.11
N ASN A 14 -4.10 -8.87 -3.28
CA ASN A 14 -2.78 -9.37 -2.91
C ASN A 14 -2.49 -9.16 -1.43
N MET A 15 -2.12 -7.92 -1.07
CA MET A 15 -1.81 -7.58 0.32
C MET A 15 -1.57 -6.07 0.47
N LYS A 16 -2.23 -5.44 1.43
CA LYS A 16 -2.08 -4.01 1.66
C LYS A 16 -2.20 -3.66 3.14
N PHE A 17 -1.52 -2.59 3.55
CA PHE A 17 -1.53 -2.15 4.94
C PHE A 17 -1.17 -0.67 5.02
N TYR A 18 -2.03 0.12 5.68
CA TYR A 18 -1.79 1.57 5.79
C TYR A 18 -1.66 2.02 7.24
N LEU A 19 -0.42 2.28 7.67
CA LEU A 19 -0.16 2.72 9.04
C LEU A 19 1.15 3.52 9.10
N ASN A 20 1.16 4.70 8.49
CA ASN A 20 2.35 5.55 8.47
C ASN A 20 2.87 5.80 9.89
N ARG A 21 4.14 6.17 10.01
CA ARG A 21 4.75 6.44 11.31
C ARG A 21 4.90 7.94 11.56
N ASP A 22 5.52 8.65 10.62
CA ASP A 22 5.73 10.10 10.72
C ASP A 22 6.44 10.64 9.48
N ALA A 23 7.45 9.91 9.03
CA ALA A 23 8.23 10.30 7.85
C ALA A 23 7.33 10.46 6.63
N ASP A 24 6.58 9.41 6.34
CA ASP A 24 5.64 9.42 5.21
C ASP A 24 4.22 9.70 5.70
N ALA A 25 4.11 10.35 6.86
CA ALA A 25 2.81 10.68 7.44
C ALA A 25 2.26 12.00 6.88
N HIS A 26 3.16 12.86 6.39
CA HIS A 26 2.76 14.15 5.83
C HIS A 26 2.40 14.05 4.35
N ASP A 27 2.30 12.82 3.82
CA ASP A 27 1.95 12.61 2.42
C ASP A 27 0.47 12.23 2.27
N SER A 28 -0.05 11.50 3.26
CA SER A 28 -1.45 11.06 3.23
C SER A 28 -1.87 10.50 4.59
N LEU A 29 -3.13 10.70 4.96
CA LEU A 29 -3.64 10.20 6.25
C LEU A 29 -5.09 9.74 6.15
N ASN A 30 -6.03 10.68 6.11
CA ASN A 30 -7.45 10.37 6.03
C ASN A 30 -7.90 10.28 4.57
N ASP A 31 -7.32 11.12 3.72
CA ASP A 31 -7.67 11.14 2.29
C ASP A 31 -7.50 9.76 1.66
N ILE A 32 -6.50 9.01 2.13
CA ILE A 32 -6.24 7.66 1.60
C ILE A 32 -7.35 6.69 1.98
N ASP A 33 -8.00 6.95 3.11
CA ASP A 33 -9.09 6.09 3.57
C ASP A 33 -10.20 6.02 2.52
N GLN A 34 -10.40 7.12 1.81
CA GLN A 34 -11.43 7.21 0.78
C GLN A 34 -10.94 6.60 -0.54
N LEU A 35 -9.73 6.96 -0.96
CA LEU A 35 -9.17 6.44 -2.21
C LEU A 35 -8.78 4.97 -2.07
N ALA A 36 -8.56 4.53 -0.83
CA ALA A 36 -8.20 3.14 -0.56
C ALA A 36 -9.44 2.25 -0.49
N ARG A 37 -10.58 2.85 -0.18
CA ARG A 37 -11.85 2.10 -0.09
C ARG A 37 -12.11 1.37 -1.41
N LEU A 38 -11.64 1.95 -2.51
CA LEU A 38 -11.79 1.34 -3.83
C LEU A 38 -10.89 0.12 -4.00
N ILE A 39 -9.61 0.28 -3.68
CA ILE A 39 -8.65 -0.82 -3.79
C ILE A 39 -8.87 -1.86 -2.67
N ARG A 40 -9.52 -1.43 -1.59
CA ARG A 40 -9.81 -2.32 -0.46
C ARG A 40 -10.93 -3.29 -0.84
N ALA A 41 -11.83 -2.83 -1.72
CA ALA A 41 -12.93 -3.65 -2.19
C ALA A 41 -12.57 -4.35 -3.51
N ASN A 42 -11.38 -4.04 -4.04
CA ASN A 42 -10.91 -4.64 -5.29
C ASN A 42 -10.69 -6.14 -5.15
N GLY A 43 -10.38 -6.60 -3.93
CA GLY A 43 -10.15 -8.00 -3.68
C GLY A 43 -9.14 -8.24 -2.57
N GLY A 44 -8.22 -7.30 -2.38
CA GLY A 44 -7.22 -7.43 -1.33
C GLY A 44 -7.71 -6.97 0.02
N GLU A 45 -6.86 -6.25 0.77
CA GLU A 45 -7.23 -5.75 2.08
C GLU A 45 -6.28 -4.64 2.51
N VAL A 46 -6.84 -3.47 2.80
CA VAL A 46 -6.05 -2.32 3.24
C VAL A 46 -6.68 -1.65 4.45
N LEU A 47 -5.89 -1.50 5.51
CA LEU A 47 -6.35 -0.87 6.74
C LEU A 47 -5.82 0.54 6.84
N ASP A 48 -6.65 1.52 6.48
CA ASP A 48 -6.25 2.93 6.52
C ASP A 48 -6.33 3.48 7.94
N SER A 49 -5.16 3.71 8.54
CA SER A 49 -5.09 4.23 9.90
C SER A 49 -4.22 5.50 9.95
N LYS A 50 -4.69 6.49 10.71
CA LYS A 50 -3.97 7.76 10.86
C LYS A 50 -2.74 7.59 11.74
N PRO A 51 -1.55 7.99 11.24
CA PRO A 51 -0.30 7.88 11.99
C PRO A 51 -0.30 8.76 13.25
N ARG A 52 0.09 8.17 14.38
CA ARG A 52 0.12 8.90 15.65
C ARG A 52 1.50 8.82 16.30
N GLU A 53 1.80 7.68 16.92
CA GLU A 53 3.08 7.48 17.57
C GLU A 53 4.10 6.90 16.60
N SER A 54 5.21 7.60 16.43
CA SER A 54 6.26 7.16 15.52
C SER A 54 7.35 6.43 16.29
N LYS A 55 7.27 5.10 16.29
CA LYS A 55 8.25 4.26 16.99
C LYS A 55 8.81 3.19 16.05
N GLU A 56 8.80 3.48 14.75
CA GLU A 56 9.30 2.54 13.73
C GLU A 56 8.56 1.19 13.80
N ASN A 57 7.36 1.20 14.36
CA ASN A 57 6.56 -0.02 14.47
C ASN A 57 5.44 -0.05 13.42
N VAL A 58 4.85 1.12 13.17
CA VAL A 58 3.77 1.23 12.20
C VAL A 58 4.32 1.65 10.83
N PHE A 59 3.86 0.97 9.78
CA PHE A 59 4.30 1.26 8.42
C PHE A 59 3.23 0.86 7.40
N ILE A 60 3.42 1.30 6.15
CA ILE A 60 2.48 1.00 5.07
C ILE A 60 3.10 0.02 4.06
N VAL A 61 2.40 -1.09 3.80
CA VAL A 61 2.88 -2.10 2.85
C VAL A 61 2.19 -1.96 1.49
N SER A 62 2.89 -2.39 0.44
CA SER A 62 2.36 -2.31 -0.93
C SER A 62 1.88 -3.68 -1.42
N PRO A 63 1.04 -3.69 -2.48
CA PRO A 63 0.51 -4.94 -3.05
C PRO A 63 1.61 -5.90 -3.49
N TYR A 64 1.52 -7.14 -3.04
CA TYR A 64 2.50 -8.18 -3.38
C TYR A 64 3.81 -8.02 -2.59
N ASN A 65 3.87 -7.01 -1.72
CA ASN A 65 5.05 -6.76 -0.91
C ASN A 65 5.06 -7.63 0.36
N HIS A 66 5.74 -8.77 0.28
CA HIS A 66 5.84 -9.68 1.41
C HIS A 66 6.80 -9.15 2.46
N THR A 67 6.84 -9.81 3.62
CA THR A 67 7.70 -9.41 4.74
C THR A 67 7.44 -7.97 5.16
N ASN A 68 6.65 -7.81 6.22
CA ASN A 68 6.31 -6.48 6.73
C ASN A 68 7.51 -5.85 7.45
N LEU A 69 8.56 -5.56 6.68
CA LEU A 69 9.78 -4.96 7.22
C LEU A 69 9.95 -3.51 6.73
N PRO A 70 9.97 -3.28 5.39
CA PRO A 70 10.13 -1.93 4.82
C PRO A 70 8.81 -1.17 4.74
N THR A 71 8.82 -0.03 4.05
CA THR A 71 7.63 0.80 3.89
C THR A 71 7.54 1.37 2.48
N VAL A 72 6.32 1.63 2.02
CA VAL A 72 6.10 2.19 0.68
C VAL A 72 5.27 3.47 0.72
N THR A 73 5.16 4.15 -0.42
CA THR A 73 4.39 5.40 -0.51
C THR A 73 2.89 5.11 -0.65
N PRO A 74 2.04 5.99 -0.06
CA PRO A 74 0.58 5.84 -0.12
C PRO A 74 0.03 6.16 -1.51
N THR A 75 0.66 7.12 -2.19
CA THR A 75 0.26 7.53 -3.54
C THR A 75 0.28 6.35 -4.51
N TYR A 76 0.96 5.25 -4.14
CA TYR A 76 1.04 4.06 -4.98
C TYR A 76 -0.33 3.66 -5.52
N ILE A 77 -1.40 3.95 -4.76
CA ILE A 77 -2.75 3.61 -5.18
C ILE A 77 -3.08 4.18 -6.56
N LYS A 78 -2.92 5.50 -6.73
CA LYS A 78 -3.19 6.15 -8.02
C LYS A 78 -2.37 5.53 -9.14
N ALA A 79 -1.19 5.01 -8.79
CA ALA A 79 -0.30 4.38 -9.77
C ALA A 79 -0.61 2.89 -9.92
N CYS A 80 -1.31 2.30 -8.93
CA CYS A 80 -1.66 0.89 -8.97
C CYS A 80 -3.00 0.68 -9.67
N CYS A 81 -3.91 1.63 -9.51
CA CYS A 81 -5.23 1.53 -10.13
C CYS A 81 -5.24 2.10 -11.55
N GLN A 82 -4.40 3.11 -11.79
CA GLN A 82 -4.31 3.74 -13.10
C GLN A 82 -3.14 3.19 -13.91
N SER A 83 -1.97 3.09 -13.29
CA SER A 83 -0.78 2.57 -13.97
C SER A 83 -0.69 1.05 -13.88
N ASN A 84 -1.41 0.45 -12.92
CA ASN A 84 -1.42 -0.99 -12.73
C ASN A 84 -0.07 -1.49 -12.23
N SER A 85 0.92 -1.60 -13.13
CA SER A 85 2.26 -2.05 -12.76
C SER A 85 3.25 -1.78 -13.89
N LEU A 86 3.52 -0.50 -14.13
CA LEU A 86 4.47 -0.10 -15.18
C LEU A 86 5.71 0.57 -14.59
N LEU A 87 5.50 1.46 -13.62
CA LEU A 87 6.60 2.17 -12.98
C LEU A 87 6.82 1.66 -11.55
N ASN A 88 7.74 0.72 -11.39
CA ASN A 88 8.05 0.16 -10.07
C ASN A 88 9.00 1.07 -9.30
N MET A 89 9.79 1.86 -10.02
CA MET A 89 10.73 2.79 -9.39
C MET A 89 9.97 3.79 -8.52
N GLU A 90 8.67 3.95 -8.78
CA GLU A 90 7.84 4.88 -8.02
C GLU A 90 7.34 4.27 -6.72
N ASN A 91 7.63 3.00 -6.48
CA ASN A 91 7.23 2.35 -5.24
C ASN A 91 7.75 3.19 -4.06
N TYR A 92 8.87 3.89 -4.30
CA TYR A 92 9.51 4.74 -3.30
C TYR A 92 9.56 4.06 -1.95
N LEU A 93 9.79 2.76 -1.98
CA LEU A 93 9.89 1.96 -0.76
C LEU A 93 11.22 2.23 -0.05
N VAL A 94 11.17 2.28 1.28
CA VAL A 94 12.37 2.53 2.08
C VAL A 94 13.11 1.23 2.37
N PRO A 95 14.29 1.02 1.73
CA PRO A 95 15.09 -0.19 1.91
C PRO A 95 16.03 -0.12 3.11
N TYR A 96 15.97 -1.13 3.97
CA TYR A 96 16.81 -1.19 5.15
C TYR A 96 16.94 -2.62 5.68
N ASP A 97 17.97 -3.33 5.19
CA ASP A 97 18.21 -4.70 5.61
C ASP A 97 19.50 -4.78 6.43
N ASN A 98 19.40 -4.44 7.71
CA ASN A 98 20.54 -4.45 8.63
C ASN A 98 21.04 -5.87 8.87
#